data_6NT3
#
_entry.id   6NT3
#
_cell.length_a   1
_cell.length_b   1
_cell.length_c   1
_cell.angle_alpha   90.00
_cell.angle_beta   90.00
_cell.angle_gamma   90.00
#
_symmetry.space_group_name_H-M   'P 1'
#
loop_
_entity.id
_entity.type
_entity.pdbx_description
1 polymer 'Sodium channel protein type 9 subunit alpha, Sodium channel protein PaFPC1, chimeric construct'
2 branched beta-D-mannopyranose-(1-3)-[beta-D-mannopyranose-(1-6)]beta-D-mannopyranose-(1-3)-2-acetamido-2-deoxy-beta-D-glucopyranose-(1-3)-2-acetamido-2-deoxy-beta-D-glucopyranose
3 branched 2-acetamido-2-deoxy-beta-D-glucopyranose-(1-4)-2-acetamido-2-deoxy-beta-D-glucopyranose
4 non-polymer 2-acetamido-2-deoxy-beta-D-glucopyranose
5 non-polymer 'CHOLESTEROL HEMISUCCINATE'
6 non-polymer '(7E,21R,24S)-27-amino-24-hydroxy-18,24-dioxo-19,23,25-trioxa-24lambda~5~-phosphaheptacos-7-en-21-yl (9Z,12E)-octadeca-9,12-dienoate'
7 non-polymer 1,2-DIPALMITOYL-PHOSPHATIDYL-GLYCEROLE
8 non-polymer Digitonin
#
_entity_poly.entity_id   1
_entity_poly.type   'polypeptide(L)'
_entity_poly.pdbx_seq_one_letter_code
;WSHPQFEKGGGSGGGSGGSAWSHPQFEKGGSGGDYKDDDDKGGSGGDYKDDDDKMADNSPLIREERQRLFRPYTRAMLTA
PSAQPAKENGKTEENKDNSRDKGRGANKDRDGSAHPDQALEQGSRLPARMRNIFPAELASTPLEDFDPFYKNKKTFVVVT
KAGDIFRFSGEKSLWMLDPFTPIRRVAISTMVQPIFSYFIMITILIHCIFMIMPATQTTYILELVFLSIYTIEVVVKVLA
RGFILHPFAYLRDPWNWLDFLVTLIGYITLVVDLGHLYALRAFRVLRSWRTVTIVPGWRTIVDALSLSITSLKDLVLLLL
FSLSVFALIGLQLFMGNLKHKCVKHFPADGSWGNFTDERWFNYTSNSSHWYIPDDWIEYPLCGNSSGAGMCPPGYTCLQG
YGGNPNYGYTSFDTFGWAFLSVFRLVTLDYWEDLYQLALRSAGPWHILFFIIVVFYGTFCFLNFILAVVVMSYTHMVKRA
DEEKAAERELKKEKKAASVANNTANGQEQTTIEMNGDEAVVIDNNDQAARQQSDPETPAPSVTQRLTDFLCVWDCCVPWQ
KLQGAIGAVVLSPFFELFIAVIIVLNITFMALDHHDMNIEFERILRTGNYIFTSIYIVEAVLKIIALSPKFYFKDSWNVF
DFIIVVFAILELGLEGVQGLSVFRSFRLLRVFRLAKFWPTLNNFMSVMTKSYGAFVNVMYVMFLLLFIFAIIGMQLFGMN
YIDNMERFPDGDLPRWNFTDFLHSFMIVFRALCGEWIESMWDCMLVGDWSCIPFFVAVFFVGNLVILNLLIALLLNNYGS
FCTSPTSDEEDSKDEDALAQIVRIFKRFKPNLNAVKLSPMKPDSEDIVESQEIQGNNIADAEDVLAGEFPPDCCCNAFYK
CFPSRPARDSSVQRMWSNIRRVCFLLAKNKYFQKFVTAVLVITSVLLALEDIYLPQRPVLVNITLYVDYVLTAFFVIEMI
IMLFAVGFKKYFTSKWYWLDFIVVVAYLLNFVLMCAGIEALQTLRLLRVFRLFRPLSKVNGMQVVTSTLVEAVPHIFNVI
LVGIFFWLVFAIMGVQLFAGKFYKCVDENSTVLSHEITMDRNDCLHENYTWENSPMNFDHVGNAYLSLLQVATFKGWLQI
MNDAIDSREVHKQPIRETNIYMYLYFIFFIVFGSFFILKLFVCILIDIFRQQRRKAEGLSATDSRTQLIYRRAVMRTMSA
KPVKRIPKPGNKIQGCIFDLVTNQAFDISIMVLICLNMVTMMVEKEGQSQHMTEVLYWINVVFIILFTGECVLKLISLRH
YYFTVGWNIFDFVVVIISIVGMFLADLIETYFVSPTLFRVIRLARIGRILRLVKGAKGIRLLLLALRKALRTLFNVSFLL
FVIMFVYAVFGMEFFMHIRDAGAIDDVYNFKTFGQSIILLFQLATSAGWDGVYFAIANEEDCRAPDHELGYPGNCGSRAL
GIAYLVSYLIITCLVVINMYAAVILDYVLEVYEDSKEGLTDDDYDMFFEVWQQFDPEATQYIRYDQLSELLEALQPPLQV
QKPNKYKILSMNIPICKDDHIFYKDVLEALVKDVFSRRG
;
_entity_poly.pdbx_strand_id   A
#
loop_
_chem_comp.id
_chem_comp.type
_chem_comp.name
_chem_comp.formula
76F non-polymer '(7E,21R,24S)-27-amino-24-hydroxy-18,24-dioxo-19,23,25-trioxa-24lambda~5~-phosphaheptacos-7-en-21-yl (9Z,12E)-octadeca-9,12-dienoate' 'C41 H76 N O8 P'
AJP non-polymer Digitonin 'C56 H92 O29'
BMA D-saccharide, beta linking beta-D-mannopyranose 'C6 H12 O6'
LHG non-polymer 1,2-DIPALMITOYL-PHOSPHATIDYL-GLYCEROLE 'C38 H75 O10 P'
NAG D-saccharide, beta linking 2-acetamido-2-deoxy-beta-D-glucopyranose 'C8 H15 N O6'
Y01 non-polymer 'CHOLESTEROL HEMISUCCINATE' 'C31 H50 O4'
#
# COMPACT_ATOMS: atom_id res chain seq x y z
N ALA A 106 -34.89 13.38 -17.34
CA ALA A 106 -36.16 12.67 -17.18
C ALA A 106 -36.93 13.18 -15.97
N ASN A 107 -36.55 14.36 -15.47
CA ASN A 107 -37.21 14.91 -14.29
C ASN A 107 -38.62 15.39 -14.62
N LYS A 108 -38.86 15.86 -15.86
CA LYS A 108 -40.19 16.30 -16.24
C LYS A 108 -41.18 15.15 -16.25
N ASP A 109 -40.68 13.91 -16.37
CA ASP A 109 -41.57 12.75 -16.39
C ASP A 109 -42.36 12.64 -15.11
N ARG A 110 -41.69 12.74 -13.96
CA ARG A 110 -42.35 12.82 -12.68
C ARG A 110 -42.84 14.22 -12.38
N ASP A 111 -42.39 15.22 -13.13
CA ASP A 111 -42.95 16.57 -13.07
C ASP A 111 -43.99 16.69 -14.19
N GLY A 112 -45.09 15.95 -14.04
CA GLY A 112 -46.09 15.90 -15.09
C GLY A 112 -47.29 15.10 -14.62
N SER A 113 -48.09 14.68 -15.61
CA SER A 113 -49.35 14.01 -15.32
C SER A 113 -49.14 12.52 -15.03
N ALA A 114 -47.89 12.07 -15.01
CA ALA A 114 -47.61 10.65 -14.75
C ALA A 114 -48.11 10.24 -13.37
N HIS A 115 -47.47 10.77 -12.32
CA HIS A 115 -47.87 10.50 -10.93
C HIS A 115 -47.45 11.70 -10.09
N PRO A 116 -48.35 12.65 -9.89
CA PRO A 116 -47.96 13.96 -9.35
C PRO A 116 -47.37 13.90 -7.95
N ASP A 117 -46.68 14.99 -7.61
CA ASP A 117 -46.16 15.29 -6.29
C ASP A 117 -47.31 15.48 -5.30
N GLN A 118 -46.95 15.66 -4.03
CA GLN A 118 -47.94 15.89 -2.99
C GLN A 118 -47.71 17.18 -2.22
N ALA A 119 -46.46 17.50 -1.86
CA ALA A 119 -46.16 18.70 -1.09
C ALA A 119 -44.66 18.83 -0.88
N LEU A 120 -44.23 20.03 -0.50
CA LEU A 120 -42.84 20.33 -0.23
C LEU A 120 -42.75 21.33 0.93
N GLU A 121 -41.57 21.42 1.54
CA GLU A 121 -41.33 22.42 2.56
C GLU A 121 -40.25 23.42 2.15
N GLN A 122 -39.04 22.90 1.94
CA GLN A 122 -37.87 23.67 1.53
C GLN A 122 -37.80 25.04 2.22
N GLY A 123 -37.80 25.03 3.55
CA GLY A 123 -37.65 26.27 4.26
C GLY A 123 -38.88 27.14 4.41
N SER A 124 -39.87 26.65 5.17
CA SER A 124 -40.98 27.48 5.67
C SER A 124 -42.00 27.84 4.59
N ARG A 125 -42.40 26.85 3.78
CA ARG A 125 -43.60 26.97 2.97
C ARG A 125 -44.06 25.58 2.54
N LEU A 126 -45.36 25.31 2.64
CA LEU A 126 -45.94 24.01 2.36
C LEU A 126 -46.88 24.11 1.15
N PRO A 127 -46.33 24.16 -0.08
CA PRO A 127 -47.17 24.08 -1.28
C PRO A 127 -47.54 22.64 -1.58
N ALA A 128 -48.79 22.28 -1.28
CA ALA A 128 -49.23 20.91 -1.49
C ALA A 128 -49.60 20.69 -2.95
N ARG A 129 -49.25 19.51 -3.45
CA ARG A 129 -49.68 19.03 -4.76
C ARG A 129 -50.71 17.93 -4.56
N MET A 130 -51.66 17.84 -5.50
CA MET A 130 -52.86 17.06 -5.23
C MET A 130 -53.29 16.22 -6.41
N ARG A 131 -54.53 15.73 -6.37
CA ARG A 131 -55.21 15.13 -7.51
C ARG A 131 -55.75 16.17 -8.47
N ASN A 132 -55.38 17.44 -8.28
CA ASN A 132 -55.74 18.57 -9.12
C ASN A 132 -57.21 18.93 -9.06
N ILE A 133 -58.03 18.17 -8.32
CA ILE A 133 -59.41 18.57 -8.07
C ILE A 133 -59.59 19.09 -6.65
N PHE A 134 -58.51 19.08 -5.84
CA PHE A 134 -58.46 19.83 -4.59
C PHE A 134 -57.23 20.75 -4.65
N PRO A 135 -57.23 21.71 -5.57
CA PRO A 135 -56.02 22.51 -5.78
C PRO A 135 -55.81 23.49 -4.65
N ALA A 136 -54.57 23.56 -4.17
CA ALA A 136 -54.20 24.47 -3.08
C ALA A 136 -52.71 24.69 -3.15
N GLU A 137 -52.31 25.95 -3.30
CA GLU A 137 -50.91 26.34 -3.21
C GLU A 137 -50.05 25.60 -4.24
N LEU A 138 -50.31 25.86 -5.51
CA LEU A 138 -49.53 25.30 -6.61
C LEU A 138 -48.71 26.35 -7.34
N ALA A 139 -48.72 27.60 -6.87
CA ALA A 139 -47.95 28.64 -7.53
C ALA A 139 -46.46 28.41 -7.30
N SER A 140 -45.68 28.56 -8.36
CA SER A 140 -44.23 28.44 -8.26
C SER A 140 -43.55 29.09 -9.45
N ASN A 152 -48.56 34.68 0.58
CA ASN A 152 -47.58 35.41 -0.21
C ASN A 152 -46.20 34.82 0.10
N LYS A 153 -46.15 33.91 1.08
CA LYS A 153 -44.89 33.30 1.46
C LYS A 153 -44.34 32.40 0.36
N LYS A 154 -45.19 31.96 -0.57
CA LYS A 154 -44.75 31.03 -1.60
C LYS A 154 -44.08 31.70 -2.79
N THR A 155 -44.61 32.83 -3.28
CA THR A 155 -43.94 33.50 -4.38
C THR A 155 -42.57 34.03 -3.97
N PHE A 156 -42.25 34.02 -2.67
CA PHE A 156 -40.89 34.27 -2.23
C PHE A 156 -40.05 33.00 -2.24
N VAL A 157 -40.66 31.82 -2.08
CA VAL A 157 -39.93 30.59 -2.35
C VAL A 157 -39.41 30.62 -3.78
N VAL A 158 -40.21 31.15 -4.71
CA VAL A 158 -39.71 31.46 -6.04
C VAL A 158 -38.45 32.30 -5.93
N VAL A 159 -38.57 33.46 -5.28
CA VAL A 159 -37.39 34.30 -5.03
C VAL A 159 -36.34 33.51 -4.26
N THR A 160 -36.75 32.66 -3.32
CA THR A 160 -35.80 31.80 -2.63
C THR A 160 -35.12 30.87 -3.62
N LYS A 161 -35.87 30.35 -4.59
CA LYS A 161 -35.24 29.59 -5.67
C LYS A 161 -34.61 30.51 -6.70
N ALA A 162 -35.16 31.71 -6.87
CA ALA A 162 -34.59 32.70 -7.79
C ALA A 162 -33.58 33.58 -7.08
N SER A 169 -35.54 17.72 -1.12
CA SER A 169 -36.97 17.99 -1.14
C SER A 169 -37.80 16.72 -1.27
N GLY A 170 -38.95 16.69 -0.59
CA GLY A 170 -39.78 15.52 -0.48
C GLY A 170 -40.83 15.29 -1.55
N GLU A 171 -40.44 14.84 -2.74
CA GLU A 171 -41.44 14.44 -3.72
C GLU A 171 -42.11 13.14 -3.28
N LYS A 172 -43.35 13.25 -2.80
CA LYS A 172 -43.96 12.16 -2.03
C LYS A 172 -44.34 10.95 -2.88
N SER A 173 -44.82 11.17 -4.10
CA SER A 173 -45.20 10.09 -5.01
C SER A 173 -46.36 9.27 -4.46
N LEU A 174 -47.27 9.94 -3.75
CA LEU A 174 -48.47 9.29 -3.23
C LEU A 174 -49.62 9.63 -4.18
N TRP A 175 -49.78 8.82 -5.21
CA TRP A 175 -50.96 8.87 -6.06
C TRP A 175 -51.96 7.78 -5.67
N MET A 176 -51.68 7.07 -4.59
CA MET A 176 -52.51 5.93 -4.19
C MET A 176 -53.93 6.37 -3.85
N LEU A 177 -54.09 7.18 -2.81
CA LEU A 177 -55.39 7.64 -2.39
C LEU A 177 -55.28 9.12 -2.03
N ASP A 178 -56.29 9.61 -1.36
CA ASP A 178 -56.56 11.04 -1.29
C ASP A 178 -56.19 11.61 0.06
N PRO A 179 -55.44 12.71 0.11
CA PRO A 179 -55.49 13.54 1.31
C PRO A 179 -56.81 14.27 1.39
N PHE A 180 -57.71 13.78 2.25
CA PHE A 180 -59.05 14.31 2.43
C PHE A 180 -59.23 14.87 3.84
N THR A 181 -58.15 15.46 4.38
CA THR A 181 -58.02 15.77 5.78
C THR A 181 -58.38 14.58 6.68
N PRO A 182 -57.77 13.40 6.48
CA PRO A 182 -57.68 12.44 7.57
C PRO A 182 -56.36 12.66 8.29
N ILE A 183 -56.02 11.76 9.21
CA ILE A 183 -54.77 11.81 9.96
C ILE A 183 -53.56 11.97 9.05
N ARG A 184 -53.70 11.62 7.77
CA ARG A 184 -52.59 11.78 6.83
C ARG A 184 -52.09 13.21 6.80
N ARG A 185 -52.96 14.17 7.10
CA ARG A 185 -52.56 15.57 7.11
C ARG A 185 -51.44 15.80 8.11
N VAL A 186 -51.72 15.59 9.40
CA VAL A 186 -50.69 15.75 10.42
C VAL A 186 -49.54 14.77 10.19
N ALA A 187 -49.81 13.65 9.51
CA ALA A 187 -48.74 12.73 9.15
C ALA A 187 -47.71 13.42 8.28
N ILE A 188 -48.15 14.06 7.21
CA ILE A 188 -47.22 14.81 6.37
C ILE A 188 -46.63 15.98 7.15
N SER A 189 -47.46 16.65 7.96
CA SER A 189 -47.00 17.82 8.70
C SER A 189 -45.82 17.47 9.59
N THR A 190 -45.82 16.26 10.16
CA THR A 190 -44.70 15.82 10.96
C THR A 190 -43.63 15.11 10.12
N MET A 191 -43.95 14.76 8.88
CA MET A 191 -42.97 14.08 8.03
C MET A 191 -41.74 14.93 7.82
N VAL A 192 -41.91 16.11 7.22
CA VAL A 192 -40.83 17.07 7.05
C VAL A 192 -41.04 18.18 8.06
N GLN A 193 -40.06 18.37 8.94
CA GLN A 193 -40.16 19.29 10.05
C GLN A 193 -38.75 19.52 10.55
N PRO A 194 -38.43 20.74 10.99
CA PRO A 194 -37.05 21.01 11.42
C PRO A 194 -36.57 20.14 12.57
N ILE A 195 -37.46 19.60 13.41
CA ILE A 195 -37.02 18.98 14.65
C ILE A 195 -37.21 17.47 14.71
N PHE A 196 -37.99 16.88 13.81
CA PHE A 196 -38.25 15.44 13.90
C PHE A 196 -36.97 14.65 13.73
N SER A 197 -36.27 14.88 12.61
CA SER A 197 -35.01 14.18 12.38
C SER A 197 -34.01 14.47 13.48
N TYR A 198 -34.02 15.69 14.03
CA TYR A 198 -33.07 16.03 15.09
C TYR A 198 -33.34 15.22 16.34
N PHE A 199 -34.60 15.08 16.72
CA PHE A 199 -34.95 14.24 17.86
C PHE A 199 -34.47 12.81 17.63
N ILE A 200 -34.76 12.27 16.44
CA ILE A 200 -34.31 10.91 16.15
C ILE A 200 -32.80 10.80 16.27
N MET A 201 -32.08 11.82 15.81
CA MET A 201 -30.62 11.71 15.75
C MET A 201 -30.01 11.82 17.13
N ILE A 202 -30.52 12.73 17.96
CA ILE A 202 -30.05 12.80 19.35
C ILE A 202 -30.33 11.49 20.06
N THR A 203 -31.48 10.87 19.83
CA THR A 203 -31.74 9.63 20.54
C THR A 203 -30.82 8.50 20.05
N ILE A 204 -30.45 8.51 18.76
CA ILE A 204 -29.49 7.51 18.29
C ILE A 204 -28.14 7.71 18.97
N LEU A 205 -27.70 8.97 19.08
CA LEU A 205 -26.41 9.21 19.72
C LEU A 205 -26.39 8.73 21.16
N ILE A 206 -27.43 9.06 21.94
CA ILE A 206 -27.42 8.62 23.33
C ILE A 206 -27.55 7.10 23.39
N HIS A 207 -28.25 6.50 22.44
CA HIS A 207 -28.38 5.04 22.46
C HIS A 207 -27.02 4.38 22.29
N CYS A 208 -26.24 4.84 21.32
CA CYS A 208 -24.93 4.21 21.16
C CYS A 208 -24.01 4.49 22.34
N ILE A 209 -24.11 5.67 22.95
CA ILE A 209 -23.20 5.95 24.06
C ILE A 209 -23.62 5.14 25.28
N PHE A 210 -24.85 4.64 25.32
CA PHE A 210 -25.16 3.59 26.30
C PHE A 210 -24.65 2.24 25.85
N MET A 211 -24.59 2.02 24.55
CA MET A 211 -24.11 0.76 24.02
C MET A 211 -22.65 0.54 24.37
N ILE A 212 -21.92 1.63 24.62
CA ILE A 212 -20.48 1.51 24.85
C ILE A 212 -20.17 0.77 26.14
N MET A 213 -21.10 0.76 27.10
CA MET A 213 -20.79 0.10 28.37
C MET A 213 -21.55 -1.22 28.47
N PRO A 214 -20.84 -2.31 28.81
CA PRO A 214 -21.32 -3.66 28.48
C PRO A 214 -22.67 -4.04 29.06
N ALA A 215 -22.79 -4.06 30.38
CA ALA A 215 -23.95 -4.65 31.02
C ALA A 215 -24.37 -3.80 32.20
N THR A 216 -25.67 -3.83 32.49
CA THR A 216 -26.24 -3.24 33.70
C THR A 216 -27.59 -3.90 33.92
N GLN A 217 -27.89 -4.23 35.17
CA GLN A 217 -29.22 -4.73 35.47
C GLN A 217 -30.24 -3.65 35.20
N THR A 218 -31.46 -4.07 34.83
CA THR A 218 -32.67 -3.31 34.50
C THR A 218 -32.45 -2.27 33.40
N THR A 219 -31.24 -2.17 32.82
CA THR A 219 -31.12 -1.41 31.58
C THR A 219 -31.92 -2.07 30.47
N TYR A 220 -32.26 -3.35 30.65
CA TYR A 220 -33.15 -4.05 29.75
C TYR A 220 -34.40 -3.23 29.43
N ILE A 221 -35.07 -2.71 30.46
CA ILE A 221 -36.32 -1.99 30.23
C ILE A 221 -36.05 -0.70 29.48
N LEU A 222 -34.88 -0.10 29.66
CA LEU A 222 -34.55 1.11 28.91
C LEU A 222 -34.40 0.80 27.44
N GLU A 223 -33.72 -0.31 27.12
CA GLU A 223 -33.63 -0.76 25.75
C GLU A 223 -35.00 -0.90 25.12
N LEU A 224 -36.03 -1.18 25.94
CA LEU A 224 -37.37 -1.28 25.41
C LEU A 224 -37.89 0.08 24.94
N VAL A 225 -37.57 1.14 25.68
CA VAL A 225 -37.95 2.49 25.26
C VAL A 225 -37.20 2.86 23.99
N PHE A 226 -35.88 2.62 23.97
CA PHE A 226 -35.09 2.97 22.80
C PHE A 226 -35.52 2.15 21.58
N LEU A 227 -36.13 0.99 21.81
CA LEU A 227 -36.66 0.23 20.69
C LEU A 227 -38.02 0.77 20.24
N SER A 228 -38.82 1.26 21.19
CA SER A 228 -40.18 1.62 20.83
C SER A 228 -40.31 3.07 20.36
N ILE A 229 -39.22 3.84 20.44
CA ILE A 229 -39.23 5.14 19.76
C ILE A 229 -39.14 4.94 18.25
N TYR A 230 -38.30 4.00 17.82
CA TYR A 230 -38.12 3.80 16.39
C TYR A 230 -39.38 3.27 15.74
N THR A 231 -40.22 2.56 16.48
CA THR A 231 -41.41 2.02 15.85
C THR A 231 -42.47 3.11 15.61
N ILE A 232 -42.59 4.09 16.51
CA ILE A 232 -43.48 5.21 16.20
C ILE A 232 -42.89 6.01 15.05
N GLU A 233 -41.57 6.06 14.98
CA GLU A 233 -40.88 6.76 13.91
C GLU A 233 -41.19 6.13 12.54
N VAL A 234 -41.23 4.79 12.48
CA VAL A 234 -41.51 4.11 11.23
C VAL A 234 -43.00 4.11 10.93
N VAL A 235 -43.86 4.08 11.96
CA VAL A 235 -45.28 4.01 11.67
C VAL A 235 -45.77 5.35 11.12
N VAL A 236 -45.27 6.47 11.64
CA VAL A 236 -45.67 7.74 11.03
C VAL A 236 -45.08 7.86 9.62
N LYS A 237 -43.81 7.51 9.47
CA LYS A 237 -43.18 7.66 8.15
C LYS A 237 -43.81 6.75 7.10
N VAL A 238 -44.44 5.65 7.49
CA VAL A 238 -45.09 4.77 6.53
C VAL A 238 -46.54 5.17 6.30
N LEU A 239 -47.29 5.42 7.37
CA LEU A 239 -48.68 5.83 7.21
C LEU A 239 -48.77 7.11 6.41
N ALA A 240 -47.73 7.94 6.44
CA ALA A 240 -47.75 9.12 5.59
C ALA A 240 -47.43 8.80 4.14
N ARG A 241 -47.23 7.55 3.76
CA ARG A 241 -46.85 7.23 2.39
C ARG A 241 -47.53 6.02 1.80
N GLY A 242 -48.81 5.79 2.04
CA GLY A 242 -49.58 4.87 1.22
C GLY A 242 -50.51 3.99 2.02
N PHE A 243 -51.16 3.06 1.31
CA PHE A 243 -51.84 1.95 1.97
C PHE A 243 -50.92 0.74 2.04
N ILE A 244 -50.65 0.12 0.90
CA ILE A 244 -49.62 -0.92 0.83
C ILE A 244 -48.86 -0.82 -0.48
N LEU A 245 -49.43 -0.16 -1.48
CA LEU A 245 -48.96 -0.38 -2.84
C LEU A 245 -47.57 0.20 -3.10
N HIS A 246 -47.37 1.46 -2.76
CA HIS A 246 -46.09 2.13 -2.88
C HIS A 246 -45.04 1.63 -1.90
N PRO A 247 -45.40 1.01 -0.75
CA PRO A 247 -44.38 0.22 -0.05
C PRO A 247 -43.82 -0.90 -0.91
N PHE A 248 -44.24 -0.98 -2.17
CA PHE A 248 -43.63 -1.84 -3.17
C PHE A 248 -42.84 -1.07 -4.22
N ALA A 249 -43.10 0.22 -4.41
CA ALA A 249 -42.51 0.99 -5.51
C ALA A 249 -41.44 1.98 -5.05
N TYR A 250 -41.74 2.84 -4.08
CA TYR A 250 -40.88 3.97 -3.78
C TYR A 250 -39.79 3.66 -2.76
N LEU A 251 -39.90 2.57 -2.01
CA LEU A 251 -38.92 2.38 -0.93
C LEU A 251 -37.54 2.16 -1.43
N ARG A 252 -37.23 2.27 -2.72
CA ARG A 252 -35.90 1.92 -3.22
C ARG A 252 -34.80 2.83 -2.68
N ASP A 253 -35.13 3.79 -1.82
CA ASP A 253 -34.10 4.54 -1.12
C ASP A 253 -33.69 3.76 0.12
N PRO A 254 -32.42 3.39 0.26
CA PRO A 254 -32.06 2.37 1.24
C PRO A 254 -32.13 2.82 2.69
N TRP A 255 -32.17 4.12 2.98
CA TRP A 255 -32.25 4.53 4.38
C TRP A 255 -33.44 3.90 5.08
N ASN A 256 -34.58 3.84 4.40
CA ASN A 256 -35.75 3.20 4.98
C ASN A 256 -35.53 1.69 5.13
N TRP A 257 -34.88 1.06 4.15
CA TRP A 257 -34.55 -0.35 4.31
C TRP A 257 -33.77 -0.59 5.59
N LEU A 258 -32.80 0.27 5.87
CA LEU A 258 -32.02 0.13 7.09
C LEU A 258 -32.90 0.29 8.32
N ASP A 259 -33.57 1.43 8.43
CA ASP A 259 -34.38 1.72 9.60
C ASP A 259 -35.56 0.76 9.75
N PHE A 260 -35.81 -0.09 8.78
CA PHE A 260 -36.85 -1.10 8.89
C PHE A 260 -36.29 -2.45 9.29
N LEU A 261 -35.24 -2.92 8.61
CA LEU A 261 -34.69 -4.22 8.91
C LEU A 261 -34.11 -4.27 10.31
N VAL A 262 -33.43 -3.20 10.74
CA VAL A 262 -32.81 -3.29 12.05
C VAL A 262 -33.87 -3.32 13.15
N THR A 263 -34.99 -2.64 12.98
CA THR A 263 -35.99 -2.66 14.03
C THR A 263 -36.79 -3.97 13.99
N LEU A 264 -36.92 -4.58 12.83
CA LEU A 264 -37.52 -5.92 12.83
C LEU A 264 -36.60 -6.91 13.52
N ILE A 265 -35.29 -6.75 13.40
CA ILE A 265 -34.37 -7.59 14.16
C ILE A 265 -34.53 -7.36 15.66
N GLY A 266 -34.61 -6.10 16.06
CA GLY A 266 -34.87 -5.79 17.45
C GLY A 266 -36.14 -6.44 17.96
N TYR A 267 -37.19 -6.46 17.14
CA TYR A 267 -38.41 -7.17 17.51
C TYR A 267 -38.15 -8.66 17.70
N ILE A 268 -37.64 -9.34 16.66
CA ILE A 268 -37.53 -10.79 16.74
C ILE A 268 -36.63 -11.21 17.89
N THR A 269 -35.72 -10.35 18.33
CA THR A 269 -34.85 -10.71 19.45
C THR A 269 -35.59 -10.70 20.78
N LEU A 270 -36.76 -10.07 20.86
CA LEU A 270 -37.40 -9.84 22.14
C LEU A 270 -38.54 -10.82 22.45
N VAL A 271 -38.96 -11.65 21.51
CA VAL A 271 -40.05 -12.57 21.76
C VAL A 271 -39.54 -13.98 21.49
N VAL A 272 -38.24 -14.18 21.67
CA VAL A 272 -37.65 -15.51 21.66
C VAL A 272 -36.99 -15.86 22.98
N ASP A 273 -36.63 -14.86 23.76
CA ASP A 273 -36.14 -15.09 25.13
C ASP A 273 -34.84 -15.89 25.12
N LEU A 274 -33.81 -15.30 24.51
CA LEU A 274 -32.46 -15.85 24.51
C LEU A 274 -32.45 -17.26 23.91
N GLY A 275 -33.15 -17.43 22.79
CA GLY A 275 -33.29 -18.73 22.18
C GLY A 275 -32.11 -19.15 21.34
N HIS A 276 -30.94 -19.24 21.97
CA HIS A 276 -29.71 -19.75 21.36
C HIS A 276 -29.36 -18.99 20.08
N LEU A 277 -29.62 -17.67 20.06
CA LEU A 277 -29.28 -16.81 18.95
C LEU A 277 -28.86 -15.45 19.50
N TYR A 278 -27.56 -15.28 19.72
CA TYR A 278 -27.00 -13.99 20.14
C TYR A 278 -26.05 -13.45 19.10
N ALA A 279 -26.06 -14.05 17.91
CA ALA A 279 -25.20 -13.64 16.83
C ALA A 279 -25.80 -12.54 15.97
N LEU A 280 -27.06 -12.18 16.19
CA LEU A 280 -27.68 -11.09 15.46
C LEU A 280 -28.13 -9.95 16.37
N ARG A 281 -28.03 -10.11 17.69
CA ARG A 281 -28.35 -9.01 18.57
C ARG A 281 -27.29 -7.91 18.52
N ALA A 282 -26.23 -8.11 17.75
CA ALA A 282 -25.18 -7.11 17.56
C ALA A 282 -25.43 -6.19 16.38
N PHE A 283 -25.91 -6.73 15.29
CA PHE A 283 -26.04 -5.99 14.05
C PHE A 283 -27.02 -4.84 14.15
N ARG A 284 -27.58 -4.55 15.32
CA ARG A 284 -28.37 -3.34 15.46
C ARG A 284 -27.50 -2.09 15.58
N VAL A 285 -26.23 -2.21 15.95
CA VAL A 285 -25.43 -1.02 16.14
C VAL A 285 -25.26 -0.26 14.83
N LEU A 286 -25.38 -0.95 13.70
CA LEU A 286 -25.22 -0.24 12.44
C LEU A 286 -26.41 0.66 12.13
N ARG A 287 -27.33 0.87 13.08
CA ARG A 287 -28.19 2.03 12.98
C ARG A 287 -27.38 3.30 12.86
N SER A 288 -26.31 3.39 13.66
CA SER A 288 -25.65 4.68 13.86
C SER A 288 -25.07 5.26 12.59
N TRP A 289 -24.95 4.48 11.51
CA TRP A 289 -24.50 5.05 10.25
C TRP A 289 -25.37 6.22 9.84
N ARG A 290 -26.59 6.25 10.32
CA ARG A 290 -27.50 7.29 9.93
C ARG A 290 -26.97 8.67 10.31
N THR A 291 -26.02 8.72 11.25
CA THR A 291 -25.59 10.03 11.71
C THR A 291 -24.52 10.64 10.80
N VAL A 292 -24.00 9.89 9.84
CA VAL A 292 -22.97 10.45 8.95
C VAL A 292 -23.48 11.70 8.26
N THR A 293 -24.79 11.91 8.25
CA THR A 293 -25.39 13.06 7.60
C THR A 293 -25.64 14.22 8.56
N ILE A 294 -24.87 14.33 9.64
CA ILE A 294 -25.04 15.47 10.53
C ILE A 294 -23.99 16.55 10.27
N VAL A 295 -22.81 16.18 9.80
CA VAL A 295 -21.74 17.15 9.56
C VAL A 295 -21.86 17.67 8.14
N PRO A 296 -21.75 18.98 7.92
CA PRO A 296 -21.96 19.53 6.58
C PRO A 296 -20.94 19.00 5.58
N GLY A 297 -21.28 19.15 4.31
CA GLY A 297 -20.44 18.67 3.24
C GLY A 297 -20.22 17.18 3.31
N TRP A 298 -21.31 16.41 3.33
CA TRP A 298 -21.24 14.97 3.48
C TRP A 298 -21.65 14.22 2.22
N ARG A 299 -22.29 14.87 1.28
CA ARG A 299 -22.79 14.16 0.10
C ARG A 299 -21.70 13.89 -0.92
N THR A 300 -20.68 14.73 -1.00
CA THR A 300 -19.63 14.53 -1.99
C THR A 300 -18.54 13.57 -1.53
N ILE A 301 -18.81 12.77 -0.51
CA ILE A 301 -17.90 11.72 -0.06
C ILE A 301 -18.58 10.35 -0.07
N VAL A 302 -19.81 10.29 0.44
CA VAL A 302 -20.53 9.02 0.51
C VAL A 302 -20.70 8.41 -0.87
N ASP A 303 -21.31 9.18 -1.78
CA ASP A 303 -21.48 8.66 -3.13
C ASP A 303 -20.15 8.36 -3.79
N ALA A 304 -19.06 8.97 -3.33
CA ALA A 304 -17.74 8.60 -3.84
C ALA A 304 -17.42 7.16 -3.48
N LEU A 305 -17.64 6.76 -2.22
CA LEU A 305 -17.51 5.36 -1.86
C LEU A 305 -18.42 4.49 -2.71
N SER A 306 -19.66 4.94 -2.92
CA SER A 306 -20.61 4.12 -3.68
C SER A 306 -20.09 3.85 -5.09
N LEU A 307 -19.70 4.91 -5.80
CA LEU A 307 -19.19 4.75 -7.15
C LEU A 307 -17.92 3.93 -7.17
N SER A 308 -17.05 4.10 -6.17
CA SER A 308 -15.81 3.33 -6.14
C SER A 308 -16.09 1.85 -6.04
N ILE A 309 -17.05 1.45 -5.20
CA ILE A 309 -17.39 0.03 -5.10
C ILE A 309 -17.98 -0.49 -6.41
N THR A 310 -19.01 0.22 -6.90
CA THR A 310 -19.68 -0.16 -8.13
C THR A 310 -18.72 -0.28 -9.30
N SER A 311 -17.60 0.42 -9.29
CA SER A 311 -16.61 0.28 -10.35
C SER A 311 -15.52 -0.73 -10.02
N LEU A 312 -15.26 -0.98 -8.74
CA LEU A 312 -14.19 -1.88 -8.31
C LEU A 312 -14.54 -3.34 -8.52
N LYS A 313 -15.83 -3.65 -8.65
CA LYS A 313 -16.24 -5.01 -9.04
C LYS A 313 -15.37 -5.66 -10.12
N ASP A 314 -15.14 -4.92 -11.21
CA ASP A 314 -14.50 -5.49 -12.39
C ASP A 314 -13.13 -6.06 -12.08
N LEU A 315 -12.34 -5.34 -11.28
CA LEU A 315 -11.02 -5.85 -10.96
C LEU A 315 -11.08 -6.84 -9.80
N VAL A 316 -12.16 -6.81 -9.00
CA VAL A 316 -12.34 -7.88 -8.03
C VAL A 316 -12.31 -9.23 -8.72
N LEU A 317 -12.95 -9.32 -9.88
CA LEU A 317 -12.99 -10.60 -10.59
C LEU A 317 -11.58 -11.11 -10.93
N LEU A 318 -10.77 -10.25 -11.57
CA LEU A 318 -9.42 -10.65 -11.93
C LEU A 318 -8.56 -10.96 -10.71
N LEU A 319 -8.72 -10.19 -9.63
CA LEU A 319 -8.00 -10.49 -8.40
C LEU A 319 -8.28 -11.91 -7.93
N LEU A 320 -9.56 -12.28 -7.95
CA LEU A 320 -9.94 -13.63 -7.50
C LEU A 320 -9.26 -14.68 -8.36
N PHE A 321 -9.35 -14.55 -9.69
CA PHE A 321 -8.74 -15.54 -10.57
C PHE A 321 -7.23 -15.63 -10.36
N SER A 322 -6.57 -14.50 -10.16
CA SER A 322 -5.12 -14.51 -10.07
C SER A 322 -4.65 -15.13 -8.76
N LEU A 323 -5.29 -14.77 -7.65
CA LEU A 323 -4.99 -15.46 -6.40
C LEU A 323 -5.16 -16.96 -6.57
N SER A 324 -6.19 -17.38 -7.32
CA SER A 324 -6.39 -18.81 -7.51
C SER A 324 -5.22 -19.45 -8.23
N VAL A 325 -4.76 -18.86 -9.34
CA VAL A 325 -3.69 -19.52 -10.08
C VAL A 325 -2.39 -19.50 -9.29
N PHE A 326 -2.18 -18.46 -8.47
CA PHE A 326 -0.96 -18.43 -7.66
C PHE A 326 -1.00 -19.49 -6.57
N ALA A 327 -2.17 -19.73 -5.98
CA ALA A 327 -2.27 -20.81 -5.01
C ALA A 327 -2.05 -22.16 -5.67
N LEU A 328 -2.52 -22.32 -6.90
CA LEU A 328 -2.31 -23.59 -7.60
C LEU A 328 -0.83 -23.79 -7.91
N ILE A 329 -0.10 -22.71 -8.20
CA ILE A 329 1.34 -22.84 -8.42
C ILE A 329 2.04 -23.18 -7.11
N GLY A 330 1.64 -22.53 -6.02
CA GLY A 330 2.31 -22.75 -4.75
C GLY A 330 2.02 -24.12 -4.16
N LEU A 331 0.88 -24.70 -4.50
CA LEU A 331 0.53 -26.00 -3.96
C LEU A 331 1.40 -27.11 -4.55
N GLN A 332 2.05 -26.84 -5.68
CA GLN A 332 2.88 -27.86 -6.31
C GLN A 332 4.29 -27.85 -5.76
N LEU A 333 4.87 -26.67 -5.59
CA LEU A 333 6.25 -26.58 -5.16
C LEU A 333 6.44 -26.86 -3.68
N PHE A 334 5.46 -26.54 -2.84
CA PHE A 334 5.65 -26.66 -1.39
C PHE A 334 4.64 -27.62 -0.76
N MET A 335 4.29 -28.71 -1.44
CA MET A 335 3.23 -29.55 -0.90
C MET A 335 3.71 -30.31 0.32
N GLY A 336 3.47 -29.75 1.49
CA GLY A 336 3.72 -30.47 2.72
C GLY A 336 5.17 -30.65 3.06
N ASN A 337 5.97 -29.59 2.97
CA ASN A 337 7.33 -29.65 3.48
C ASN A 337 7.54 -28.76 4.68
N LEU A 338 6.58 -27.90 5.02
CA LEU A 338 6.70 -27.17 6.26
C LEU A 338 6.56 -28.07 7.48
N LYS A 339 6.40 -29.38 7.29
CA LYS A 339 6.36 -30.33 8.39
C LYS A 339 7.72 -30.90 8.75
N HIS A 340 8.75 -30.63 7.96
CA HIS A 340 10.07 -31.23 8.17
C HIS A 340 10.50 -31.04 9.62
N LYS A 341 11.04 -32.10 10.21
CA LYS A 341 11.57 -32.02 11.56
C LYS A 341 12.92 -32.73 11.61
N CYS A 342 13.57 -32.67 12.76
CA CYS A 342 14.86 -33.30 12.99
C CYS A 342 14.69 -34.40 14.02
N VAL A 343 15.11 -35.62 13.68
CA VAL A 343 14.92 -36.79 14.52
C VAL A 343 16.25 -37.49 14.72
N LYS A 344 16.47 -38.03 15.92
CA LYS A 344 17.71 -38.75 16.20
C LYS A 344 17.87 -39.92 15.24
N HIS A 345 19.13 -40.34 15.05
CA HIS A 345 19.50 -41.20 13.94
C HIS A 345 18.75 -42.52 13.89
N PHE A 346 19.01 -43.38 14.85
CA PHE A 346 18.44 -44.72 14.88
C PHE A 346 17.74 -44.85 16.22
N PRO A 347 17.07 -45.96 16.52
CA PRO A 347 16.53 -46.11 17.88
C PRO A 347 17.65 -45.91 18.88
N ALA A 348 18.62 -46.81 18.83
CA ALA A 348 19.86 -46.74 19.60
C ALA A 348 20.63 -47.99 19.30
N ASP A 349 21.85 -48.06 19.82
CA ASP A 349 22.58 -49.31 19.90
C ASP A 349 22.52 -49.75 21.36
N GLY A 350 21.41 -50.39 21.73
CA GLY A 350 21.21 -50.73 23.12
C GLY A 350 19.84 -50.42 23.68
N SER A 351 19.81 -49.49 24.65
CA SER A 351 18.69 -49.22 25.55
C SER A 351 17.30 -49.40 24.95
N TRP A 352 17.04 -48.82 23.79
CA TRP A 352 15.68 -48.91 23.28
C TRP A 352 15.34 -50.31 22.76
N GLY A 353 16.32 -51.16 22.56
CA GLY A 353 16.05 -52.55 22.21
C GLY A 353 16.89 -53.00 21.04
N ASN A 354 16.33 -53.94 20.27
CA ASN A 354 17.02 -54.66 19.21
C ASN A 354 16.23 -54.63 17.92
N PHE A 355 15.04 -54.01 17.93
CA PHE A 355 14.05 -54.30 16.91
C PHE A 355 14.52 -53.86 15.53
N THR A 356 15.09 -52.66 15.42
CA THR A 356 15.52 -52.03 14.17
C THR A 356 14.54 -52.30 13.03
N ASP A 357 13.25 -52.36 13.38
CA ASP A 357 12.17 -52.54 12.43
C ASP A 357 10.97 -51.83 13.03
N GLU A 358 9.76 -52.20 12.59
CA GLU A 358 8.55 -51.40 12.76
C GLU A 358 8.49 -50.66 14.09
N ARG A 359 9.04 -51.23 15.15
CA ARG A 359 9.18 -50.47 16.39
C ARG A 359 9.97 -49.19 16.17
N TRP A 360 10.83 -49.16 15.14
CA TRP A 360 11.44 -47.91 14.71
C TRP A 360 10.39 -46.83 14.52
N PHE A 361 9.27 -47.19 13.89
CA PHE A 361 8.20 -46.22 13.68
C PHE A 361 7.55 -45.84 14.99
N ASN A 362 7.53 -46.75 15.96
CA ASN A 362 7.06 -46.35 17.29
C ASN A 362 8.01 -45.34 17.91
N TYR A 363 9.31 -45.47 17.66
CA TYR A 363 10.26 -44.56 18.29
C TYR A 363 10.23 -43.18 17.65
N THR A 364 10.45 -43.10 16.34
CA THR A 364 10.63 -41.78 15.73
C THR A 364 9.33 -40.99 15.67
N SER A 365 8.28 -41.43 16.35
CA SER A 365 7.07 -40.65 16.47
C SER A 365 6.78 -40.17 17.88
N ASN A 366 7.51 -40.67 18.87
CA ASN A 366 7.38 -40.14 20.22
C ASN A 366 7.98 -38.75 20.25
N SER A 367 7.12 -37.73 20.33
CA SER A 367 7.55 -36.36 20.10
C SER A 367 8.71 -35.96 20.99
N SER A 368 8.80 -36.52 22.19
CA SER A 368 9.67 -35.97 23.21
C SER A 368 11.15 -36.07 22.87
N HIS A 369 11.48 -36.59 21.69
CA HIS A 369 12.83 -36.46 21.16
C HIS A 369 12.78 -35.99 19.72
N TRP A 370 12.01 -34.94 19.49
CA TRP A 370 12.26 -33.98 18.42
C TRP A 370 13.09 -32.83 18.99
N TYR A 371 13.71 -32.08 18.10
CA TYR A 371 14.72 -31.10 18.50
C TYR A 371 14.09 -29.73 18.71
N ILE A 372 14.04 -29.27 19.96
CA ILE A 372 13.70 -27.89 20.29
C ILE A 372 14.84 -27.34 21.12
N PRO A 373 15.44 -26.20 20.77
CA PRO A 373 16.67 -25.78 21.44
C PRO A 373 16.47 -25.60 22.94
N ASP A 374 15.62 -24.65 23.30
CA ASP A 374 15.19 -24.44 24.68
C ASP A 374 14.14 -23.34 24.68
N ASP A 375 13.18 -23.45 25.59
CA ASP A 375 12.13 -22.46 25.81
C ASP A 375 11.60 -21.85 24.51
N TRP A 376 11.46 -22.66 23.47
CA TRP A 376 10.71 -22.29 22.28
C TRP A 376 9.44 -23.13 22.25
N ILE A 377 8.54 -22.80 21.32
CA ILE A 377 7.33 -23.61 21.17
C ILE A 377 7.12 -23.94 19.71
N GLU A 378 8.08 -23.59 18.86
CA GLU A 378 8.09 -24.04 17.48
C GLU A 378 9.32 -24.88 17.20
N TYR A 379 9.15 -25.89 16.42
CA TYR A 379 10.25 -26.77 16.03
C TYR A 379 10.93 -26.20 14.81
N PRO A 380 12.26 -26.10 14.79
CA PRO A 380 12.94 -25.59 13.61
C PRO A 380 12.89 -26.58 12.47
N LEU A 381 13.04 -26.06 11.26
CA LEU A 381 12.88 -26.84 10.04
C LEU A 381 14.24 -27.15 9.44
N CYS A 382 14.32 -28.27 8.71
CA CYS A 382 15.62 -28.71 8.24
C CYS A 382 15.78 -28.71 6.73
N GLY A 383 15.01 -29.52 6.00
CA GLY A 383 15.31 -29.72 4.59
C GLY A 383 16.65 -30.40 4.39
N ASN A 384 16.87 -31.08 3.27
CA ASN A 384 18.21 -31.59 2.96
C ASN A 384 18.52 -31.36 1.49
N SER A 385 18.19 -30.15 1.01
CA SER A 385 18.75 -29.66 -0.23
C SER A 385 20.11 -29.05 0.04
N SER A 386 20.62 -28.30 -0.93
CA SER A 386 21.93 -27.70 -0.78
C SER A 386 21.82 -26.24 -0.34
N GLY A 387 22.15 -25.99 0.92
CA GLY A 387 22.16 -24.64 1.45
C GLY A 387 20.97 -24.24 2.28
N ALA A 388 20.45 -25.12 3.13
CA ALA A 388 19.34 -24.79 4.00
C ALA A 388 19.24 -25.80 5.13
N GLY A 389 19.13 -25.32 6.35
CA GLY A 389 18.87 -26.21 7.46
C GLY A 389 20.13 -26.89 7.97
N MET A 390 20.23 -28.20 7.71
CA MET A 390 21.33 -29.02 8.22
C MET A 390 21.37 -28.93 9.74
N CYS A 391 20.37 -29.48 10.42
CA CYS A 391 20.09 -28.90 11.73
C CYS A 391 21.13 -29.18 12.84
N PRO A 392 21.27 -30.34 13.47
CA PRO A 392 22.44 -30.55 14.31
C PRO A 392 23.41 -31.52 13.66
N PRO A 393 24.53 -31.80 14.32
CA PRO A 393 25.18 -33.10 14.13
C PRO A 393 24.64 -34.10 15.12
N GLY A 394 24.17 -35.22 14.61
CA GLY A 394 23.58 -36.26 15.43
C GLY A 394 22.14 -36.59 15.12
N TYR A 395 21.42 -35.72 14.42
CA TYR A 395 20.06 -36.02 13.98
C TYR A 395 20.02 -36.10 12.46
N THR A 396 18.82 -36.30 11.92
CA THR A 396 18.62 -36.35 10.48
C THR A 396 17.23 -35.81 10.18
N CYS A 397 17.04 -35.35 8.95
CA CYS A 397 15.92 -34.47 8.60
C CYS A 397 14.77 -35.28 8.00
N LEU A 398 13.79 -35.60 8.82
CA LEU A 398 12.70 -36.47 8.43
C LEU A 398 11.47 -35.66 8.03
N GLN A 399 10.61 -36.31 7.25
CA GLN A 399 9.49 -35.67 6.57
C GLN A 399 8.18 -36.31 6.98
N GLY A 400 7.23 -35.46 7.38
CA GLY A 400 5.87 -35.92 7.57
C GLY A 400 5.53 -36.45 8.93
N TYR A 401 6.04 -35.86 10.00
CA TYR A 401 5.61 -36.19 11.35
C TYR A 401 4.83 -35.00 11.91
N GLY A 402 3.63 -35.26 12.41
CA GLY A 402 2.59 -34.28 12.63
C GLY A 402 2.98 -32.94 13.20
N GLY A 403 2.29 -31.88 12.76
CA GLY A 403 2.53 -30.55 13.25
C GLY A 403 2.80 -29.54 12.16
N ASN A 404 2.22 -28.35 12.30
CA ASN A 404 2.47 -27.23 11.40
C ASN A 404 2.73 -25.98 12.21
N PRO A 405 3.50 -25.03 11.68
CA PRO A 405 3.78 -23.82 12.44
C PRO A 405 2.52 -23.02 12.68
N ASN A 406 2.54 -22.25 13.76
CA ASN A 406 1.42 -21.38 14.13
C ASN A 406 0.12 -22.17 14.26
N TYR A 407 0.13 -23.13 15.19
CA TYR A 407 -1.03 -23.96 15.54
C TYR A 407 -1.56 -24.78 14.38
N GLY A 408 -0.95 -24.73 13.21
CA GLY A 408 -1.47 -25.44 12.08
C GLY A 408 -2.34 -24.61 11.17
N TYR A 409 -1.87 -23.42 10.79
CA TYR A 409 -2.62 -22.52 9.95
C TYR A 409 -1.75 -21.93 8.84
N THR A 410 -0.68 -22.61 8.46
CA THR A 410 0.27 -21.98 7.54
C THR A 410 0.57 -22.86 6.34
N SER A 411 0.48 -24.17 6.49
CA SER A 411 0.93 -25.08 5.45
C SER A 411 0.27 -24.81 4.11
N PHE A 412 0.93 -25.25 3.05
CA PHE A 412 0.43 -25.21 1.69
C PHE A 412 -0.27 -26.49 1.27
N ASP A 413 -0.53 -27.40 2.21
CA ASP A 413 -0.80 -28.78 1.83
C ASP A 413 -2.24 -29.03 1.37
N THR A 414 -3.03 -28.00 1.12
CA THR A 414 -4.30 -28.16 0.42
C THR A 414 -4.64 -26.83 -0.24
N PHE A 415 -5.77 -26.79 -0.95
CA PHE A 415 -6.05 -25.59 -1.72
C PHE A 415 -6.40 -24.41 -0.82
N GLY A 416 -7.32 -24.61 0.12
CA GLY A 416 -7.77 -23.50 0.94
C GLY A 416 -6.64 -22.79 1.67
N TRP A 417 -5.80 -23.58 2.35
CA TRP A 417 -4.69 -22.97 3.05
C TRP A 417 -3.74 -22.28 2.09
N ALA A 418 -3.58 -22.80 0.88
CA ALA A 418 -2.74 -22.12 -0.09
C ALA A 418 -3.34 -20.79 -0.48
N PHE A 419 -4.65 -20.73 -0.62
CA PHE A 419 -5.31 -19.46 -0.90
C PHE A 419 -5.07 -18.47 0.21
N LEU A 420 -5.16 -18.93 1.46
CA LEU A 420 -4.95 -18.03 2.59
C LEU A 420 -3.52 -17.50 2.60
N SER A 421 -2.54 -18.37 2.42
CA SER A 421 -1.15 -17.91 2.45
C SER A 421 -0.81 -17.01 1.27
N VAL A 422 -1.34 -17.27 0.09
CA VAL A 422 -1.04 -16.38 -1.03
C VAL A 422 -1.74 -15.04 -0.88
N PHE A 423 -2.95 -15.00 -0.32
CA PHE A 423 -3.53 -13.70 0.00
C PHE A 423 -2.69 -12.97 1.04
N ARG A 424 -2.12 -13.69 1.98
CA ARG A 424 -1.25 -13.06 2.97
C ARG A 424 0.00 -12.47 2.32
N LEU A 425 0.58 -13.18 1.34
CA LEU A 425 1.70 -12.63 0.60
C LEU A 425 1.31 -11.40 -0.20
N VAL A 426 0.20 -11.48 -0.94
CA VAL A 426 -0.18 -10.35 -1.79
C VAL A 426 -0.44 -9.11 -0.95
N THR A 427 -1.16 -9.26 0.16
CA THR A 427 -1.48 -8.09 0.97
C THR A 427 -0.30 -7.58 1.79
N LEU A 428 0.84 -8.27 1.75
CA LEU A 428 2.10 -7.76 2.29
C LEU A 428 2.00 -7.51 3.79
N ASP A 429 1.76 -8.59 4.53
CA ASP A 429 1.56 -8.53 5.97
C ASP A 429 2.33 -9.64 6.65
N TYR A 430 3.27 -9.27 7.51
CA TYR A 430 4.03 -10.23 8.30
C TYR A 430 4.53 -11.37 7.43
N TRP A 431 4.97 -11.04 6.23
CA TRP A 431 5.35 -12.07 5.28
C TRP A 431 6.77 -12.55 5.48
N GLU A 432 7.57 -11.87 6.29
CA GLU A 432 8.94 -12.34 6.50
C GLU A 432 8.93 -13.71 7.15
N ASP A 433 7.91 -14.00 7.94
CA ASP A 433 7.84 -15.30 8.60
C ASP A 433 7.69 -16.41 7.57
N LEU A 434 6.73 -16.28 6.66
CA LEU A 434 6.53 -17.29 5.63
C LEU A 434 7.74 -17.37 4.72
N TYR A 435 8.33 -16.21 4.39
CA TYR A 435 9.55 -16.18 3.60
C TYR A 435 10.63 -17.05 4.21
N GLN A 436 10.98 -16.75 5.46
CA GLN A 436 12.07 -17.47 6.11
C GLN A 436 11.74 -18.95 6.28
N LEU A 437 10.48 -19.28 6.57
CA LEU A 437 10.12 -20.69 6.71
C LEU A 437 10.29 -21.44 5.39
N ALA A 438 9.71 -20.93 4.31
CA ALA A 438 9.80 -21.61 3.03
C ALA A 438 11.24 -21.78 2.61
N LEU A 439 12.07 -20.74 2.77
CA LEU A 439 13.45 -20.87 2.32
C LEU A 439 14.25 -21.80 3.21
N ARG A 440 14.03 -21.77 4.52
CA ARG A 440 14.68 -22.75 5.39
C ARG A 440 14.34 -24.15 4.95
N SER A 441 13.11 -24.37 4.48
CA SER A 441 12.71 -25.73 4.18
C SER A 441 13.25 -26.20 2.84
N ALA A 442 12.98 -25.48 1.76
CA ALA A 442 13.24 -26.01 0.43
C ALA A 442 14.61 -25.69 -0.13
N GLY A 443 15.00 -24.41 -0.15
CA GLY A 443 16.27 -24.02 -0.69
C GLY A 443 16.22 -22.66 -1.33
N PRO A 444 17.33 -21.92 -1.28
CA PRO A 444 17.30 -20.50 -1.63
C PRO A 444 16.81 -20.16 -3.03
N TRP A 445 17.06 -21.01 -4.03
CA TRP A 445 16.59 -20.70 -5.38
C TRP A 445 15.12 -20.36 -5.40
N HIS A 446 14.36 -20.85 -4.42
CA HIS A 446 12.92 -20.67 -4.41
C HIS A 446 12.51 -19.22 -4.25
N ILE A 447 13.45 -18.28 -4.07
CA ILE A 447 12.97 -16.91 -4.06
C ILE A 447 12.47 -16.51 -5.42
N LEU A 448 12.85 -17.22 -6.48
CA LEU A 448 12.27 -16.95 -7.78
C LEU A 448 10.76 -17.12 -7.80
N PHE A 449 10.18 -17.68 -6.73
CA PHE A 449 8.73 -17.67 -6.59
C PHE A 449 8.25 -16.37 -5.98
N PHE A 450 8.82 -15.99 -4.83
CA PHE A 450 8.28 -14.86 -4.08
C PHE A 450 8.32 -13.58 -4.91
N ILE A 451 9.44 -13.34 -5.61
CA ILE A 451 9.52 -12.19 -6.51
C ILE A 451 8.26 -12.11 -7.38
N ILE A 452 7.93 -13.21 -8.05
CA ILE A 452 6.83 -13.18 -9.01
C ILE A 452 5.52 -12.84 -8.33
N VAL A 453 5.32 -13.26 -7.08
CA VAL A 453 4.02 -12.95 -6.49
C VAL A 453 4.04 -11.58 -5.84
N VAL A 454 5.22 -11.00 -5.66
CA VAL A 454 5.27 -9.66 -5.08
C VAL A 454 5.24 -8.61 -6.17
N PHE A 455 6.04 -8.79 -7.21
CA PHE A 455 6.07 -7.78 -8.28
C PHE A 455 4.73 -7.70 -9.00
N TYR A 456 4.05 -8.83 -9.18
CA TYR A 456 2.80 -8.78 -9.91
C TYR A 456 1.61 -8.43 -9.02
N GLY A 457 1.59 -8.92 -7.79
CA GLY A 457 0.42 -8.76 -6.96
C GLY A 457 0.39 -7.50 -6.12
N THR A 458 1.54 -7.10 -5.58
CA THR A 458 1.59 -5.99 -4.64
C THR A 458 2.13 -4.70 -5.21
N PHE A 459 3.15 -4.75 -6.04
CA PHE A 459 3.70 -3.54 -6.63
C PHE A 459 2.98 -3.13 -7.91
N CYS A 460 2.14 -4.00 -8.47
CA CYS A 460 1.57 -3.78 -9.78
C CYS A 460 0.09 -4.07 -9.84
N PHE A 461 -0.50 -4.64 -8.80
CA PHE A 461 -1.94 -4.90 -8.78
C PHE A 461 -2.68 -4.12 -7.70
N LEU A 462 -2.16 -4.06 -6.48
CA LEU A 462 -2.82 -3.26 -5.47
C LEU A 462 -2.81 -1.78 -5.78
N ASN A 463 -2.31 -1.39 -6.95
CA ASN A 463 -2.43 -0.01 -7.41
C ASN A 463 -3.54 0.19 -8.42
N PHE A 464 -4.08 -0.88 -9.01
CA PHE A 464 -5.32 -0.74 -9.76
C PHE A 464 -6.43 -0.21 -8.86
N ILE A 465 -6.46 -0.67 -7.61
CA ILE A 465 -7.45 -0.17 -6.67
C ILE A 465 -7.24 1.31 -6.39
N LEU A 466 -5.99 1.72 -6.19
CA LEU A 466 -5.71 3.13 -5.96
C LEU A 466 -6.15 3.96 -7.17
N ALA A 467 -5.91 3.45 -8.37
CA ALA A 467 -6.33 4.16 -9.57
C ALA A 467 -7.83 4.33 -9.61
N VAL A 468 -8.56 3.26 -9.34
CA VAL A 468 -10.02 3.32 -9.39
C VAL A 468 -10.56 4.33 -8.39
N VAL A 469 -10.02 4.32 -7.17
CA VAL A 469 -10.55 5.21 -6.14
C VAL A 469 -10.21 6.66 -6.46
N VAL A 470 -8.97 6.93 -6.90
CA VAL A 470 -8.61 8.29 -7.26
C VAL A 470 -9.49 8.81 -8.39
N MET A 471 -9.74 7.97 -9.39
CA MET A 471 -10.57 8.38 -10.51
C MET A 471 -11.98 8.72 -10.05
N SER A 472 -12.58 7.86 -9.22
CA SER A 472 -13.94 8.13 -8.78
C SER A 472 -14.02 9.40 -7.95
N TYR A 473 -13.04 9.63 -7.07
CA TYR A 473 -13.09 10.83 -6.25
C TYR A 473 -12.92 12.09 -7.09
N THR A 474 -11.97 12.08 -8.03
CA THR A 474 -11.78 13.28 -8.82
C THR A 474 -12.91 13.49 -9.82
N HIS A 475 -13.72 12.46 -10.08
CA HIS A 475 -14.91 12.65 -10.89
C HIS A 475 -16.07 13.18 -10.07
N MET A 476 -16.15 12.82 -8.78
CA MET A 476 -17.22 13.34 -7.94
C MET A 476 -16.95 14.72 -7.38
N VAL A 477 -15.69 15.16 -7.34
CA VAL A 477 -15.44 16.50 -6.81
C VAL A 477 -15.77 17.57 -7.85
N LYS A 478 -15.68 17.21 -9.14
CA LYS A 478 -15.80 18.21 -10.19
C LYS A 478 -17.20 18.81 -10.22
N ARG A 479 -18.23 17.97 -10.14
CA ARG A 479 -19.60 18.46 -10.16
C ARG A 479 -19.84 19.46 -9.03
N ALA A 480 -19.48 19.09 -7.81
CA ALA A 480 -19.73 19.94 -6.66
C ALA A 480 -18.98 21.26 -6.80
N ASP A 481 -17.68 21.20 -7.10
CA ASP A 481 -16.93 22.45 -7.14
C ASP A 481 -17.35 23.34 -8.30
N GLU A 482 -17.79 22.76 -9.42
CA GLU A 482 -18.27 23.61 -10.50
C GLU A 482 -19.60 24.25 -10.15
N GLU A 483 -20.49 23.52 -9.45
CA GLU A 483 -21.73 24.12 -9.01
C GLU A 483 -21.48 25.26 -8.04
N LYS A 484 -20.50 25.11 -7.15
CA LYS A 484 -20.20 26.19 -6.22
C LYS A 484 -19.56 27.38 -6.93
N ALA A 485 -18.64 27.12 -7.87
CA ALA A 485 -17.98 28.19 -8.60
C ALA A 485 -18.88 28.85 -9.62
N ALA A 486 -20.05 28.28 -9.92
CA ALA A 486 -21.01 28.90 -10.83
C ALA A 486 -21.83 30.00 -10.16
N GLU A 487 -21.38 30.50 -9.01
CA GLU A 487 -22.12 31.53 -8.28
C GLU A 487 -21.20 32.65 -7.82
N CYS A 556 0.62 65.74 28.82
CA CYS A 556 1.25 64.46 28.51
C CYS A 556 1.11 64.13 27.03
N VAL A 557 1.44 65.10 26.18
CA VAL A 557 1.53 64.90 24.74
C VAL A 557 2.83 64.14 24.41
N PRO A 558 3.94 64.38 25.14
CA PRO A 558 5.08 63.45 25.03
C PRO A 558 4.71 61.98 25.14
N TRP A 559 3.53 61.67 25.68
CA TRP A 559 3.07 60.28 25.67
C TRP A 559 2.98 59.75 24.24
N GLN A 560 2.20 60.41 23.40
CA GLN A 560 2.15 59.99 22.02
C GLN A 560 3.44 60.28 21.27
N LYS A 561 4.23 61.25 21.74
CA LYS A 561 5.55 61.46 21.13
C LYS A 561 6.42 60.21 21.26
N LEU A 562 6.62 59.74 22.48
CA LEU A 562 7.34 58.50 22.68
C LEU A 562 6.57 57.29 22.15
N GLN A 563 5.25 57.42 21.95
CA GLN A 563 4.51 56.37 21.25
C GLN A 563 5.05 56.19 19.84
N GLY A 564 5.15 57.28 19.09
CA GLY A 564 5.80 57.23 17.80
C GLY A 564 7.23 56.72 17.88
N ALA A 565 7.95 57.14 18.93
CA ALA A 565 9.33 56.68 19.09
C ALA A 565 9.41 55.15 19.20
N ILE A 566 8.69 54.58 20.16
CA ILE A 566 8.76 53.13 20.37
C ILE A 566 8.17 52.40 19.18
N GLY A 567 7.17 53.00 18.52
CA GLY A 567 6.72 52.44 17.26
C GLY A 567 7.85 52.33 16.26
N ALA A 568 8.68 53.37 16.17
CA ALA A 568 9.85 53.28 15.31
C ALA A 568 10.78 52.17 15.78
N VAL A 569 10.84 51.93 17.08
CA VAL A 569 11.75 50.92 17.62
C VAL A 569 11.03 49.58 17.87
N VAL A 570 9.90 49.33 17.21
CA VAL A 570 9.21 48.06 17.32
C VAL A 570 9.06 47.38 15.96
N LEU A 571 8.57 48.11 14.96
CA LEU A 571 8.39 47.49 13.65
C LEU A 571 9.65 47.53 12.80
N SER A 572 10.74 48.09 13.31
CA SER A 572 12.02 48.02 12.62
C SER A 572 12.35 46.57 12.31
N PRO A 573 12.92 46.28 11.13
CA PRO A 573 13.22 44.90 10.78
C PRO A 573 14.26 44.24 11.66
N PHE A 574 14.89 45.00 12.57
CA PHE A 574 15.77 44.38 13.56
C PHE A 574 14.98 43.41 14.43
N PHE A 575 13.79 43.80 14.85
CA PHE A 575 13.10 43.07 15.91
C PHE A 575 12.55 41.74 15.43
N GLU A 576 12.12 41.66 14.18
CA GLU A 576 11.65 40.38 13.67
C GLU A 576 12.80 39.38 13.61
N LEU A 577 13.95 39.82 13.10
CA LEU A 577 15.16 39.00 13.16
C LEU A 577 15.49 38.58 14.59
N PHE A 578 15.47 39.55 15.50
CA PHE A 578 15.83 39.30 16.89
C PHE A 578 14.92 38.24 17.51
N ILE A 579 13.60 38.40 17.37
CA ILE A 579 12.68 37.48 17.99
C ILE A 579 12.72 36.12 17.31
N ALA A 580 12.95 36.08 16.00
CA ALA A 580 13.12 34.78 15.35
C ALA A 580 14.31 34.02 15.93
N VAL A 581 15.45 34.71 16.06
CA VAL A 581 16.63 34.04 16.60
C VAL A 581 16.39 33.63 18.05
N ILE A 582 15.65 34.45 18.80
CA ILE A 582 15.47 34.11 20.21
C ILE A 582 14.51 32.94 20.37
N ILE A 583 13.51 32.79 19.49
CA ILE A 583 12.67 31.61 19.61
C ILE A 583 13.39 30.38 19.12
N VAL A 584 14.33 30.51 18.19
CA VAL A 584 15.11 29.33 17.82
C VAL A 584 15.96 28.87 19.01
N LEU A 585 16.63 29.81 19.68
CA LEU A 585 17.38 29.42 20.88
C LEU A 585 16.45 28.88 21.96
N ASN A 586 15.19 29.33 22.00
CA ASN A 586 14.26 28.78 22.97
C ASN A 586 13.91 27.33 22.64
N ILE A 587 13.63 27.04 21.37
CA ILE A 587 13.39 25.66 20.95
C ILE A 587 14.58 24.80 21.33
N THR A 588 15.79 25.35 21.24
CA THR A 588 16.96 24.57 21.63
C THR A 588 16.97 24.32 23.14
N PHE A 589 16.81 25.37 23.95
CA PHE A 589 16.83 25.17 25.39
C PHE A 589 15.62 24.44 25.94
N MET A 590 14.62 24.11 25.13
CA MET A 590 13.49 23.35 25.64
C MET A 590 13.50 21.90 25.17
N ALA A 591 14.59 21.44 24.57
CA ALA A 591 14.63 20.09 24.02
C ALA A 591 15.91 19.36 24.40
N LEU A 592 16.50 19.66 25.55
CA LEU A 592 17.62 18.84 25.97
C LEU A 592 17.18 17.75 26.91
N ASP A 593 16.76 18.11 28.13
CA ASP A 593 16.12 17.20 29.06
C ASP A 593 16.67 15.78 29.05
N HIS A 594 17.92 15.60 29.46
CA HIS A 594 18.41 14.25 29.70
C HIS A 594 17.58 13.62 30.83
N HIS A 595 17.89 12.35 31.14
CA HIS A 595 17.16 11.71 32.23
C HIS A 595 17.76 12.04 33.59
N ASP A 596 19.10 11.98 33.71
CA ASP A 596 19.74 12.29 34.99
C ASP A 596 19.94 13.78 35.18
N MET A 597 20.60 14.43 34.22
CA MET A 597 20.58 15.89 34.09
C MET A 597 21.14 16.58 35.35
N ASN A 598 22.46 16.47 35.50
CA ASN A 598 23.20 17.07 36.61
C ASN A 598 22.76 18.49 36.95
N ILE A 599 22.88 18.86 38.23
CA ILE A 599 22.28 20.06 38.79
C ILE A 599 22.65 21.32 38.02
N GLU A 600 23.84 21.32 37.39
CA GLU A 600 24.22 22.50 36.61
C GLU A 600 23.29 22.70 35.42
N PHE A 601 23.02 21.62 34.66
CA PHE A 601 21.97 21.70 33.65
C PHE A 601 20.67 22.18 34.23
N GLU A 602 20.34 21.72 35.43
CA GLU A 602 19.09 22.11 36.06
C GLU A 602 18.99 23.63 36.18
N ARG A 603 19.96 24.24 36.87
CA ARG A 603 19.90 25.68 37.07
C ARG A 603 20.03 26.43 35.75
N ILE A 604 20.82 25.91 34.81
CA ILE A 604 20.97 26.57 33.52
C ILE A 604 19.62 26.66 32.83
N LEU A 605 18.93 25.53 32.69
CA LEU A 605 17.65 25.54 32.01
C LEU A 605 16.62 26.38 32.77
N ARG A 606 16.69 26.38 34.10
CA ARG A 606 15.76 27.20 34.87
C ARG A 606 15.94 28.68 34.53
N THR A 607 17.17 29.19 34.70
CA THR A 607 17.40 30.61 34.43
C THR A 607 17.13 30.95 32.97
N GLY A 608 17.34 30.00 32.07
CA GLY A 608 17.02 30.25 30.67
C GLY A 608 15.53 30.44 30.47
N ASN A 609 14.72 29.55 31.04
CA ASN A 609 13.28 29.71 30.96
C ASN A 609 12.86 31.06 31.51
N TYR A 610 13.47 31.47 32.63
CA TYR A 610 13.13 32.76 33.22
C TYR A 610 13.41 33.90 32.25
N ILE A 611 14.62 33.93 31.69
CA ILE A 611 14.99 34.98 30.75
C ILE A 611 14.02 35.02 29.57
N PHE A 612 13.68 33.84 29.03
CA PHE A 612 12.90 33.81 27.81
C PHE A 612 11.47 34.27 28.05
N THR A 613 10.82 33.78 29.11
CA THR A 613 9.49 34.29 29.40
C THR A 613 9.51 35.78 29.70
N SER A 614 10.60 36.26 30.32
CA SER A 614 10.70 37.68 30.62
C SER A 614 10.71 38.51 29.34
N ILE A 615 11.57 38.13 28.39
CA ILE A 615 11.68 38.96 27.18
C ILE A 615 10.42 38.87 26.35
N TYR A 616 9.82 37.68 26.24
CA TYR A 616 8.51 37.58 25.59
C TYR A 616 7.54 38.59 26.17
N ILE A 617 7.32 38.53 27.50
CA ILE A 617 6.28 39.37 28.08
C ILE A 617 6.62 40.84 27.91
N VAL A 618 7.88 41.21 28.09
CA VAL A 618 8.23 42.63 28.11
C VAL A 618 8.11 43.23 26.71
N GLU A 619 8.55 42.51 25.68
CA GLU A 619 8.46 43.09 24.36
C GLU A 619 7.05 43.02 23.80
N ALA A 620 6.27 42.02 24.19
CA ALA A 620 4.86 42.02 23.82
C ALA A 620 4.14 43.22 24.42
N VAL A 621 4.40 43.51 25.70
CA VAL A 621 3.68 44.62 26.32
C VAL A 621 4.19 45.97 25.77
N LEU A 622 5.48 46.09 25.48
CA LEU A 622 5.92 47.35 24.92
C LEU A 622 5.46 47.53 23.48
N LYS A 623 5.23 46.44 22.74
CA LYS A 623 4.60 46.58 21.43
C LYS A 623 3.14 46.95 21.58
N ILE A 624 2.50 46.50 22.67
CA ILE A 624 1.15 46.99 22.96
C ILE A 624 1.16 48.51 23.11
N ILE A 625 2.09 49.04 23.90
CA ILE A 625 2.10 50.48 24.14
C ILE A 625 2.80 51.19 22.99
N ALA A 626 3.20 50.43 21.98
CA ALA A 626 3.86 51.02 20.83
C ALA A 626 2.89 51.47 19.76
N LEU A 627 1.74 50.82 19.64
CA LEU A 627 0.74 51.19 18.66
C LEU A 627 -0.55 50.49 19.02
N SER A 628 -1.65 51.01 18.53
CA SER A 628 -2.90 50.27 18.38
C SER A 628 -3.31 49.49 19.64
N PRO A 629 -3.72 50.18 20.70
CA PRO A 629 -4.19 49.45 21.88
C PRO A 629 -5.45 48.62 21.60
N LYS A 630 -6.05 48.80 20.42
CA LYS A 630 -7.24 48.03 20.05
C LYS A 630 -7.22 47.44 18.65
N PHE A 631 -6.44 47.98 17.71
CA PHE A 631 -6.22 47.23 16.47
C PHE A 631 -5.43 45.96 16.73
N TYR A 632 -4.82 45.86 17.92
CA TYR A 632 -4.00 44.71 18.25
C TYR A 632 -4.82 43.43 18.18
N PHE A 633 -5.96 43.40 18.84
CA PHE A 633 -6.76 42.19 18.79
C PHE A 633 -7.49 42.04 17.48
N LYS A 634 -7.12 42.84 16.48
CA LYS A 634 -7.78 42.81 15.18
C LYS A 634 -6.77 42.37 14.12
N ASP A 635 -6.04 41.30 14.38
CA ASP A 635 -5.15 40.74 13.37
C ASP A 635 -5.23 39.23 13.24
N SER A 636 -5.95 38.54 14.13
CA SER A 636 -6.13 37.10 14.10
C SER A 636 -4.81 36.35 14.19
N TRP A 637 -3.73 37.04 14.54
CA TRP A 637 -2.45 36.39 14.72
C TRP A 637 -1.71 36.85 15.96
N ASN A 638 -2.10 37.95 16.58
CA ASN A 638 -1.43 38.38 17.79
C ASN A 638 -2.06 37.83 19.06
N VAL A 639 -3.30 37.35 18.99
CA VAL A 639 -3.91 36.71 20.15
C VAL A 639 -3.08 35.53 20.59
N PHE A 640 -2.45 34.83 19.64
CA PHE A 640 -1.66 33.65 19.98
C PHE A 640 -0.55 34.02 20.94
N ASP A 641 0.11 35.15 20.70
CA ASP A 641 1.19 35.60 21.57
C ASP A 641 0.67 35.93 22.97
N PHE A 642 -0.46 36.63 23.06
CA PHE A 642 -1.02 36.94 24.36
C PHE A 642 -1.34 35.66 25.13
N ILE A 643 -1.90 34.68 24.43
CA ILE A 643 -2.24 33.40 25.05
C ILE A 643 -0.99 32.74 25.62
N ILE A 644 0.07 32.67 24.82
CA ILE A 644 1.25 31.97 25.31
C ILE A 644 1.90 32.74 26.45
N VAL A 645 1.81 34.08 26.43
CA VAL A 645 2.32 34.86 27.55
C VAL A 645 1.56 34.52 28.83
N VAL A 646 0.23 34.45 28.74
CA VAL A 646 -0.58 34.11 29.91
C VAL A 646 -0.18 32.74 30.44
N PHE A 647 0.03 31.77 29.54
CA PHE A 647 0.43 30.44 29.99
C PHE A 647 1.79 30.46 30.65
N ALA A 648 2.75 31.20 30.08
CA ALA A 648 4.07 31.29 30.69
C ALA A 648 3.97 31.86 32.11
N ILE A 649 3.16 32.90 32.29
CA ILE A 649 3.04 33.51 33.60
C ILE A 649 2.44 32.54 34.60
N LEU A 650 1.31 31.92 34.25
CA LEU A 650 0.66 31.00 35.19
C LEU A 650 1.54 29.80 35.48
N GLU A 651 2.38 29.40 34.53
CA GLU A 651 3.33 28.32 34.80
C GLU A 651 4.39 28.77 35.77
N LEU A 652 4.86 30.02 35.64
CA LEU A 652 5.81 30.54 36.62
C LEU A 652 5.19 30.54 38.02
N GLY A 653 3.90 30.82 38.11
CA GLY A 653 3.26 30.90 39.40
C GLY A 653 2.92 29.58 40.07
N LEU A 654 2.06 28.80 39.43
CA LEU A 654 1.43 27.67 40.13
C LEU A 654 2.40 26.53 40.38
N GLU A 655 3.62 26.59 39.83
CA GLU A 655 4.64 25.63 40.25
C GLU A 655 5.59 26.26 41.26
N GLY A 656 5.69 27.59 41.27
CA GLY A 656 6.16 28.25 42.47
C GLY A 656 5.31 27.97 43.69
N VAL A 657 4.09 27.48 43.47
CA VAL A 657 3.23 26.94 44.53
C VAL A 657 3.19 25.44 44.26
N GLN A 658 2.42 24.67 45.02
CA GLN A 658 2.59 23.21 45.07
C GLN A 658 1.80 22.51 43.97
N GLY A 659 1.56 23.17 42.85
CA GLY A 659 0.98 22.51 41.69
C GLY A 659 2.03 21.67 40.97
N LEU A 660 1.74 20.37 40.79
CA LEU A 660 2.78 19.44 40.36
C LEU A 660 3.18 19.65 38.90
N SER A 661 2.26 19.40 37.96
CA SER A 661 2.51 19.56 36.54
C SER A 661 1.34 20.33 35.95
N VAL A 662 1.44 21.64 35.99
CA VAL A 662 0.32 22.53 35.72
C VAL A 662 0.30 22.95 34.26
N PHE A 663 1.32 23.69 33.82
CA PHE A 663 1.33 24.22 32.47
C PHE A 663 2.63 23.97 31.72
N ARG A 664 3.54 23.14 32.23
CA ARG A 664 4.73 22.81 31.46
C ARG A 664 4.38 22.05 30.19
N SER A 665 3.19 21.47 30.11
CA SER A 665 2.77 20.85 28.86
C SER A 665 2.43 21.91 27.81
N PHE A 666 1.60 22.89 28.18
CA PHE A 666 1.29 23.97 27.26
C PHE A 666 2.51 24.82 26.95
N ARG A 667 3.55 24.75 27.77
CA ARG A 667 4.82 25.38 27.44
C ARG A 667 5.35 24.94 26.08
N LEU A 668 4.89 23.80 25.57
CA LEU A 668 5.32 23.32 24.27
C LEU A 668 4.88 24.25 23.15
N LEU A 669 3.82 25.02 23.37
CA LEU A 669 3.16 25.74 22.28
C LEU A 669 4.00 26.88 21.70
N ARG A 670 5.16 27.18 22.28
CA ARG A 670 6.08 28.13 21.65
C ARG A 670 6.35 27.73 20.20
N VAL A 671 6.64 26.45 19.98
CA VAL A 671 7.29 26.01 18.75
C VAL A 671 6.46 26.37 17.52
N PHE A 672 5.13 26.35 17.67
CA PHE A 672 4.28 26.68 16.52
C PHE A 672 4.37 28.14 16.13
N ARG A 673 4.94 28.99 16.99
CA ARG A 673 5.13 30.38 16.61
C ARG A 673 6.11 30.53 15.46
N LEU A 674 6.89 29.49 15.16
CA LEU A 674 7.82 29.50 14.05
C LEU A 674 7.06 29.23 12.75
N ALA A 675 6.02 30.04 12.54
CA ALA A 675 5.22 29.92 11.33
C ALA A 675 5.08 31.22 10.57
N LYS A 676 5.67 32.32 11.05
CA LYS A 676 5.70 33.55 10.28
C LYS A 676 6.90 33.64 9.36
N PHE A 677 7.86 32.72 9.48
CA PHE A 677 9.18 32.91 8.88
C PHE A 677 9.46 31.94 7.74
N TRP A 678 9.27 30.63 7.93
CA TRP A 678 9.36 29.74 6.78
C TRP A 678 8.26 30.05 5.78
N PRO A 679 8.59 30.25 4.51
CA PRO A 679 7.52 30.29 3.50
C PRO A 679 6.92 28.92 3.25
N THR A 680 7.76 27.87 3.20
CA THR A 680 7.25 26.54 2.90
C THR A 680 6.21 26.11 3.92
N LEU A 681 6.54 26.25 5.21
CA LEU A 681 5.61 25.84 6.25
C LEU A 681 4.36 26.70 6.26
N ASN A 682 4.50 27.99 5.95
CA ASN A 682 3.34 28.85 5.89
C ASN A 682 2.38 28.42 4.79
N ASN A 683 2.92 28.07 3.62
CA ASN A 683 2.08 27.57 2.55
C ASN A 683 1.43 26.25 2.92
N PHE A 684 2.22 25.33 3.47
CA PHE A 684 1.68 24.03 3.88
C PHE A 684 0.55 24.20 4.89
N MET A 685 0.66 25.22 5.75
CA MET A 685 -0.39 25.47 6.72
C MET A 685 -1.61 26.08 6.06
N SER A 686 -1.42 27.07 5.19
CA SER A 686 -2.55 27.79 4.62
C SER A 686 -3.40 26.88 3.75
N VAL A 687 -2.74 26.08 2.90
CA VAL A 687 -3.48 25.27 1.93
C VAL A 687 -4.33 24.21 2.62
N MET A 688 -4.04 23.88 3.88
CA MET A 688 -4.96 23.04 4.64
C MET A 688 -5.97 23.86 5.42
N THR A 689 -5.55 24.98 6.00
CA THR A 689 -6.44 25.70 6.91
C THR A 689 -7.58 26.37 6.16
N LYS A 690 -7.46 26.58 4.86
CA LYS A 690 -8.59 27.10 4.10
C LYS A 690 -9.09 26.16 3.02
N SER A 691 -8.92 24.85 3.21
CA SER A 691 -9.76 23.86 2.53
C SER A 691 -9.82 22.65 3.45
N TYR A 692 -10.82 22.61 4.34
CA TYR A 692 -10.76 21.68 5.46
C TYR A 692 -12.02 20.89 5.72
N GLY A 693 -13.12 21.11 5.00
CA GLY A 693 -14.29 20.28 5.20
C GLY A 693 -14.02 18.84 4.84
N ALA A 694 -13.25 18.62 3.77
CA ALA A 694 -13.00 17.26 3.29
C ALA A 694 -12.27 16.43 4.34
N PHE A 695 -11.24 17.00 4.95
CA PHE A 695 -10.48 16.24 5.95
C PHE A 695 -11.36 15.85 7.13
N VAL A 696 -12.17 16.78 7.61
CA VAL A 696 -13.03 16.49 8.75
C VAL A 696 -14.01 15.38 8.40
N ASN A 697 -14.62 15.46 7.22
CA ASN A 697 -15.60 14.45 6.85
C ASN A 697 -14.95 13.07 6.73
N VAL A 698 -13.77 13.00 6.11
CA VAL A 698 -13.13 11.70 5.94
C VAL A 698 -12.74 11.12 7.30
N MET A 699 -12.16 11.94 8.18
CA MET A 699 -11.81 11.44 9.50
C MET A 699 -13.04 10.94 10.24
N TYR A 700 -14.16 11.65 10.11
CA TYR A 700 -15.36 11.21 10.81
C TYR A 700 -15.86 9.88 10.27
N VAL A 701 -15.90 9.73 8.96
CA VAL A 701 -16.32 8.44 8.39
C VAL A 701 -15.42 7.31 8.89
N MET A 702 -14.12 7.58 8.95
CA MET A 702 -13.16 6.55 9.35
C MET A 702 -13.39 6.10 10.79
N PHE A 703 -13.45 7.06 11.71
CA PHE A 703 -13.63 6.71 13.11
C PHE A 703 -14.98 6.04 13.35
N LEU A 704 -16.02 6.50 12.64
CA LEU A 704 -17.34 5.87 12.82
C LEU A 704 -17.33 4.44 12.32
N LEU A 705 -16.70 4.18 11.18
CA LEU A 705 -16.68 2.83 10.65
C LEU A 705 -15.98 1.88 11.61
N LEU A 706 -14.82 2.26 12.12
CA LEU A 706 -14.16 1.32 13.01
C LEU A 706 -14.81 1.26 14.40
N PHE A 707 -15.58 2.28 14.80
CA PHE A 707 -16.42 2.14 15.99
C PHE A 707 -17.47 1.04 15.79
N ILE A 708 -18.17 1.09 14.65
CA ILE A 708 -19.16 0.05 14.34
C ILE A 708 -18.52 -1.33 14.42
N PHE A 709 -17.36 -1.47 13.77
CA PHE A 709 -16.71 -2.78 13.77
C PHE A 709 -16.31 -3.21 15.17
N ALA A 710 -15.83 -2.27 15.98
CA ALA A 710 -15.43 -2.62 17.35
C ALA A 710 -16.60 -3.17 18.15
N ILE A 711 -17.76 -2.53 18.05
CA ILE A 711 -18.88 -3.03 18.85
C ILE A 711 -19.37 -4.37 18.33
N ILE A 712 -19.47 -4.52 17.01
CA ILE A 712 -19.86 -5.83 16.47
C ILE A 712 -18.93 -6.90 17.00
N GLY A 713 -17.62 -6.62 17.03
CA GLY A 713 -16.68 -7.59 17.56
C GLY A 713 -16.93 -7.90 19.02
N MET A 714 -16.97 -6.85 19.85
CA MET A 714 -17.13 -7.06 21.29
C MET A 714 -18.36 -7.89 21.60
N GLN A 715 -19.41 -7.78 20.78
CA GLN A 715 -20.60 -8.57 21.04
C GLN A 715 -20.52 -9.96 20.46
N LEU A 716 -19.75 -10.16 19.39
CA LEU A 716 -19.82 -11.42 18.68
C LEU A 716 -18.86 -12.46 19.23
N PHE A 717 -17.56 -12.16 19.27
CA PHE A 717 -16.58 -13.12 19.79
C PHE A 717 -16.51 -13.07 21.30
N GLY A 718 -16.04 -11.96 21.85
CA GLY A 718 -16.32 -11.62 23.23
C GLY A 718 -16.11 -12.75 24.21
N MET A 719 -17.24 -13.24 24.71
CA MET A 719 -17.29 -14.32 25.71
C MET A 719 -16.27 -15.42 25.48
N ASN A 720 -15.99 -15.79 24.22
CA ASN A 720 -15.11 -16.91 23.97
C ASN A 720 -13.70 -16.72 24.52
N TYR A 721 -13.28 -15.52 24.87
CA TYR A 721 -11.95 -15.39 25.44
C TYR A 721 -11.90 -15.66 26.93
N ILE A 722 -13.03 -15.87 27.61
CA ILE A 722 -13.03 -16.11 29.04
C ILE A 722 -13.46 -17.52 29.39
N ASP A 723 -14.44 -18.08 28.69
CA ASP A 723 -14.84 -19.46 28.97
C ASP A 723 -13.71 -20.43 28.67
N ASN A 724 -13.10 -20.33 27.50
CA ASN A 724 -12.04 -21.28 27.18
C ASN A 724 -10.76 -20.90 27.91
N MET A 725 -10.15 -19.77 27.54
CA MET A 725 -9.18 -19.08 28.38
C MET A 725 -7.94 -19.91 28.67
N GLU A 726 -7.91 -21.16 28.25
CA GLU A 726 -6.77 -22.00 28.58
C GLU A 726 -6.21 -22.74 27.38
N ARG A 727 -6.76 -22.54 26.19
CA ARG A 727 -6.13 -23.09 25.00
C ARG A 727 -4.91 -22.28 24.58
N PHE A 728 -4.76 -21.09 25.11
CA PHE A 728 -3.60 -20.23 24.88
C PHE A 728 -2.37 -20.89 25.48
N PRO A 729 -1.15 -20.35 25.28
CA PRO A 729 0.04 -21.04 25.79
C PRO A 729 0.02 -21.26 27.30
N ASP A 730 -0.11 -20.18 28.08
CA ASP A 730 0.05 -20.28 29.53
C ASP A 730 -1.20 -19.84 30.28
N GLY A 731 -2.37 -19.99 29.67
CA GLY A 731 -3.61 -19.72 30.35
C GLY A 731 -3.75 -18.32 30.88
N ASP A 732 -3.76 -17.33 29.98
CA ASP A 732 -3.95 -15.93 30.37
C ASP A 732 -4.28 -15.11 29.13
N LEU A 733 -5.11 -14.10 29.33
CA LEU A 733 -5.59 -13.30 28.21
C LEU A 733 -4.40 -12.65 27.50
N PRO A 734 -4.26 -12.85 26.20
CA PRO A 734 -3.23 -12.13 25.45
C PRO A 734 -3.44 -10.63 25.56
N ARG A 735 -2.39 -9.89 25.19
CA ARG A 735 -2.46 -8.44 25.33
C ARG A 735 -3.53 -7.80 24.45
N TRP A 736 -4.05 -8.51 23.45
CA TRP A 736 -5.03 -7.95 22.52
C TRP A 736 -6.22 -8.89 22.47
N ASN A 737 -7.41 -8.39 22.81
CA ASN A 737 -8.56 -9.26 22.97
C ASN A 737 -9.84 -8.45 22.88
N PHE A 738 -10.94 -9.16 22.62
CA PHE A 738 -12.27 -8.56 22.64
C PHE A 738 -12.95 -8.87 23.97
N THR A 739 -12.62 -8.09 24.99
CA THR A 739 -13.35 -8.21 26.25
C THR A 739 -13.96 -6.91 26.72
N ASP A 740 -13.25 -5.80 26.60
CA ASP A 740 -13.75 -4.49 26.94
C ASP A 740 -13.87 -3.68 25.66
N PHE A 741 -14.52 -2.52 25.73
CA PHE A 741 -14.65 -1.71 24.53
C PHE A 741 -13.30 -1.19 24.07
N LEU A 742 -12.47 -0.75 25.00
CA LEU A 742 -11.19 -0.14 24.62
C LEU A 742 -10.30 -1.11 23.88
N HIS A 743 -10.13 -2.32 24.42
CA HIS A 743 -9.29 -3.30 23.74
C HIS A 743 -9.85 -3.65 22.38
N SER A 744 -11.18 -3.67 22.24
CA SER A 744 -11.78 -4.01 20.96
C SER A 744 -11.50 -2.93 19.93
N PHE A 745 -11.74 -1.67 20.29
CA PHE A 745 -11.37 -0.55 19.44
C PHE A 745 -9.92 -0.66 19.01
N MET A 746 -9.04 -1.00 19.95
CA MET A 746 -7.62 -1.03 19.63
C MET A 746 -7.28 -2.15 18.66
N ILE A 747 -7.90 -3.32 18.81
CA ILE A 747 -7.54 -4.41 17.91
C ILE A 747 -8.09 -4.17 16.52
N VAL A 748 -9.26 -3.52 16.42
CA VAL A 748 -9.73 -3.20 15.07
C VAL A 748 -8.86 -2.10 14.45
N PHE A 749 -8.39 -1.16 15.26
CA PHE A 749 -7.47 -0.15 14.72
C PHE A 749 -6.19 -0.79 14.21
N ARG A 750 -5.62 -1.71 15.00
CA ARG A 750 -4.41 -2.40 14.57
C ARG A 750 -4.66 -3.23 13.33
N ALA A 751 -5.88 -3.73 13.14
CA ALA A 751 -6.18 -4.42 11.89
C ALA A 751 -6.32 -3.45 10.73
N LEU A 752 -6.70 -2.20 11.01
CA LEU A 752 -6.79 -1.22 9.94
C LEU A 752 -5.41 -0.77 9.47
N CYS A 753 -4.50 -0.50 10.40
CA CYS A 753 -3.20 0.02 10.02
C CYS A 753 -2.37 -0.94 9.20
N GLY A 754 -2.81 -2.19 9.01
CA GLY A 754 -2.10 -3.07 8.11
C GLY A 754 -1.91 -4.49 8.60
N GLU A 755 -1.94 -4.70 9.91
CA GLU A 755 -1.61 -6.00 10.51
C GLU A 755 -2.89 -6.67 10.98
N TRP A 756 -3.27 -7.76 10.31
CA TRP A 756 -4.52 -8.44 10.63
C TRP A 756 -4.38 -9.94 10.83
N ILE A 757 -3.21 -10.51 10.61
CA ILE A 757 -3.10 -11.96 10.63
C ILE A 757 -2.83 -12.48 12.03
N GLU A 758 -1.99 -11.80 12.81
CA GLU A 758 -1.64 -12.33 14.12
C GLU A 758 -2.77 -12.23 15.12
N SER A 759 -3.87 -11.55 14.78
CA SER A 759 -5.06 -11.58 15.60
C SER A 759 -6.09 -12.57 15.09
N MET A 760 -5.99 -13.00 13.83
CA MET A 760 -6.92 -13.99 13.32
C MET A 760 -6.65 -15.36 13.91
N TRP A 761 -5.40 -15.68 14.21
CA TRP A 761 -5.09 -16.99 14.78
C TRP A 761 -5.73 -17.15 16.15
N ASP A 762 -5.63 -16.13 16.99
CA ASP A 762 -6.24 -16.24 18.32
C ASP A 762 -7.75 -16.34 18.22
N CYS A 763 -8.39 -15.48 17.41
CA CYS A 763 -9.83 -15.56 17.23
C CYS A 763 -10.24 -16.95 16.78
N MET A 764 -9.62 -17.45 15.72
CA MET A 764 -9.95 -18.75 15.15
C MET A 764 -9.52 -19.90 16.03
N LEU A 765 -8.78 -19.64 17.10
CA LEU A 765 -8.39 -20.73 17.98
C LEU A 765 -9.44 -21.05 19.04
N VAL A 766 -10.33 -20.10 19.34
CA VAL A 766 -11.37 -20.33 20.32
C VAL A 766 -12.75 -20.45 19.69
N GLY A 767 -12.96 -19.87 18.51
CA GLY A 767 -14.18 -20.08 17.75
C GLY A 767 -13.84 -20.64 16.38
N ASP A 768 -14.53 -21.72 16.00
CA ASP A 768 -14.07 -22.54 14.89
C ASP A 768 -13.94 -21.72 13.61
N TRP A 769 -14.94 -20.93 13.27
CA TRP A 769 -14.82 -20.04 12.14
C TRP A 769 -15.66 -18.81 12.43
N SER A 770 -15.98 -18.04 11.39
CA SER A 770 -16.56 -16.71 11.47
C SER A 770 -15.59 -15.71 12.08
N CYS A 771 -14.31 -16.05 12.14
CA CYS A 771 -13.29 -15.05 12.37
C CYS A 771 -12.61 -14.63 11.08
N ILE A 772 -12.80 -15.39 10.00
CA ILE A 772 -12.18 -15.07 8.72
C ILE A 772 -12.95 -13.96 8.00
N PRO A 773 -14.26 -14.08 7.78
CA PRO A 773 -14.96 -12.98 7.11
C PRO A 773 -14.85 -11.66 7.85
N PHE A 774 -14.93 -11.70 9.17
CA PHE A 774 -14.83 -10.47 9.96
C PHE A 774 -13.55 -9.71 9.64
N PHE A 775 -12.40 -10.38 9.80
CA PHE A 775 -11.14 -9.68 9.66
C PHE A 775 -10.83 -9.33 8.21
N VAL A 776 -11.16 -10.23 7.28
CA VAL A 776 -10.95 -9.90 5.87
C VAL A 776 -11.77 -8.68 5.50
N ALA A 777 -12.98 -8.56 6.03
CA ALA A 777 -13.81 -7.40 5.71
C ALA A 777 -13.24 -6.15 6.33
N VAL A 778 -12.88 -6.19 7.62
CA VAL A 778 -12.37 -4.98 8.26
C VAL A 778 -11.05 -4.55 7.65
N PHE A 779 -10.35 -5.45 6.97
CA PHE A 779 -9.20 -5.02 6.21
C PHE A 779 -9.60 -4.41 4.88
N PHE A 780 -10.56 -5.03 4.19
CA PHE A 780 -10.87 -4.63 2.83
C PHE A 780 -11.59 -3.28 2.79
N VAL A 781 -12.58 -3.07 3.65
CA VAL A 781 -13.26 -1.79 3.76
C VAL A 781 -12.54 -0.85 4.70
N GLY A 782 -11.35 -1.25 5.17
CA GLY A 782 -10.52 -0.48 6.06
C GLY A 782 -9.41 0.19 5.29
N ASN A 783 -8.25 -0.45 5.22
CA ASN A 783 -7.11 0.07 4.49
C ASN A 783 -7.45 0.37 3.04
N LEU A 784 -7.76 -0.67 2.26
CA LEU A 784 -7.77 -0.58 0.80
C LEU A 784 -8.77 0.43 0.24
N VAL A 785 -9.78 0.84 1.00
CA VAL A 785 -10.78 1.78 0.50
C VAL A 785 -10.63 3.15 1.16
N ILE A 786 -10.68 3.21 2.49
CA ILE A 786 -10.64 4.52 3.12
C ILE A 786 -9.24 5.13 3.04
N LEU A 787 -8.18 4.37 3.34
CA LEU A 787 -6.86 4.98 3.26
C LEU A 787 -6.53 5.39 1.84
N ASN A 788 -6.91 4.58 0.85
CA ASN A 788 -6.74 5.00 -0.54
C ASN A 788 -7.56 6.24 -0.84
N LEU A 789 -8.70 6.41 -0.17
CA LEU A 789 -9.46 7.64 -0.35
C LEU A 789 -8.70 8.82 0.22
N LEU A 790 -7.96 8.62 1.31
CA LEU A 790 -7.18 9.73 1.87
C LEU A 790 -6.05 10.13 0.93
N ILE A 791 -5.33 9.15 0.37
CA ILE A 791 -4.32 9.47 -0.64
C ILE A 791 -4.95 10.17 -1.82
N ALA A 792 -6.18 9.82 -2.17
CA ALA A 792 -6.86 10.50 -3.27
C ALA A 792 -7.30 11.90 -2.89
N LEU A 793 -7.01 12.34 -1.67
CA LEU A 793 -7.41 13.67 -1.24
C LEU A 793 -6.22 14.59 -1.00
N LEU A 794 -5.06 14.03 -0.68
CA LEU A 794 -3.83 14.81 -0.68
C LEU A 794 -3.31 15.05 -2.09
N LEU A 795 -4.03 14.62 -3.12
CA LEU A 795 -3.50 14.66 -4.47
C LEU A 795 -4.13 15.76 -5.31
N ASN A 796 -5.25 16.33 -4.89
CA ASN A 796 -5.76 17.54 -5.52
C ASN A 796 -5.77 18.71 -4.54
N ASN A 797 -4.82 18.73 -3.61
CA ASN A 797 -4.56 19.89 -2.77
C ASN A 797 -3.09 20.20 -2.58
N TYR A 798 -2.19 19.32 -2.98
CA TYR A 798 -0.75 19.52 -2.79
C TYR A 798 0.01 19.11 -4.05
N GLY A 799 -0.48 19.53 -5.20
CA GLY A 799 0.16 19.23 -6.47
C GLY A 799 -0.35 20.11 -7.59
N SER A 891 56.44 26.70 -32.52
CA SER A 891 55.82 25.97 -33.63
C SER A 891 55.28 24.63 -33.17
N VAL A 892 55.59 24.24 -31.93
CA VAL A 892 55.08 22.98 -31.40
C VAL A 892 53.57 23.05 -31.19
N GLN A 893 53.01 24.26 -31.16
CA GLN A 893 51.58 24.51 -31.17
C GLN A 893 50.86 23.62 -32.18
N ARG A 894 51.52 23.35 -33.31
CA ARG A 894 50.99 22.43 -34.30
C ARG A 894 50.61 21.09 -33.67
N MET A 895 51.57 20.43 -33.02
CA MET A 895 51.26 19.11 -32.48
C MET A 895 50.50 19.18 -31.17
N TRP A 896 50.54 20.30 -30.44
CA TRP A 896 49.60 20.49 -29.34
C TRP A 896 48.17 20.40 -29.87
N SER A 897 47.88 21.18 -30.91
CA SER A 897 46.58 21.09 -31.55
C SER A 897 46.34 19.70 -32.12
N ASN A 898 47.39 19.04 -32.61
CA ASN A 898 47.22 17.73 -33.21
C ASN A 898 46.82 16.69 -32.18
N ILE A 899 47.45 16.73 -31.00
CA ILE A 899 47.06 15.78 -29.96
C ILE A 899 45.66 16.07 -29.48
N ARG A 900 45.31 17.36 -29.32
CA ARG A 900 43.93 17.65 -28.95
C ARG A 900 42.97 17.07 -29.99
N ARG A 901 43.30 17.20 -31.27
CA ARG A 901 42.40 16.71 -32.30
C ARG A 901 42.30 15.19 -32.27
N VAL A 902 43.41 14.51 -32.00
CA VAL A 902 43.34 13.05 -32.11
C VAL A 902 42.66 12.46 -30.88
N CYS A 903 42.85 13.07 -29.70
CA CYS A 903 42.08 12.56 -28.57
C CYS A 903 40.60 12.88 -28.75
N PHE A 904 40.28 14.05 -29.32
CA PHE A 904 38.90 14.34 -29.64
C PHE A 904 38.35 13.30 -30.62
N LEU A 905 39.17 12.83 -31.55
CA LEU A 905 38.69 11.89 -32.54
C LEU A 905 38.46 10.50 -31.93
N LEU A 906 39.35 10.08 -31.04
CA LEU A 906 39.18 8.76 -30.45
C LEU A 906 38.10 8.74 -29.39
N ALA A 907 37.92 9.84 -28.66
CA ALA A 907 37.06 9.81 -27.48
C ALA A 907 35.59 9.58 -27.83
N LYS A 908 35.20 9.83 -29.08
CA LYS A 908 33.79 9.74 -29.45
C LYS A 908 33.50 8.55 -30.34
N ASN A 909 34.49 7.73 -30.67
CA ASN A 909 34.25 6.51 -31.43
C ASN A 909 33.43 5.54 -30.60
N LYS A 910 32.46 4.88 -31.25
CA LYS A 910 31.53 4.02 -30.52
C LYS A 910 32.24 2.86 -29.84
N TYR A 911 33.21 2.26 -30.52
CA TYR A 911 33.84 1.04 -30.01
C TYR A 911 34.60 1.33 -28.73
N PHE A 912 35.26 2.47 -28.63
CA PHE A 912 35.95 2.81 -27.38
C PHE A 912 34.97 2.90 -26.22
N GLN A 913 33.79 3.47 -26.47
CA GLN A 913 32.80 3.58 -25.41
C GLN A 913 32.27 2.22 -24.98
N LYS A 914 31.96 1.36 -25.96
CA LYS A 914 31.56 0.00 -25.60
C LYS A 914 32.66 -0.69 -24.80
N PHE A 915 33.92 -0.44 -25.16
CA PHE A 915 35.01 -1.08 -24.45
C PHE A 915 35.08 -0.64 -23.00
N VAL A 916 34.98 0.67 -22.75
CA VAL A 916 35.10 1.15 -21.37
C VAL A 916 33.91 0.67 -20.54
N THR A 917 32.71 0.68 -21.13
CA THR A 917 31.56 0.17 -20.41
C THR A 917 31.73 -1.30 -20.05
N ALA A 918 32.22 -2.10 -21.00
CA ALA A 918 32.39 -3.52 -20.76
C ALA A 918 33.44 -3.79 -19.70
N VAL A 919 34.54 -3.02 -19.71
CA VAL A 919 35.56 -3.26 -18.71
C VAL A 919 35.06 -2.89 -17.32
N LEU A 920 34.28 -1.80 -17.21
CA LEU A 920 33.66 -1.49 -15.93
C LEU A 920 32.79 -2.63 -15.44
N VAL A 921 31.89 -3.13 -16.30
CA VAL A 921 30.96 -4.16 -15.86
C VAL A 921 31.69 -5.43 -15.45
N ILE A 922 32.71 -5.84 -16.22
CA ILE A 922 33.33 -7.12 -15.95
C ILE A 922 34.30 -7.04 -14.78
N THR A 923 34.87 -5.87 -14.49
CA THR A 923 35.66 -5.75 -13.28
C THR A 923 34.80 -5.42 -12.07
N SER A 924 33.54 -5.07 -12.27
CA SER A 924 32.65 -4.85 -11.15
C SER A 924 31.98 -6.13 -10.68
N VAL A 925 31.51 -6.96 -11.61
CA VAL A 925 30.87 -8.21 -11.20
C VAL A 925 31.83 -9.04 -10.35
N LEU A 926 33.13 -8.96 -10.64
CA LEU A 926 34.12 -9.73 -9.90
C LEU A 926 34.23 -9.28 -8.46
N LEU A 927 33.68 -8.13 -8.11
CA LEU A 927 33.72 -7.64 -6.75
C LEU A 927 32.75 -8.37 -5.82
N ALA A 928 31.97 -9.30 -6.35
CA ALA A 928 31.00 -10.00 -5.54
C ALA A 928 31.64 -11.09 -4.70
N LEU A 929 32.46 -11.93 -5.32
CA LEU A 929 32.95 -13.16 -4.67
C LEU A 929 34.15 -12.87 -3.76
N GLU A 930 33.98 -11.88 -2.90
CA GLU A 930 34.95 -11.52 -1.87
C GLU A 930 34.38 -11.78 -0.49
N ASP A 931 33.75 -12.93 -0.33
CA ASP A 931 33.01 -13.27 0.88
C ASP A 931 33.92 -13.90 1.91
N ILE A 932 33.30 -14.44 2.98
CA ILE A 932 34.02 -15.28 3.91
C ILE A 932 34.60 -16.47 3.15
N TYR A 933 35.65 -17.05 3.72
CA TYR A 933 36.49 -18.03 3.04
C TYR A 933 36.84 -17.58 1.63
N LEU A 934 37.36 -16.37 1.55
CA LEU A 934 38.18 -15.98 0.43
C LEU A 934 39.59 -16.51 0.65
N PRO A 935 40.19 -16.35 1.84
CA PRO A 935 41.51 -16.93 2.06
C PRO A 935 41.63 -18.41 1.71
N GLN A 936 40.58 -19.20 1.90
CA GLN A 936 40.71 -20.63 1.63
C GLN A 936 40.81 -20.91 0.14
N ARG A 937 40.53 -19.92 -0.70
CA ARG A 937 40.79 -20.06 -2.11
C ARG A 937 42.00 -19.20 -2.46
N PRO A 938 43.22 -19.72 -2.25
CA PRO A 938 44.38 -18.83 -2.23
C PRO A 938 44.72 -18.21 -3.56
N VAL A 939 44.14 -18.68 -4.66
CA VAL A 939 44.50 -18.12 -5.96
C VAL A 939 43.70 -16.85 -6.24
N LEU A 940 42.51 -16.72 -5.64
CA LEU A 940 41.69 -15.55 -5.92
C LEU A 940 42.36 -14.27 -5.45
N VAL A 941 43.07 -14.32 -4.33
CA VAL A 941 43.69 -13.11 -3.80
C VAL A 941 44.68 -12.55 -4.83
N ASN A 942 45.50 -13.43 -5.41
CA ASN A 942 46.48 -12.98 -6.40
C ASN A 942 45.79 -12.36 -7.61
N ILE A 943 44.75 -13.03 -8.11
CA ILE A 943 44.13 -12.54 -9.34
C ILE A 943 43.42 -11.22 -9.09
N THR A 944 42.84 -11.05 -7.89
CA THR A 944 42.16 -9.79 -7.64
C THR A 944 43.16 -8.66 -7.41
N LEU A 945 44.34 -8.95 -6.85
CA LEU A 945 45.36 -7.91 -6.77
C LEU A 945 45.83 -7.50 -8.16
N TYR A 946 46.07 -8.47 -9.04
CA TYR A 946 46.45 -8.11 -10.40
C TYR A 946 45.37 -7.28 -11.06
N VAL A 947 44.11 -7.65 -10.83
CA VAL A 947 43.01 -6.90 -11.42
C VAL A 947 43.02 -5.46 -10.94
N ASP A 948 43.22 -5.23 -9.64
CA ASP A 948 43.14 -3.84 -9.20
C ASP A 948 44.35 -3.04 -9.65
N TYR A 949 45.51 -3.69 -9.83
CA TYR A 949 46.64 -2.98 -10.41
C TYR A 949 46.33 -2.52 -11.83
N VAL A 950 45.92 -3.46 -12.69
CA VAL A 950 45.63 -3.07 -14.07
C VAL A 950 44.47 -2.07 -14.10
N LEU A 951 43.60 -2.13 -13.10
CA LEU A 951 42.49 -1.18 -13.03
C LEU A 951 42.98 0.23 -12.73
N THR A 952 43.88 0.39 -11.76
CA THR A 952 44.35 1.74 -11.47
C THR A 952 45.13 2.30 -12.65
N ALA A 953 45.89 1.43 -13.35
CA ALA A 953 46.53 1.86 -14.58
C ALA A 953 45.50 2.36 -15.59
N PHE A 954 44.44 1.57 -15.82
CA PHE A 954 43.45 1.92 -16.81
C PHE A 954 42.77 3.25 -16.48
N PHE A 955 42.41 3.43 -15.22
CA PHE A 955 41.73 4.67 -14.83
C PHE A 955 42.62 5.87 -15.06
N VAL A 956 43.88 5.81 -14.60
CA VAL A 956 44.72 6.98 -14.76
C VAL A 956 45.02 7.26 -16.23
N ILE A 957 45.04 6.24 -17.09
CA ILE A 957 45.28 6.51 -18.51
C ILE A 957 44.06 7.15 -19.16
N GLU A 958 42.87 6.58 -18.94
CA GLU A 958 41.71 7.11 -19.62
C GLU A 958 41.36 8.51 -19.14
N MET A 959 41.74 8.85 -17.90
CA MET A 959 41.52 10.22 -17.47
C MET A 959 42.40 11.19 -18.26
N ILE A 960 43.65 10.82 -18.51
CA ILE A 960 44.51 11.65 -19.38
C ILE A 960 43.87 11.81 -20.74
N ILE A 961 43.40 10.70 -21.32
CA ILE A 961 42.80 10.75 -22.65
C ILE A 961 41.65 11.77 -22.68
N MET A 962 40.62 11.54 -21.86
CA MET A 962 39.47 12.43 -21.93
C MET A 962 39.80 13.84 -21.46
N LEU A 963 40.83 14.02 -20.63
CA LEU A 963 41.17 15.36 -20.19
C LEU A 963 41.80 16.15 -21.31
N PHE A 964 42.60 15.50 -22.16
CA PHE A 964 43.01 16.20 -23.37
C PHE A 964 41.84 16.36 -24.33
N ALA A 965 40.86 15.46 -24.29
CA ALA A 965 39.79 15.51 -25.28
C ALA A 965 38.84 16.68 -25.05
N VAL A 966 38.17 16.71 -23.90
CA VAL A 966 37.06 17.66 -23.78
C VAL A 966 37.57 19.05 -23.41
N GLY A 967 38.77 19.15 -22.87
CA GLY A 967 39.25 20.46 -22.46
C GLY A 967 39.03 20.69 -20.97
N PHE A 968 39.92 21.48 -20.39
CA PHE A 968 40.01 21.55 -18.93
C PHE A 968 38.72 22.07 -18.32
N LYS A 969 38.36 23.33 -18.61
CA LYS A 969 37.30 23.97 -17.84
C LYS A 969 35.95 23.32 -18.06
N LYS A 970 35.77 22.60 -19.17
CA LYS A 970 34.54 21.85 -19.36
C LYS A 970 34.66 20.42 -18.86
N TYR A 971 35.53 20.19 -17.88
CA TYR A 971 35.70 18.89 -17.26
C TYR A 971 35.55 18.92 -15.76
N PHE A 972 35.61 20.08 -15.12
CA PHE A 972 35.40 20.17 -13.69
C PHE A 972 34.00 20.69 -13.33
N THR A 973 33.39 21.49 -14.21
CA THR A 973 32.05 21.98 -13.91
C THR A 973 30.97 20.96 -14.27
N SER A 974 31.34 19.91 -15.00
CA SER A 974 30.40 18.85 -15.32
C SER A 974 30.22 17.92 -14.14
N LYS A 975 28.99 17.45 -13.95
CA LYS A 975 28.68 16.63 -12.79
C LYS A 975 29.26 15.23 -12.92
N TRP A 976 29.04 14.58 -14.07
CA TRP A 976 29.42 13.18 -14.20
C TRP A 976 30.90 12.97 -13.99
N TYR A 977 31.73 13.78 -14.66
CA TYR A 977 33.17 13.53 -14.63
C TYR A 977 33.77 13.67 -13.23
N TRP A 978 33.09 14.35 -12.32
CA TRP A 978 33.58 14.42 -10.95
C TRP A 978 33.60 13.03 -10.30
N LEU A 979 32.63 12.17 -10.63
CA LEU A 979 32.68 10.81 -10.14
C LEU A 979 33.98 10.13 -10.54
N ASP A 980 34.35 10.26 -11.81
CA ASP A 980 35.60 9.66 -12.27
C ASP A 980 36.80 10.28 -11.56
N PHE A 981 36.76 11.59 -11.35
CA PHE A 981 37.88 12.21 -10.65
C PHE A 981 38.02 11.64 -9.24
N ILE A 982 36.91 11.49 -8.52
CA ILE A 982 37.00 10.98 -7.16
C ILE A 982 37.52 9.55 -7.15
N VAL A 983 37.03 8.71 -8.07
CA VAL A 983 37.49 7.32 -8.02
C VAL A 983 38.96 7.23 -8.39
N VAL A 984 39.44 8.08 -9.31
CA VAL A 984 40.84 7.95 -9.69
C VAL A 984 41.74 8.48 -8.59
N VAL A 985 41.32 9.54 -7.90
CA VAL A 985 42.15 10.04 -6.79
C VAL A 985 42.15 9.03 -5.66
N ALA A 986 41.04 8.30 -5.48
CA ALA A 986 41.01 7.27 -4.45
C ALA A 986 41.96 6.14 -4.78
N TYR A 987 41.93 5.66 -6.02
CA TYR A 987 42.85 4.60 -6.40
C TYR A 987 44.30 5.06 -6.34
N LEU A 988 44.58 6.33 -6.64
CA LEU A 988 45.94 6.83 -6.50
C LEU A 988 46.37 6.81 -5.04
N LEU A 989 45.61 7.48 -4.16
CA LEU A 989 45.95 7.48 -2.74
C LEU A 989 46.09 6.06 -2.20
N ASN A 990 45.37 5.10 -2.78
CA ASN A 990 45.51 3.73 -2.32
C ASN A 990 46.76 3.07 -2.86
N PHE A 991 47.19 3.42 -4.08
CA PHE A 991 48.35 2.75 -4.65
C PHE A 991 49.62 3.12 -3.90
N VAL A 992 49.88 4.42 -3.74
CA VAL A 992 51.12 4.87 -3.16
C VAL A 992 51.37 4.28 -1.78
N LEU A 993 50.34 3.72 -1.15
CA LEU A 993 50.51 3.07 0.15
C LEU A 993 51.17 1.70 -0.02
N MET A 994 52.34 1.74 -0.60
CA MET A 994 53.25 0.60 -0.63
C MET A 994 54.63 0.96 -0.12
N CYS A 995 55.12 2.17 -0.43
CA CYS A 995 56.37 2.64 0.15
C CYS A 995 56.28 2.66 1.66
N ALA A 996 55.09 2.96 2.19
CA ALA A 996 54.88 2.87 3.64
C ALA A 996 54.66 1.43 4.09
N GLY A 997 54.38 0.52 3.16
CA GLY A 997 54.11 -0.86 3.50
C GLY A 997 52.79 -1.12 4.18
N ILE A 998 52.01 -0.08 4.48
CA ILE A 998 50.71 -0.27 5.11
C ILE A 998 49.77 -0.96 4.15
N GLU A 999 48.96 -1.87 4.68
CA GLU A 999 48.03 -2.62 3.83
C GLU A 999 46.92 -1.71 3.32
N ALA A 1000 46.37 -2.07 2.17
CA ALA A 1000 45.44 -1.20 1.46
C ALA A 1000 44.10 -1.19 2.17
N LEU A 1001 43.65 0.00 2.58
CA LEU A 1001 42.38 0.10 3.28
C LEU A 1001 41.22 -0.17 2.35
N GLN A 1002 40.21 -0.86 2.88
CA GLN A 1002 39.20 -1.52 2.05
C GLN A 1002 38.16 -0.55 1.51
N THR A 1003 37.63 0.33 2.36
CA THR A 1003 36.47 1.13 1.99
C THR A 1003 36.75 1.99 0.77
N LEU A 1004 38.02 2.19 0.42
CA LEU A 1004 38.31 3.02 -0.75
C LEU A 1004 38.27 2.20 -2.03
N ARG A 1005 38.77 0.96 -2.01
CA ARG A 1005 38.80 0.19 -3.24
C ARG A 1005 37.43 -0.33 -3.65
N LEU A 1006 36.38 0.03 -2.92
CA LEU A 1006 35.02 -0.31 -3.32
C LEU A 1006 34.32 0.83 -4.05
N LEU A 1007 34.92 2.02 -4.08
CA LEU A 1007 34.28 3.16 -4.74
C LEU A 1007 34.20 2.94 -6.24
N ARG A 1008 34.64 1.77 -6.71
CA ARG A 1008 34.58 1.45 -8.12
C ARG A 1008 33.15 1.28 -8.60
N VAL A 1009 32.22 0.89 -7.71
CA VAL A 1009 30.88 0.53 -8.15
C VAL A 1009 30.16 1.72 -8.75
N PHE A 1010 30.48 2.94 -8.30
CA PHE A 1010 29.64 4.08 -8.65
C PHE A 1010 29.73 4.44 -10.12
N ARG A 1011 30.86 4.19 -10.78
CA ARG A 1011 30.92 4.43 -12.21
C ARG A 1011 29.87 3.60 -12.96
N LEU A 1012 29.44 2.49 -12.37
CA LEU A 1012 28.39 1.67 -12.94
C LEU A 1012 27.09 2.44 -13.15
N PHE A 1013 26.97 3.66 -12.61
CA PHE A 1013 25.77 4.44 -12.83
C PHE A 1013 25.78 5.20 -14.15
N ARG A 1014 26.94 5.37 -14.78
CA ARG A 1014 26.97 6.19 -15.99
C ARG A 1014 26.39 5.47 -17.19
N PRO A 1015 26.79 4.24 -17.53
CA PRO A 1015 26.12 3.56 -18.64
C PRO A 1015 24.66 3.27 -18.38
N LEU A 1016 24.29 2.98 -17.13
CA LEU A 1016 22.90 2.65 -16.82
C LEU A 1016 21.93 3.70 -17.34
N SER A 1017 22.32 4.95 -17.28
CA SER A 1017 21.44 6.03 -17.70
C SER A 1017 21.25 6.09 -19.19
N LYS A 1018 21.68 5.13 -20.00
CA LYS A 1018 21.48 5.21 -21.44
C LYS A 1018 20.85 3.96 -22.02
N VAL A 1019 20.09 3.21 -21.23
CA VAL A 1019 19.32 2.09 -21.76
C VAL A 1019 18.08 2.67 -22.42
N ASN A 1020 17.62 2.04 -23.50
CA ASN A 1020 16.56 2.65 -24.32
C ASN A 1020 15.26 2.62 -23.53
N GLY A 1021 14.99 3.72 -22.85
CA GLY A 1021 13.77 3.85 -22.10
C GLY A 1021 14.01 4.13 -20.63
N MET A 1022 15.18 4.66 -20.29
CA MET A 1022 15.45 5.11 -18.93
C MET A 1022 15.77 6.60 -18.90
N GLN A 1023 15.25 7.36 -19.86
CA GLN A 1023 15.33 8.82 -19.74
C GLN A 1023 14.26 9.33 -18.80
N VAL A 1024 13.05 8.78 -18.92
CA VAL A 1024 11.91 9.25 -18.14
C VAL A 1024 12.16 9.08 -16.65
N VAL A 1025 12.63 7.90 -16.25
CA VAL A 1025 12.71 7.58 -14.83
C VAL A 1025 13.78 8.42 -14.13
N THR A 1026 14.99 8.44 -14.69
CA THR A 1026 16.03 9.25 -14.06
C THR A 1026 15.68 10.72 -14.09
N SER A 1027 15.09 11.21 -15.19
CA SER A 1027 14.73 12.62 -15.23
C SER A 1027 13.71 12.95 -14.15
N THR A 1028 12.71 12.09 -13.94
CA THR A 1028 11.71 12.42 -12.94
C THR A 1028 12.27 12.30 -11.53
N LEU A 1029 13.19 11.39 -11.27
CA LEU A 1029 13.81 11.36 -9.94
C LEU A 1029 14.62 12.62 -9.67
N VAL A 1030 15.47 12.99 -10.64
CA VAL A 1030 16.37 14.13 -10.44
C VAL A 1030 15.62 15.43 -10.46
N GLU A 1031 14.39 15.45 -10.96
CA GLU A 1031 13.57 16.63 -10.79
C GLU A 1031 12.74 16.60 -9.51
N ALA A 1032 12.41 15.41 -9.01
CA ALA A 1032 11.61 15.32 -7.81
C ALA A 1032 12.38 15.63 -6.54
N VAL A 1033 13.70 15.43 -6.54
CA VAL A 1033 14.51 15.60 -5.33
C VAL A 1033 14.17 16.84 -4.50
N PRO A 1034 14.16 18.06 -5.07
CA PRO A 1034 13.98 19.25 -4.23
C PRO A 1034 12.65 19.34 -3.52
N HIS A 1035 11.67 18.53 -3.89
CA HIS A 1035 10.43 18.48 -3.11
C HIS A 1035 10.52 17.44 -1.99
N ILE A 1036 11.18 16.32 -2.29
CA ILE A 1036 11.45 15.32 -1.26
C ILE A 1036 12.11 15.98 -0.07
N PHE A 1037 13.10 16.85 -0.34
CA PHE A 1037 13.82 17.46 0.77
C PHE A 1037 12.91 18.35 1.62
N ASN A 1038 12.05 19.12 0.96
CA ASN A 1038 11.15 20.01 1.68
C ASN A 1038 10.20 19.22 2.57
N VAL A 1039 9.66 18.12 2.05
CA VAL A 1039 8.77 17.30 2.86
C VAL A 1039 9.52 16.70 4.04
N ILE A 1040 10.77 16.28 3.81
CA ILE A 1040 11.58 15.76 4.92
C ILE A 1040 11.69 16.81 6.02
N LEU A 1041 11.90 18.06 5.65
CA LEU A 1041 12.05 19.11 6.66
C LEU A 1041 10.76 19.29 7.47
N VAL A 1042 9.62 19.39 6.79
CA VAL A 1042 8.36 19.54 7.52
C VAL A 1042 8.13 18.37 8.46
N GLY A 1043 8.47 17.16 8.00
CA GLY A 1043 8.32 16.00 8.85
C GLY A 1043 9.21 16.06 10.08
N ILE A 1044 10.46 16.47 9.90
CA ILE A 1044 11.35 16.67 11.05
C ILE A 1044 10.71 17.58 12.06
N PHE A 1045 10.08 18.67 11.58
CA PHE A 1045 9.47 19.62 12.50
C PHE A 1045 8.36 18.97 13.33
N PHE A 1046 7.39 18.33 12.66
CA PHE A 1046 6.28 17.75 13.40
C PHE A 1046 6.75 16.66 14.36
N TRP A 1047 7.72 15.85 13.94
CA TRP A 1047 8.19 14.80 14.82
C TRP A 1047 8.94 15.38 16.02
N LEU A 1048 9.62 16.52 15.85
CA LEU A 1048 10.19 17.19 17.01
C LEU A 1048 9.12 17.57 18.00
N VAL A 1049 8.02 18.14 17.49
CA VAL A 1049 6.93 18.55 18.38
C VAL A 1049 6.40 17.37 19.16
N PHE A 1050 6.34 16.19 18.53
CA PHE A 1050 5.86 15.03 19.28
C PHE A 1050 6.91 14.45 20.22
N ALA A 1051 8.19 14.51 19.86
CA ALA A 1051 9.20 13.83 20.65
C ALA A 1051 9.53 14.60 21.93
N ILE A 1052 9.55 15.93 21.87
CA ILE A 1052 9.95 16.66 23.07
C ILE A 1052 8.82 16.62 24.09
N MET A 1053 7.71 15.95 23.75
CA MET A 1053 6.67 15.62 24.72
C MET A 1053 6.71 14.16 25.13
N GLY A 1054 6.99 13.27 24.19
CA GLY A 1054 7.22 11.89 24.55
C GLY A 1054 8.28 11.77 25.64
N VAL A 1055 9.30 12.63 25.58
CA VAL A 1055 10.35 12.59 26.60
C VAL A 1055 9.76 12.88 27.98
N GLN A 1056 9.07 14.01 28.13
CA GLN A 1056 8.60 14.35 29.47
C GLN A 1056 7.48 13.44 29.94
N LEU A 1057 6.85 12.67 29.04
CA LEU A 1057 5.87 11.71 29.52
C LEU A 1057 6.50 10.37 29.92
N PHE A 1058 7.55 9.92 29.25
CA PHE A 1058 8.03 8.57 29.48
C PHE A 1058 9.47 8.45 29.94
N ALA A 1059 10.27 9.51 29.88
CA ALA A 1059 11.69 9.38 30.21
C ALA A 1059 11.88 8.86 31.62
N GLY A 1060 12.84 7.97 31.79
CA GLY A 1060 13.15 7.42 33.09
C GLY A 1060 12.40 6.15 33.43
N LYS A 1061 11.21 5.96 32.88
CA LYS A 1061 10.51 4.69 33.06
C LYS A 1061 11.11 3.66 32.12
N PHE A 1062 10.42 2.55 31.91
CA PHE A 1062 10.86 1.47 31.03
C PHE A 1062 11.91 0.61 31.72
N TYR A 1063 12.31 0.96 32.93
CA TYR A 1063 13.17 0.04 33.67
C TYR A 1063 12.34 -1.08 34.26
N LYS A 1064 12.99 -2.19 34.60
CA LYS A 1064 12.26 -3.34 35.09
C LYS A 1064 13.23 -4.28 35.79
N CYS A 1065 12.75 -4.96 36.83
CA CYS A 1065 13.58 -5.89 37.60
C CYS A 1065 13.46 -7.28 37.01
N VAL A 1066 14.60 -7.85 36.62
CA VAL A 1066 14.62 -9.11 35.89
C VAL A 1066 15.64 -10.05 36.55
N ASP A 1067 15.32 -11.34 36.54
CA ASP A 1067 16.13 -12.35 37.22
C ASP A 1067 17.31 -12.76 36.34
N GLU A 1068 17.95 -13.87 36.69
CA GLU A 1068 19.05 -14.38 35.89
C GLU A 1068 18.63 -14.62 34.44
N ASN A 1069 17.39 -15.02 34.23
CA ASN A 1069 16.86 -15.14 32.88
C ASN A 1069 16.23 -13.81 32.48
N SER A 1070 15.51 -13.80 31.36
CA SER A 1070 14.80 -12.60 30.93
C SER A 1070 13.31 -12.74 31.29
N THR A 1071 13.03 -12.60 32.58
CA THR A 1071 11.68 -12.66 33.09
C THR A 1071 11.52 -11.64 34.22
N VAL A 1072 10.33 -11.10 34.36
CA VAL A 1072 10.09 -9.98 35.27
C VAL A 1072 9.46 -10.52 36.55
N LEU A 1073 10.07 -10.20 37.69
CA LEU A 1073 9.47 -10.53 38.98
C LEU A 1073 8.22 -9.71 39.16
N SER A 1074 7.12 -10.37 39.51
CA SER A 1074 5.81 -9.83 39.17
C SER A 1074 5.48 -8.50 39.84
N HIS A 1075 5.12 -8.52 41.12
CA HIS A 1075 4.74 -7.26 41.74
C HIS A 1075 5.16 -7.17 43.21
N GLU A 1076 5.31 -8.32 43.87
CA GLU A 1076 5.52 -8.34 45.31
C GLU A 1076 6.85 -8.93 45.71
N ILE A 1077 7.48 -9.72 44.82
CA ILE A 1077 8.85 -10.13 45.06
C ILE A 1077 9.78 -8.93 44.95
N THR A 1078 9.38 -7.94 44.15
CA THR A 1078 10.17 -6.72 43.93
C THR A 1078 9.20 -5.57 43.74
N MET A 1079 8.98 -4.79 44.80
CA MET A 1079 8.02 -3.70 44.70
C MET A 1079 8.65 -2.47 44.04
N ASP A 1080 9.89 -2.16 44.38
CA ASP A 1080 10.57 -1.01 43.78
C ASP A 1080 12.05 -1.30 43.69
N ARG A 1081 12.84 -0.25 43.44
CA ARG A 1081 14.23 -0.45 43.03
C ARG A 1081 15.06 -1.06 44.15
N ASN A 1082 14.98 -0.49 45.35
CA ASN A 1082 15.82 -0.95 46.45
C ASN A 1082 15.71 -2.46 46.62
N ASP A 1083 14.49 -2.98 46.60
CA ASP A 1083 14.33 -4.42 46.70
C ASP A 1083 14.97 -5.14 45.52
N CYS A 1084 14.98 -4.51 44.35
CA CYS A 1084 15.59 -5.16 43.20
C CYS A 1084 17.10 -5.27 43.38
N LEU A 1085 17.72 -4.25 43.98
CA LEU A 1085 19.14 -4.35 44.25
C LEU A 1085 19.43 -5.09 45.55
N HIS A 1086 18.40 -5.45 46.31
CA HIS A 1086 18.61 -6.17 47.56
C HIS A 1086 19.26 -7.52 47.31
N GLU A 1087 18.57 -8.43 46.64
CA GLU A 1087 19.08 -9.77 46.43
C GLU A 1087 19.60 -10.02 45.02
N ASN A 1088 20.29 -9.03 44.45
CA ASN A 1088 21.16 -9.22 43.29
C ASN A 1088 20.38 -9.51 42.01
N TYR A 1089 19.07 -9.32 42.06
CA TYR A 1089 18.29 -9.36 40.83
C TYR A 1089 18.68 -8.17 39.96
N THR A 1090 19.16 -8.45 38.74
CA THR A 1090 19.71 -7.38 37.92
C THR A 1090 18.63 -6.40 37.50
N TRP A 1091 19.06 -5.17 37.22
CA TRP A 1091 18.15 -4.04 36.99
C TRP A 1091 18.36 -3.58 35.55
N GLU A 1092 17.60 -4.18 34.64
CA GLU A 1092 17.84 -4.05 33.21
C GLU A 1092 17.08 -2.85 32.65
N ASN A 1093 17.54 -2.37 31.49
CA ASN A 1093 16.86 -1.36 30.73
C ASN A 1093 16.41 -1.92 29.39
N SER A 1094 15.35 -1.34 28.85
CA SER A 1094 14.95 -1.87 27.55
C SER A 1094 15.58 -1.03 26.44
N PRO A 1095 15.91 -1.65 25.30
CA PRO A 1095 16.68 -0.95 24.27
C PRO A 1095 16.00 0.30 23.72
N MET A 1096 14.81 0.15 23.15
CA MET A 1096 14.10 1.30 22.57
C MET A 1096 13.37 2.04 23.68
N ASN A 1097 13.79 3.26 23.97
CA ASN A 1097 13.29 3.99 25.11
C ASN A 1097 13.26 5.47 24.77
N PHE A 1098 12.84 6.29 25.73
CA PHE A 1098 12.68 7.71 25.48
C PHE A 1098 13.58 8.58 26.36
N ASP A 1099 14.87 8.27 26.48
CA ASP A 1099 15.71 9.03 27.40
C ASP A 1099 16.14 10.37 26.81
N HIS A 1100 16.88 10.35 25.71
CA HIS A 1100 17.28 11.60 25.07
C HIS A 1100 16.15 12.08 24.17
N VAL A 1101 16.44 13.02 23.29
CA VAL A 1101 15.58 13.28 22.15
C VAL A 1101 15.92 12.37 20.98
N GLY A 1102 17.17 11.94 20.88
CA GLY A 1102 17.58 11.05 19.81
C GLY A 1102 16.78 9.76 19.81
N ASN A 1103 16.88 9.01 20.90
CA ASN A 1103 16.11 7.78 21.02
C ASN A 1103 14.63 8.03 20.75
N ALA A 1104 14.14 9.24 21.00
CA ALA A 1104 12.75 9.53 20.68
C ALA A 1104 12.53 9.47 19.18
N TYR A 1105 13.36 10.16 18.40
CA TYR A 1105 13.27 10.03 16.95
C TYR A 1105 13.34 8.58 16.52
N LEU A 1106 14.27 7.81 17.07
CA LEU A 1106 14.40 6.44 16.59
C LEU A 1106 13.15 5.63 16.89
N SER A 1107 12.67 5.68 18.14
CA SER A 1107 11.52 4.88 18.50
C SER A 1107 10.28 5.35 17.75
N LEU A 1108 10.18 6.63 17.45
CA LEU A 1108 9.05 7.10 16.67
C LEU A 1108 9.12 6.66 15.22
N LEU A 1109 10.31 6.63 14.61
CA LEU A 1109 10.42 6.06 13.29
C LEU A 1109 10.06 4.59 13.30
N GLN A 1110 10.24 3.93 14.44
CA GLN A 1110 9.76 2.55 14.54
C GLN A 1110 8.24 2.50 14.64
N VAL A 1111 7.64 3.39 15.43
CA VAL A 1111 6.18 3.36 15.57
C VAL A 1111 5.50 3.72 14.27
N ALA A 1112 6.05 4.65 13.51
CA ALA A 1112 5.35 5.19 12.35
C ALA A 1112 5.56 4.39 11.07
N THR A 1113 6.35 3.32 11.10
CA THR A 1113 6.43 2.41 9.96
C THR A 1113 5.90 1.03 10.29
N PHE A 1114 5.20 0.87 11.42
CA PHE A 1114 4.50 -0.36 11.75
C PHE A 1114 5.43 -1.55 11.83
N LYS A 1115 6.60 -1.41 12.44
CA LYS A 1115 7.54 -2.51 12.58
C LYS A 1115 8.15 -2.47 13.96
N GLY A 1116 7.91 -3.50 14.75
CA GLY A 1116 8.42 -3.55 16.11
C GLY A 1116 7.80 -2.48 16.97
N TRP A 1117 6.55 -2.14 16.71
CA TRP A 1117 5.84 -1.13 17.49
C TRP A 1117 5.02 -1.74 18.61
N LEU A 1118 5.20 -3.02 18.90
CA LEU A 1118 4.43 -3.63 19.98
C LEU A 1118 5.15 -3.50 21.32
N GLN A 1119 6.45 -3.74 21.36
CA GLN A 1119 7.15 -3.66 22.63
C GLN A 1119 7.14 -2.23 23.17
N ILE A 1120 7.22 -1.24 22.28
CA ILE A 1120 7.16 0.15 22.73
C ILE A 1120 5.82 0.42 23.39
N MET A 1121 4.73 0.01 22.75
CA MET A 1121 3.41 0.29 23.32
C MET A 1121 3.19 -0.47 24.61
N ASN A 1122 3.72 -1.69 24.72
CA ASN A 1122 3.59 -2.41 25.97
C ASN A 1122 4.31 -1.68 27.10
N ASP A 1123 5.59 -1.37 26.89
CA ASP A 1123 6.34 -0.72 27.95
C ASP A 1123 5.82 0.68 28.24
N ALA A 1124 5.14 1.31 27.27
CA ALA A 1124 4.58 2.63 27.52
C ALA A 1124 3.27 2.54 28.27
N ILE A 1125 2.50 1.48 28.02
CA ILE A 1125 1.33 1.21 28.86
C ILE A 1125 1.76 1.02 30.30
N ASP A 1126 2.76 0.17 30.52
CA ASP A 1126 3.00 -0.29 31.88
C ASP A 1126 3.78 0.69 32.75
N SER A 1127 4.33 1.74 32.17
CA SER A 1127 5.14 2.66 32.96
C SER A 1127 4.32 3.30 34.07
N ARG A 1128 4.60 2.93 35.32
CA ARG A 1128 3.87 3.52 36.44
C ARG A 1128 4.49 4.84 36.86
N GLU A 1129 5.73 4.79 37.35
CA GLU A 1129 6.40 5.95 37.94
C GLU A 1129 7.85 5.55 38.18
N VAL A 1130 8.75 6.54 38.15
CA VAL A 1130 10.17 6.26 38.12
C VAL A 1130 10.58 5.46 39.34
N HIS A 1131 11.59 4.59 39.15
CA HIS A 1131 12.20 3.81 40.23
C HIS A 1131 11.27 2.73 40.78
N LYS A 1132 10.20 2.39 40.05
CA LYS A 1132 9.26 1.41 40.58
C LYS A 1132 8.90 0.40 39.51
N GLN A 1133 8.62 -0.83 39.94
CA GLN A 1133 8.31 -1.88 38.99
C GLN A 1133 7.01 -1.60 38.27
N PRO A 1134 6.93 -1.86 36.97
CA PRO A 1134 5.68 -1.64 36.25
C PRO A 1134 4.70 -2.78 36.48
N ILE A 1135 3.42 -2.42 36.54
CA ILE A 1135 2.35 -3.39 36.72
C ILE A 1135 1.83 -3.82 35.34
N ARG A 1136 1.29 -5.05 35.27
CA ARG A 1136 1.05 -5.69 33.99
C ARG A 1136 0.21 -4.84 33.04
N GLU A 1137 -0.81 -4.16 33.57
CA GLU A 1137 -1.58 -3.25 32.72
C GLU A 1137 -2.24 -2.19 33.60
N THR A 1138 -1.57 -1.04 33.72
CA THR A 1138 -2.21 0.14 34.28
C THR A 1138 -1.87 1.28 33.35
N ASN A 1139 -2.30 2.49 33.67
CA ASN A 1139 -2.02 3.64 32.82
C ASN A 1139 -2.47 3.36 31.39
N ILE A 1140 -3.57 2.63 31.25
CA ILE A 1140 -3.95 2.09 29.95
C ILE A 1140 -4.42 3.19 29.02
N TYR A 1141 -4.99 4.26 29.55
CA TYR A 1141 -5.50 5.32 28.69
C TYR A 1141 -4.44 5.99 27.87
N MET A 1142 -3.18 5.58 27.98
CA MET A 1142 -2.10 6.28 27.29
C MET A 1142 -1.82 5.68 25.92
N TYR A 1143 -2.76 4.88 25.40
CA TYR A 1143 -2.85 4.63 23.97
C TYR A 1143 -3.13 5.89 23.18
N LEU A 1144 -3.86 6.84 23.75
CA LEU A 1144 -4.29 8.00 22.98
C LEU A 1144 -3.11 8.83 22.49
N TYR A 1145 -1.94 8.63 23.08
CA TYR A 1145 -0.75 9.30 22.56
C TYR A 1145 -0.37 8.73 21.20
N PHE A 1146 -0.29 7.42 21.09
CA PHE A 1146 0.16 6.81 19.84
C PHE A 1146 -0.87 6.96 18.73
N ILE A 1147 -2.16 7.01 19.04
CA ILE A 1147 -3.15 7.17 17.99
C ILE A 1147 -3.10 8.57 17.38
N PHE A 1148 -3.10 9.60 18.25
CA PHE A 1148 -2.97 10.95 17.74
C PHE A 1148 -1.62 11.21 17.09
N PHE A 1149 -0.59 10.45 17.46
CA PHE A 1149 0.64 10.61 16.71
C PHE A 1149 0.55 9.93 15.35
N ILE A 1150 -0.08 8.77 15.29
CA ILE A 1150 0.00 7.98 14.09
C ILE A 1150 -0.92 8.53 13.01
N VAL A 1151 -2.04 9.15 13.39
CA VAL A 1151 -2.92 9.76 12.41
C VAL A 1151 -2.28 10.99 11.78
N PHE A 1152 -1.54 11.78 12.56
CA PHE A 1152 -0.90 12.98 12.07
C PHE A 1152 0.55 12.77 11.66
N GLY A 1153 1.05 11.55 11.72
CA GLY A 1153 2.41 11.31 11.29
C GLY A 1153 2.60 10.21 10.27
N SER A 1154 1.62 9.32 10.10
CA SER A 1154 1.76 8.24 9.15
C SER A 1154 0.71 8.21 8.07
N PHE A 1155 -0.53 8.59 8.34
CA PHE A 1155 -1.54 8.71 7.30
C PHE A 1155 -1.52 10.07 6.63
N PHE A 1156 -0.63 10.96 7.05
CA PHE A 1156 -0.69 12.32 6.56
C PHE A 1156 0.63 12.80 5.97
N ILE A 1157 1.76 12.33 6.49
CA ILE A 1157 3.04 12.79 5.97
C ILE A 1157 3.67 11.72 5.09
N LEU A 1158 3.85 10.51 5.61
CA LEU A 1158 4.49 9.46 4.82
C LEU A 1158 3.68 9.09 3.58
N LYS A 1159 2.39 9.40 3.54
CA LYS A 1159 1.58 9.21 2.35
C LYS A 1159 1.58 10.42 1.45
N LEU A 1160 2.51 11.35 1.66
CA LEU A 1160 2.63 12.54 0.82
C LEU A 1160 3.81 12.44 -0.12
N PHE A 1161 4.67 11.44 0.03
CA PHE A 1161 5.74 11.20 -0.93
C PHE A 1161 5.18 10.68 -2.24
N VAL A 1162 4.13 9.87 -2.19
CA VAL A 1162 3.51 9.39 -3.42
C VAL A 1162 2.90 10.55 -4.20
N CYS A 1163 2.30 11.50 -3.49
CA CYS A 1163 1.61 12.59 -4.17
C CYS A 1163 2.53 13.61 -4.75
N ILE A 1164 3.85 13.42 -4.82
CA ILE A 1164 4.72 14.28 -5.60
C ILE A 1164 5.51 13.51 -6.64
N LEU A 1165 5.33 12.21 -6.74
CA LEU A 1165 5.90 11.46 -7.86
C LEU A 1165 4.88 11.23 -8.94
N ILE A 1166 3.60 11.23 -8.61
CA ILE A 1166 2.56 11.07 -9.62
C ILE A 1166 2.53 12.27 -10.55
N ASP A 1167 2.40 13.47 -9.98
CA ASP A 1167 2.36 14.68 -10.79
C ASP A 1167 3.62 14.80 -11.64
N ILE A 1168 4.78 14.63 -11.01
CA ILE A 1168 6.01 14.84 -11.74
C ILE A 1168 6.18 13.80 -12.83
N PHE A 1169 5.77 12.56 -12.59
CA PHE A 1169 5.88 11.58 -13.67
C PHE A 1169 4.95 11.92 -14.81
N ARG A 1170 3.74 12.39 -14.52
CA ARG A 1170 2.83 12.78 -15.59
C ARG A 1170 3.45 13.87 -16.45
N GLN A 1171 3.92 14.95 -15.80
CA GLN A 1171 4.52 16.04 -16.53
C GLN A 1171 5.73 15.59 -17.34
N GLN A 1172 6.56 14.71 -16.78
CA GLN A 1172 7.76 14.31 -17.48
C GLN A 1172 7.47 13.40 -18.66
N ARG A 1173 6.51 12.48 -18.54
CA ARG A 1173 6.13 11.68 -19.70
C ARG A 1173 5.61 12.58 -20.82
N ARG A 1174 4.71 13.49 -20.48
CA ARG A 1174 4.19 14.42 -21.49
C ARG A 1174 5.33 15.17 -22.15
N LYS A 1175 6.08 15.95 -21.38
CA LYS A 1175 7.18 16.74 -21.93
C LYS A 1175 8.30 15.92 -22.47
N ALA A 1176 8.27 14.59 -22.40
CA ALA A 1176 9.30 13.77 -23.01
C ALA A 1176 8.81 12.91 -24.14
N GLU A 1177 7.54 12.99 -24.52
CA GLU A 1177 7.07 12.29 -25.70
C GLU A 1177 6.44 13.27 -26.68
N GLY A 1178 7.14 14.36 -26.97
CA GLY A 1178 6.63 15.38 -27.85
C GLY A 1178 5.40 16.04 -27.28
N LEU A 1179 4.34 16.14 -28.07
CA LEU A 1179 2.98 16.36 -27.58
C LEU A 1179 2.94 17.60 -26.66
N SER A 1180 3.09 18.76 -27.29
CA SER A 1180 3.24 20.03 -26.60
C SER A 1180 2.26 20.18 -25.44
N ALA A 1181 2.71 20.85 -24.39
CA ALA A 1181 2.04 20.89 -23.10
C ALA A 1181 1.00 21.99 -22.99
N THR A 1182 0.39 22.41 -24.10
CA THR A 1182 -0.53 23.54 -24.11
C THR A 1182 -1.85 23.13 -24.78
N ASP A 1183 -2.38 21.98 -24.41
CA ASP A 1183 -3.60 21.52 -25.06
C ASP A 1183 -4.70 21.02 -24.13
N SER A 1184 -4.61 21.29 -22.82
CA SER A 1184 -5.79 21.34 -21.94
C SER A 1184 -6.56 20.02 -21.86
N ARG A 1185 -5.85 18.89 -21.95
CA ARG A 1185 -6.34 17.64 -21.38
C ARG A 1185 -7.53 17.02 -22.13
N THR A 1186 -8.13 17.73 -23.08
CA THR A 1186 -9.33 17.20 -23.74
C THR A 1186 -9.13 16.98 -25.22
N GLN A 1187 -8.45 17.89 -25.91
CA GLN A 1187 -8.19 17.65 -27.31
C GLN A 1187 -7.08 16.62 -27.53
N LEU A 1188 -6.35 16.26 -26.47
CA LEU A 1188 -5.40 15.16 -26.59
C LEU A 1188 -6.10 13.84 -26.87
N ILE A 1189 -7.32 13.66 -26.36
CA ILE A 1189 -8.10 12.46 -26.67
C ILE A 1189 -8.36 12.39 -28.17
N TYR A 1190 -8.85 13.50 -28.73
CA TYR A 1190 -9.07 13.58 -30.17
C TYR A 1190 -7.77 13.35 -30.93
N ARG A 1191 -6.65 13.83 -30.38
CA ARG A 1191 -5.37 13.64 -31.06
C ARG A 1191 -5.00 12.17 -31.12
N ARG A 1192 -5.12 11.46 -29.98
CA ARG A 1192 -4.79 10.05 -29.98
C ARG A 1192 -5.74 9.27 -30.87
N ALA A 1193 -7.01 9.68 -30.92
CA ALA A 1193 -7.96 9.03 -31.81
C ALA A 1193 -7.53 9.17 -33.26
N VAL A 1194 -7.23 10.40 -33.70
CA VAL A 1194 -6.90 10.61 -35.10
C VAL A 1194 -5.55 9.98 -35.42
N MET A 1195 -4.66 9.90 -34.44
CA MET A 1195 -3.37 9.29 -34.66
C MET A 1195 -3.49 7.77 -34.79
N ARG A 1196 -4.47 7.16 -34.11
CA ARG A 1196 -4.66 5.72 -34.23
C ARG A 1196 -4.92 5.27 -35.66
N THR A 1197 -5.23 6.20 -36.57
CA THR A 1197 -5.68 5.85 -37.91
C THR A 1197 -4.50 5.81 -38.90
N MET A 1198 -3.57 4.92 -38.64
CA MET A 1198 -2.55 4.57 -39.60
C MET A 1198 -2.31 3.08 -39.75
N SER A 1199 -2.69 2.28 -38.75
CA SER A 1199 -2.64 0.81 -38.86
C SER A 1199 -4.08 0.34 -39.05
N ALA A 1200 -4.55 0.36 -40.29
CA ALA A 1200 -5.93 0.02 -40.58
C ALA A 1200 -6.07 -0.93 -41.77
N LYS A 1201 -5.16 -1.88 -41.91
CA LYS A 1201 -5.23 -2.82 -43.01
C LYS A 1201 -6.31 -3.87 -42.74
N PRO A 1202 -7.27 -4.04 -43.63
CA PRO A 1202 -8.26 -5.11 -43.47
C PRO A 1202 -7.74 -6.42 -44.03
N VAL A 1203 -8.53 -7.48 -43.83
CA VAL A 1203 -8.14 -8.82 -44.21
C VAL A 1203 -9.40 -9.69 -44.25
N LYS A 1204 -9.36 -10.77 -45.03
CA LYS A 1204 -10.46 -11.73 -45.08
C LYS A 1204 -9.95 -13.14 -44.85
N ARG A 1205 -10.71 -13.92 -44.09
CA ARG A 1205 -10.40 -15.32 -43.89
C ARG A 1205 -10.62 -16.10 -45.18
N ILE A 1206 -9.62 -16.89 -45.58
CA ILE A 1206 -9.83 -17.72 -46.76
C ILE A 1206 -10.88 -18.78 -46.43
N PRO A 1207 -11.97 -18.85 -47.18
CA PRO A 1207 -13.15 -19.57 -46.70
C PRO A 1207 -13.00 -21.07 -46.52
N LYS A 1208 -12.67 -21.79 -47.58
CA LYS A 1208 -12.94 -23.22 -47.51
C LYS A 1208 -11.82 -24.02 -48.15
N PRO A 1209 -11.49 -25.19 -47.60
CA PRO A 1209 -10.40 -25.99 -48.15
C PRO A 1209 -10.72 -26.56 -49.51
N GLY A 1210 -9.80 -27.40 -50.01
CA GLY A 1210 -9.89 -27.85 -51.39
C GLY A 1210 -11.11 -28.70 -51.67
N ASN A 1211 -11.15 -29.91 -51.12
CA ASN A 1211 -12.26 -30.80 -51.39
C ASN A 1211 -13.21 -30.87 -50.20
N LYS A 1212 -14.39 -31.46 -50.43
CA LYS A 1212 -15.57 -31.18 -49.63
C LYS A 1212 -15.51 -31.65 -48.17
N ILE A 1213 -15.43 -32.97 -47.95
CA ILE A 1213 -15.61 -33.45 -46.58
C ILE A 1213 -14.39 -33.14 -45.73
N GLN A 1214 -13.20 -33.35 -46.27
CA GLN A 1214 -11.99 -32.93 -45.57
C GLN A 1214 -12.07 -31.45 -45.18
N GLY A 1215 -12.59 -30.62 -46.08
CA GLY A 1215 -12.86 -29.25 -45.73
C GLY A 1215 -14.16 -29.04 -44.98
N CYS A 1216 -15.00 -30.06 -44.89
CA CYS A 1216 -16.26 -29.86 -44.18
C CYS A 1216 -16.08 -29.84 -42.71
N ILE A 1217 -14.85 -29.71 -42.24
CA ILE A 1217 -14.62 -29.61 -40.80
C ILE A 1217 -14.70 -28.15 -40.32
N PHE A 1218 -14.24 -27.20 -41.11
CA PHE A 1218 -14.23 -25.82 -40.64
C PHE A 1218 -15.62 -25.22 -40.55
N ASP A 1219 -16.60 -25.81 -41.24
CA ASP A 1219 -17.93 -25.22 -41.35
C ASP A 1219 -18.57 -24.94 -40.01
N LEU A 1220 -18.08 -25.56 -38.93
CA LEU A 1220 -18.62 -25.36 -37.60
C LEU A 1220 -17.59 -24.98 -36.56
N VAL A 1221 -16.30 -25.23 -36.81
CA VAL A 1221 -15.25 -24.90 -35.84
C VAL A 1221 -15.31 -23.42 -35.50
N THR A 1222 -15.87 -22.60 -36.38
CA THR A 1222 -16.09 -21.19 -36.11
C THR A 1222 -17.57 -21.02 -35.81
N ASN A 1223 -17.92 -21.18 -34.53
CA ASN A 1223 -19.32 -21.10 -34.12
C ASN A 1223 -19.40 -20.63 -32.68
N GLN A 1224 -20.55 -20.02 -32.35
CA GLN A 1224 -20.83 -19.55 -30.99
C GLN A 1224 -21.13 -20.69 -30.02
N ALA A 1225 -21.07 -21.94 -30.46
CA ALA A 1225 -21.31 -23.07 -29.57
C ALA A 1225 -20.20 -24.10 -29.63
N PHE A 1226 -19.00 -23.70 -30.06
CA PHE A 1226 -17.84 -24.58 -30.04
C PHE A 1226 -16.74 -24.07 -29.13
N ASP A 1227 -16.32 -22.81 -29.29
CA ASP A 1227 -15.38 -22.23 -28.34
C ASP A 1227 -16.00 -22.14 -26.95
N ILE A 1228 -17.31 -21.84 -26.89
CA ILE A 1228 -18.02 -21.93 -25.62
C ILE A 1228 -18.11 -23.38 -25.17
N SER A 1229 -18.16 -24.31 -26.12
CA SER A 1229 -18.12 -25.72 -25.77
C SER A 1229 -16.73 -26.22 -25.42
N ILE A 1230 -15.70 -25.39 -25.59
CA ILE A 1230 -14.36 -25.72 -25.14
C ILE A 1230 -14.02 -25.02 -23.84
N MET A 1231 -14.40 -23.75 -23.72
CA MET A 1231 -14.08 -22.98 -22.53
C MET A 1231 -14.79 -23.49 -21.27
N VAL A 1232 -15.55 -24.57 -21.36
CA VAL A 1232 -15.99 -25.26 -20.15
C VAL A 1232 -15.03 -26.39 -19.78
N LEU A 1233 -14.38 -27.00 -20.78
CA LEU A 1233 -13.38 -28.01 -20.46
C LEU A 1233 -12.23 -27.40 -19.66
N ILE A 1234 -11.89 -26.15 -19.97
CA ILE A 1234 -10.87 -25.45 -19.20
C ILE A 1234 -11.27 -25.38 -17.74
N CYS A 1235 -12.50 -24.94 -17.47
CA CYS A 1235 -12.93 -24.79 -16.08
C CYS A 1235 -13.01 -26.14 -15.38
N LEU A 1236 -13.45 -27.17 -16.10
CA LEU A 1236 -13.54 -28.49 -15.48
C LEU A 1236 -12.15 -29.03 -15.12
N ASN A 1237 -11.18 -28.74 -15.98
CA ASN A 1237 -9.80 -29.15 -15.74
C ASN A 1237 -9.25 -28.41 -14.53
N MET A 1238 -9.56 -27.11 -14.43
CA MET A 1238 -9.10 -26.30 -13.31
C MET A 1238 -9.73 -26.76 -12.01
N VAL A 1239 -10.93 -27.34 -12.07
CA VAL A 1239 -11.49 -27.95 -10.87
C VAL A 1239 -10.75 -29.25 -10.54
N THR A 1240 -10.47 -30.07 -11.55
CA THR A 1240 -9.85 -31.34 -11.21
C THR A 1240 -8.39 -31.19 -10.79
N MET A 1241 -7.82 -29.99 -10.84
CA MET A 1241 -6.52 -29.75 -10.22
C MET A 1241 -6.63 -29.14 -8.83
N MET A 1242 -7.84 -28.97 -8.30
CA MET A 1242 -8.05 -28.30 -7.03
C MET A 1242 -8.50 -29.27 -5.94
N VAL A 1243 -8.11 -30.53 -6.04
CA VAL A 1243 -8.61 -31.55 -5.12
C VAL A 1243 -7.45 -32.17 -4.34
N GLU A 1244 -6.25 -32.07 -4.89
CA GLU A 1244 -5.10 -32.75 -4.30
C GLU A 1244 -4.85 -32.26 -2.88
N LYS A 1245 -4.33 -33.16 -2.04
CA LYS A 1245 -3.98 -32.84 -0.66
C LYS A 1245 -2.98 -33.88 -0.18
N GLU A 1246 -2.13 -33.49 0.77
CA GLU A 1246 -1.18 -34.46 1.30
C GLU A 1246 -1.89 -35.49 2.15
N GLY A 1247 -1.53 -36.75 1.93
CA GLY A 1247 -2.22 -37.85 2.56
C GLY A 1247 -3.25 -38.51 1.68
N GLN A 1248 -3.18 -38.30 0.36
CA GLN A 1248 -4.11 -38.95 -0.54
C GLN A 1248 -3.94 -40.46 -0.48
N SER A 1249 -5.04 -41.17 -0.27
CA SER A 1249 -5.00 -42.61 -0.34
C SER A 1249 -4.58 -43.05 -1.73
N GLN A 1250 -3.93 -44.21 -1.80
CA GLN A 1250 -3.25 -44.63 -3.03
C GLN A 1250 -4.16 -44.60 -4.25
N HIS A 1251 -5.43 -44.99 -4.08
CA HIS A 1251 -6.32 -45.07 -5.22
C HIS A 1251 -6.54 -43.73 -5.90
N MET A 1252 -6.50 -42.64 -5.12
CA MET A 1252 -6.86 -41.33 -5.67
C MET A 1252 -5.85 -40.86 -6.71
N THR A 1253 -4.56 -41.09 -6.45
CA THR A 1253 -3.56 -40.54 -7.35
C THR A 1253 -3.64 -41.19 -8.73
N GLU A 1254 -4.00 -42.47 -8.79
CA GLU A 1254 -4.08 -43.11 -10.10
C GLU A 1254 -5.27 -42.61 -10.90
N VAL A 1255 -6.41 -42.38 -10.24
CA VAL A 1255 -7.56 -41.90 -10.99
C VAL A 1255 -7.32 -40.48 -11.47
N LEU A 1256 -6.63 -39.66 -10.66
CA LEU A 1256 -6.27 -38.34 -11.16
C LEU A 1256 -5.29 -38.42 -12.32
N TYR A 1257 -4.31 -39.33 -12.24
CA TYR A 1257 -3.36 -39.50 -13.32
C TYR A 1257 -4.06 -39.87 -14.62
N TRP A 1258 -4.88 -40.92 -14.59
CA TRP A 1258 -5.55 -41.35 -15.80
C TRP A 1258 -6.72 -40.45 -16.19
N ILE A 1259 -7.10 -39.49 -15.34
CA ILE A 1259 -8.10 -38.53 -15.76
C ILE A 1259 -7.47 -37.29 -16.38
N ASN A 1260 -6.18 -37.07 -16.15
CA ASN A 1260 -5.50 -35.99 -16.87
C ASN A 1260 -5.30 -36.31 -18.35
N VAL A 1261 -5.08 -37.59 -18.69
CA VAL A 1261 -4.69 -37.92 -20.06
C VAL A 1261 -5.83 -37.66 -21.03
N VAL A 1262 -7.07 -37.86 -20.58
CA VAL A 1262 -8.22 -37.59 -21.44
C VAL A 1262 -8.17 -36.15 -21.93
N PHE A 1263 -7.99 -35.20 -21.01
CA PHE A 1263 -7.92 -33.80 -21.39
C PHE A 1263 -6.69 -33.52 -22.24
N ILE A 1264 -5.55 -34.12 -21.90
CA ILE A 1264 -4.35 -33.73 -22.61
C ILE A 1264 -4.37 -34.27 -24.03
N ILE A 1265 -5.20 -35.27 -24.31
CA ILE A 1265 -5.33 -35.71 -25.71
C ILE A 1265 -6.46 -34.96 -26.39
N LEU A 1266 -7.51 -34.58 -25.63
CA LEU A 1266 -8.60 -33.84 -26.24
C LEU A 1266 -8.13 -32.48 -26.76
N PHE A 1267 -7.31 -31.80 -25.97
CA PHE A 1267 -6.85 -30.48 -26.40
C PHE A 1267 -6.03 -30.55 -27.67
N THR A 1268 -5.09 -31.49 -27.74
CA THR A 1268 -4.27 -31.58 -28.95
C THR A 1268 -5.10 -32.07 -30.13
N GLY A 1269 -6.09 -32.92 -29.89
CA GLY A 1269 -6.96 -33.33 -30.97
C GLY A 1269 -7.71 -32.15 -31.57
N GLU A 1270 -8.23 -31.30 -30.69
CA GLU A 1270 -8.97 -30.11 -31.11
C GLU A 1270 -8.07 -29.13 -31.85
N CYS A 1271 -6.84 -28.94 -31.36
CA CYS A 1271 -5.92 -28.02 -32.00
C CYS A 1271 -5.53 -28.53 -33.38
N VAL A 1272 -5.33 -29.84 -33.52
CA VAL A 1272 -4.91 -30.33 -34.83
C VAL A 1272 -6.08 -30.34 -35.79
N LEU A 1273 -7.32 -30.54 -35.32
CA LEU A 1273 -8.46 -30.34 -36.21
C LEU A 1273 -8.50 -28.91 -36.72
N LYS A 1274 -8.38 -27.94 -35.82
CA LYS A 1274 -8.38 -26.55 -36.25
C LYS A 1274 -7.25 -26.27 -37.24
N LEU A 1275 -6.08 -26.87 -37.02
CA LEU A 1275 -4.95 -26.54 -37.89
C LEU A 1275 -5.08 -27.21 -39.25
N ILE A 1276 -5.54 -28.46 -39.29
CA ILE A 1276 -5.76 -29.14 -40.56
C ILE A 1276 -7.03 -28.68 -41.24
N SER A 1277 -7.83 -27.84 -40.58
CA SER A 1277 -9.01 -27.27 -41.21
C SER A 1277 -8.64 -26.14 -42.17
N LEU A 1278 -8.09 -25.06 -41.65
CA LEU A 1278 -7.57 -23.98 -42.49
C LEU A 1278 -6.09 -24.24 -42.69
N ARG A 1279 -5.72 -24.79 -43.85
CA ARG A 1279 -4.46 -25.50 -43.98
C ARG A 1279 -3.26 -24.62 -43.64
N HIS A 1280 -3.05 -23.56 -44.40
CA HIS A 1280 -2.06 -22.57 -44.05
C HIS A 1280 -2.74 -21.53 -43.17
N TYR A 1281 -2.12 -20.36 -42.97
CA TYR A 1281 -2.73 -19.22 -42.30
C TYR A 1281 -3.03 -19.49 -40.83
N TYR A 1282 -2.50 -20.56 -40.26
CA TYR A 1282 -2.78 -20.87 -38.87
C TYR A 1282 -2.17 -19.87 -37.90
N PHE A 1283 -1.19 -19.09 -38.36
CA PHE A 1283 -0.38 -18.25 -37.47
C PHE A 1283 -0.58 -16.77 -37.75
N THR A 1284 -1.81 -16.34 -37.96
CA THR A 1284 -2.13 -14.93 -38.10
C THR A 1284 -2.74 -14.35 -36.83
N VAL A 1285 -2.87 -15.16 -35.79
CA VAL A 1285 -3.44 -14.73 -34.50
C VAL A 1285 -2.47 -15.12 -33.40
N GLY A 1286 -2.40 -14.30 -32.36
CA GLY A 1286 -1.53 -14.62 -31.25
C GLY A 1286 -2.02 -15.80 -30.44
N TRP A 1287 -3.34 -15.85 -30.18
CA TRP A 1287 -3.87 -16.87 -29.29
C TRP A 1287 -3.65 -18.27 -29.85
N ASN A 1288 -3.72 -18.44 -31.17
CA ASN A 1288 -3.47 -19.75 -31.74
C ASN A 1288 -2.02 -20.16 -31.54
N ILE A 1289 -1.09 -19.22 -31.69
CA ILE A 1289 0.31 -19.52 -31.42
C ILE A 1289 0.48 -19.96 -29.97
N PHE A 1290 -0.12 -19.21 -29.04
CA PHE A 1290 0.02 -19.55 -27.63
C PHE A 1290 -0.56 -20.93 -27.34
N ASP A 1291 -1.72 -21.24 -27.94
CA ASP A 1291 -2.34 -22.54 -27.71
C ASP A 1291 -1.46 -23.66 -28.24
N PHE A 1292 -0.89 -23.48 -29.43
CA PHE A 1292 -0.02 -24.50 -29.99
C PHE A 1292 1.20 -24.74 -29.09
N VAL A 1293 1.85 -23.66 -28.66
CA VAL A 1293 3.01 -23.82 -27.78
C VAL A 1293 2.62 -24.54 -26.50
N VAL A 1294 1.49 -24.13 -25.91
CA VAL A 1294 1.08 -24.72 -24.63
C VAL A 1294 0.78 -26.20 -24.78
N VAL A 1295 0.15 -26.59 -25.88
CA VAL A 1295 -0.24 -28.00 -26.01
C VAL A 1295 0.98 -28.87 -26.29
N ILE A 1296 1.93 -28.37 -27.09
CA ILE A 1296 3.12 -29.20 -27.27
C ILE A 1296 3.92 -29.27 -25.99
N ILE A 1297 3.92 -28.18 -25.20
CA ILE A 1297 4.60 -28.21 -23.90
C ILE A 1297 3.95 -29.23 -22.99
N SER A 1298 2.62 -29.29 -23.00
CA SER A 1298 1.92 -30.28 -22.19
C SER A 1298 2.29 -31.69 -22.62
N ILE A 1299 2.32 -31.94 -23.93
CA ILE A 1299 2.52 -33.31 -24.39
C ILE A 1299 3.96 -33.74 -24.18
N VAL A 1300 4.91 -32.80 -24.13
CA VAL A 1300 6.27 -33.22 -23.82
C VAL A 1300 6.49 -33.33 -22.32
N GLY A 1301 5.82 -32.49 -21.52
CA GLY A 1301 5.95 -32.58 -20.08
C GLY A 1301 5.31 -33.82 -19.51
N MET A 1302 4.23 -34.29 -20.13
CA MET A 1302 3.64 -35.55 -19.70
C MET A 1302 4.62 -36.70 -19.84
N PHE A 1303 5.46 -36.67 -20.89
CA PHE A 1303 6.44 -37.74 -21.06
C PHE A 1303 7.65 -37.53 -20.15
N LEU A 1304 8.21 -36.32 -20.13
CA LEU A 1304 9.38 -36.09 -19.30
C LEU A 1304 9.10 -36.26 -17.82
N ALA A 1305 7.84 -36.51 -17.44
CA ALA A 1305 7.52 -36.94 -16.08
C ALA A 1305 8.20 -38.24 -15.70
N ASP A 1306 8.85 -38.91 -16.66
CA ASP A 1306 9.69 -40.06 -16.33
C ASP A 1306 11.06 -39.57 -15.88
N LEU A 1307 11.07 -38.62 -14.94
CA LEU A 1307 12.33 -38.14 -14.38
C LEU A 1307 12.97 -39.19 -13.48
N ILE A 1308 12.26 -40.27 -13.23
CA ILE A 1308 12.71 -41.32 -12.31
C ILE A 1308 13.42 -42.40 -13.12
N GLU A 1309 14.36 -43.10 -12.48
CA GLU A 1309 15.02 -44.34 -12.89
C GLU A 1309 16.10 -44.16 -13.95
N THR A 1310 16.29 -42.97 -14.51
CA THR A 1310 17.36 -42.75 -15.47
C THR A 1310 18.06 -41.41 -15.24
N TYR A 1311 17.51 -40.57 -14.37
CA TYR A 1311 18.05 -39.24 -14.10
C TYR A 1311 17.92 -39.03 -12.61
N PHE A 1312 18.51 -37.94 -12.12
CA PHE A 1312 18.53 -37.68 -10.69
C PHE A 1312 17.14 -37.72 -10.10
N VAL A 1313 16.86 -38.72 -9.26
CA VAL A 1313 15.55 -38.79 -8.63
C VAL A 1313 15.56 -37.86 -7.42
N SER A 1314 15.13 -36.62 -7.66
CA SER A 1314 15.09 -35.62 -6.63
C SER A 1314 13.75 -34.92 -6.66
N PRO A 1315 13.17 -34.61 -5.50
CA PRO A 1315 11.82 -34.05 -5.49
C PRO A 1315 11.73 -32.67 -6.14
N THR A 1316 12.69 -31.79 -5.86
CA THR A 1316 12.55 -30.41 -6.31
C THR A 1316 12.77 -30.23 -7.80
N LEU A 1317 12.89 -31.30 -8.58
CA LEU A 1317 12.89 -31.21 -10.02
C LEU A 1317 11.68 -31.85 -10.67
N PHE A 1318 11.24 -33.01 -10.19
CA PHE A 1318 9.97 -33.56 -10.63
C PHE A 1318 8.82 -32.67 -10.22
N ARG A 1319 8.95 -31.98 -9.09
CA ARG A 1319 7.90 -31.07 -8.64
C ARG A 1319 7.82 -29.84 -9.45
N VAL A 1320 8.80 -29.49 -10.27
CA VAL A 1320 8.75 -28.29 -11.08
C VAL A 1320 8.53 -28.60 -12.55
N ILE A 1321 9.07 -29.71 -13.05
CA ILE A 1321 8.97 -30.01 -14.47
C ILE A 1321 7.52 -30.18 -14.91
N ARG A 1322 6.66 -30.60 -13.99
CA ARG A 1322 5.26 -30.80 -14.29
C ARG A 1322 4.45 -29.50 -14.29
N LEU A 1323 5.00 -28.42 -13.73
CA LEU A 1323 4.26 -27.18 -13.70
C LEU A 1323 3.72 -26.81 -15.08
N ALA A 1324 4.28 -27.40 -16.14
CA ALA A 1324 3.90 -27.02 -17.48
C ALA A 1324 2.40 -27.16 -17.70
N ARG A 1325 1.81 -28.18 -17.09
CA ARG A 1325 0.37 -28.42 -17.23
C ARG A 1325 -0.48 -27.24 -16.79
N ILE A 1326 0.08 -26.37 -15.95
CA ILE A 1326 -0.67 -25.21 -15.48
C ILE A 1326 -0.90 -24.19 -16.57
N GLY A 1327 -0.20 -24.31 -17.70
CA GLY A 1327 -0.25 -23.27 -18.71
C GLY A 1327 -1.56 -23.22 -19.45
N ARG A 1328 -2.13 -24.39 -19.71
CA ARG A 1328 -3.37 -24.52 -20.48
C ARG A 1328 -4.62 -23.98 -19.80
N ILE A 1329 -4.52 -23.52 -18.56
CA ILE A 1329 -5.70 -23.00 -17.89
C ILE A 1329 -5.79 -21.49 -17.93
N LEU A 1330 -4.66 -20.78 -18.02
CA LEU A 1330 -4.77 -19.34 -18.11
C LEU A 1330 -5.29 -18.90 -19.48
N ARG A 1331 -5.67 -19.84 -20.33
CA ARG A 1331 -6.43 -19.57 -21.54
C ARG A 1331 -7.83 -19.05 -21.22
N LEU A 1332 -8.23 -19.09 -19.96
CA LEU A 1332 -9.60 -18.77 -19.57
C LEU A 1332 -9.93 -17.29 -19.62
N VAL A 1333 -8.92 -16.42 -19.52
CA VAL A 1333 -9.20 -14.99 -19.44
C VAL A 1333 -9.69 -14.45 -20.78
N LYS A 1334 -9.49 -15.20 -21.87
CA LYS A 1334 -9.87 -14.73 -23.19
C LYS A 1334 -11.37 -14.53 -23.28
N GLY A 1335 -11.78 -13.35 -23.75
CA GLY A 1335 -13.17 -13.08 -24.03
C GLY A 1335 -13.82 -12.00 -23.20
N ALA A 1336 -13.44 -11.86 -21.93
CA ALA A 1336 -14.01 -10.83 -21.06
C ALA A 1336 -13.34 -9.51 -21.41
N LYS A 1337 -14.13 -8.44 -21.41
CA LYS A 1337 -13.72 -7.17 -21.97
C LYS A 1337 -13.09 -6.25 -20.92
N GLY A 1338 -13.62 -6.28 -19.69
CA GLY A 1338 -12.99 -5.54 -18.61
C GLY A 1338 -11.67 -6.17 -18.20
N ILE A 1339 -11.65 -7.49 -18.11
CA ILE A 1339 -10.42 -8.20 -17.78
C ILE A 1339 -9.46 -8.17 -18.94
N ARG A 1340 -9.89 -7.66 -20.10
CA ARG A 1340 -8.96 -7.38 -21.18
C ARG A 1340 -8.53 -5.92 -21.19
N LEU A 1341 -9.40 -5.01 -20.75
CA LEU A 1341 -9.03 -3.62 -20.68
C LEU A 1341 -7.93 -3.39 -19.65
N LEU A 1342 -8.07 -4.00 -18.47
CA LEU A 1342 -7.04 -3.83 -17.46
C LEU A 1342 -5.71 -4.40 -17.92
N LEU A 1343 -5.73 -5.52 -18.62
CA LEU A 1343 -4.48 -6.10 -19.09
C LEU A 1343 -3.87 -5.29 -20.23
N LEU A 1344 -4.70 -4.70 -21.08
CA LEU A 1344 -4.18 -3.73 -22.06
C LEU A 1344 -3.48 -2.58 -21.35
N ALA A 1345 -4.07 -2.09 -20.26
CA ALA A 1345 -3.44 -1.02 -19.50
C ALA A 1345 -2.11 -1.46 -18.93
N LEU A 1346 -2.04 -2.68 -18.40
CA LEU A 1346 -0.78 -3.15 -17.83
C LEU A 1346 0.28 -3.36 -18.89
N ARG A 1347 -0.13 -3.77 -20.10
N ARG A 1347 -0.13 -3.76 -20.10
CA ARG A 1347 0.85 -4.03 -21.15
CA ARG A 1347 0.82 -4.04 -21.15
C ARG A 1347 1.34 -2.75 -21.80
C ARG A 1347 1.32 -2.77 -21.83
N LYS A 1348 0.48 -1.74 -21.94
CA LYS A 1348 0.95 -0.51 -22.56
C LYS A 1348 2.05 0.18 -21.76
N ALA A 1349 2.30 -0.24 -20.52
CA ALA A 1349 3.39 0.29 -19.71
C ALA A 1349 4.19 -0.88 -19.14
N LEU A 1350 5.13 -1.39 -19.91
CA LEU A 1350 5.97 -2.49 -19.46
C LEU A 1350 7.45 -2.16 -19.52
N ARG A 1351 7.91 -1.44 -20.54
CA ARG A 1351 9.32 -1.09 -20.60
C ARG A 1351 9.71 -0.18 -19.45
N THR A 1352 8.88 0.82 -19.15
CA THR A 1352 9.18 1.70 -18.03
C THR A 1352 9.18 0.95 -16.70
N LEU A 1353 8.25 0.01 -16.54
CA LEU A 1353 8.19 -0.75 -15.30
C LEU A 1353 9.43 -1.62 -15.16
N PHE A 1354 9.83 -2.27 -16.24
CA PHE A 1354 11.08 -3.04 -16.24
C PHE A 1354 12.26 -2.14 -15.85
N ASN A 1355 12.29 -0.93 -16.37
CA ASN A 1355 13.42 -0.05 -16.08
C ASN A 1355 13.46 0.34 -14.62
N VAL A 1356 12.29 0.60 -14.02
CA VAL A 1356 12.28 0.90 -12.60
C VAL A 1356 12.82 -0.28 -11.80
N SER A 1357 12.44 -1.50 -12.17
CA SER A 1357 12.96 -2.66 -11.44
C SER A 1357 14.46 -2.79 -11.63
N PHE A 1358 14.95 -2.49 -12.83
CA PHE A 1358 16.39 -2.50 -13.09
C PHE A 1358 17.13 -1.57 -12.13
N LEU A 1359 16.62 -0.35 -11.97
CA LEU A 1359 17.26 0.58 -11.06
C LEU A 1359 17.22 0.08 -9.62
N LEU A 1360 16.09 -0.51 -9.22
CA LEU A 1360 16.02 -1.05 -7.86
C LEU A 1360 17.07 -2.13 -7.64
N PHE A 1361 17.30 -2.97 -8.65
CA PHE A 1361 18.27 -4.04 -8.46
C PHE A 1361 19.69 -3.50 -8.40
N VAL A 1362 20.01 -2.49 -9.20
CA VAL A 1362 21.37 -1.94 -9.09
C VAL A 1362 21.58 -1.31 -7.72
N ILE A 1363 20.56 -0.66 -7.16
CA ILE A 1363 20.71 -0.13 -5.81
C ILE A 1363 20.93 -1.26 -4.81
N MET A 1364 20.19 -2.37 -4.95
CA MET A 1364 20.40 -3.49 -4.04
C MET A 1364 21.79 -4.07 -4.18
N PHE A 1365 22.35 -4.07 -5.39
CA PHE A 1365 23.71 -4.56 -5.58
C PHE A 1365 24.73 -3.68 -4.86
N VAL A 1366 24.61 -2.37 -5.02
CA VAL A 1366 25.51 -1.46 -4.30
C VAL A 1366 25.45 -1.72 -2.81
N TYR A 1367 24.24 -1.79 -2.25
CA TYR A 1367 24.14 -1.99 -0.81
C TYR A 1367 24.62 -3.37 -0.38
N ALA A 1368 24.44 -4.39 -1.21
CA ALA A 1368 24.94 -5.70 -0.84
C ALA A 1368 26.47 -5.71 -0.76
N VAL A 1369 27.13 -5.09 -1.75
CA VAL A 1369 28.59 -5.07 -1.72
C VAL A 1369 29.09 -4.28 -0.52
N PHE A 1370 28.54 -3.08 -0.29
CA PHE A 1370 28.96 -2.35 0.89
C PHE A 1370 28.57 -3.03 2.20
N GLY A 1371 27.62 -3.95 2.17
CA GLY A 1371 27.29 -4.65 3.39
C GLY A 1371 28.27 -5.76 3.68
N MET A 1372 28.69 -6.47 2.64
CA MET A 1372 29.54 -7.64 2.86
C MET A 1372 30.86 -7.29 3.51
N GLU A 1373 31.13 -6.01 3.74
CA GLU A 1373 32.39 -5.62 4.37
C GLU A 1373 32.22 -5.15 5.80
N PHE A 1374 31.18 -4.37 6.09
CA PHE A 1374 31.00 -3.88 7.45
C PHE A 1374 30.50 -4.97 8.38
N PHE A 1375 29.54 -5.77 7.93
CA PHE A 1375 28.77 -6.62 8.83
C PHE A 1375 28.99 -8.10 8.56
N MET A 1376 30.22 -8.50 8.29
CA MET A 1376 30.49 -9.90 7.96
C MET A 1376 30.66 -10.76 9.18
N HIS A 1377 31.36 -10.28 10.20
CA HIS A 1377 31.55 -11.00 11.44
C HIS A 1377 30.68 -10.37 12.51
N ILE A 1378 29.56 -11.03 12.84
CA ILE A 1378 28.64 -10.51 13.84
C ILE A 1378 28.24 -11.64 14.77
N ARG A 1379 28.05 -11.31 16.04
CA ARG A 1379 27.55 -12.23 17.03
C ARG A 1379 26.08 -12.50 16.74
N ASP A 1380 25.71 -13.77 16.58
CA ASP A 1380 24.35 -14.13 16.23
C ASP A 1380 23.35 -13.67 17.28
N ALA A 1381 22.40 -12.82 16.89
CA ALA A 1381 21.39 -12.33 17.81
C ALA A 1381 20.24 -11.74 17.02
N GLY A 1382 19.04 -11.85 17.57
CA GLY A 1382 17.91 -11.12 17.05
C GLY A 1382 17.27 -11.73 15.82
N ALA A 1383 17.90 -11.56 14.66
CA ALA A 1383 17.34 -12.08 13.42
C ALA A 1383 18.43 -12.56 12.49
N ILE A 1384 19.54 -13.06 13.04
CA ILE A 1384 20.65 -13.54 12.22
C ILE A 1384 21.00 -14.97 12.66
N ASP A 1385 20.52 -15.94 11.88
CA ASP A 1385 20.39 -17.32 12.33
C ASP A 1385 21.08 -18.29 11.37
N ASP A 1386 22.37 -18.00 11.11
CA ASP A 1386 23.33 -18.84 10.39
C ASP A 1386 22.80 -19.26 9.00
N VAL A 1387 21.63 -18.78 8.62
CA VAL A 1387 21.17 -18.86 7.24
C VAL A 1387 20.83 -17.49 6.66
N TYR A 1388 20.63 -16.47 7.48
CA TYR A 1388 20.29 -15.14 7.00
C TYR A 1388 21.27 -14.10 7.51
N ASN A 1389 22.57 -14.38 7.41
CA ASN A 1389 23.60 -13.43 7.78
C ASN A 1389 24.03 -12.67 6.53
N PHE A 1390 25.05 -11.83 6.70
CA PHE A 1390 25.58 -11.03 5.60
C PHE A 1390 26.85 -11.63 5.00
N LYS A 1391 27.15 -12.90 5.29
CA LYS A 1391 28.45 -13.46 4.95
C LYS A 1391 28.71 -13.47 3.45
N THR A 1392 27.98 -14.26 2.69
CA THR A 1392 28.24 -14.34 1.26
C THR A 1392 27.32 -13.39 0.50
N PHE A 1393 27.49 -13.35 -0.81
CA PHE A 1393 26.68 -12.45 -1.64
C PHE A 1393 25.24 -12.93 -1.72
N GLY A 1394 25.06 -14.22 -1.99
CA GLY A 1394 23.71 -14.75 -2.16
C GLY A 1394 22.83 -14.48 -0.96
N GLN A 1395 23.30 -14.83 0.23
CA GLN A 1395 22.50 -14.58 1.42
C GLN A 1395 22.33 -13.08 1.67
N SER A 1396 23.28 -12.27 1.21
CA SER A 1396 23.12 -10.84 1.36
C SER A 1396 21.94 -10.31 0.56
N ILE A 1397 21.79 -10.75 -0.69
CA ILE A 1397 20.58 -10.33 -1.40
C ILE A 1397 19.34 -11.01 -0.84
N ILE A 1398 19.45 -12.25 -0.36
CA ILE A 1398 18.30 -12.90 0.24
C ILE A 1398 17.77 -12.07 1.40
N LEU A 1399 18.66 -11.37 2.09
CA LEU A 1399 18.21 -10.50 3.18
C LEU A 1399 17.74 -9.15 2.69
N LEU A 1400 18.43 -8.56 1.71
CA LEU A 1400 18.10 -7.21 1.29
C LEU A 1400 16.82 -7.15 0.47
N PHE A 1401 16.47 -8.20 -0.27
CA PHE A 1401 15.16 -8.17 -0.92
C PHE A 1401 14.03 -8.10 0.09
N GLN A 1402 14.23 -8.68 1.27
CA GLN A 1402 13.23 -8.55 2.32
C GLN A 1402 13.25 -7.16 2.92
N LEU A 1403 14.43 -6.66 3.29
CA LEU A 1403 14.48 -5.30 3.84
C LEU A 1403 14.03 -4.24 2.85
N ALA A 1404 13.91 -4.55 1.56
CA ALA A 1404 13.51 -3.53 0.58
C ALA A 1404 12.11 -3.00 0.85
N THR A 1405 11.19 -3.83 1.33
CA THR A 1405 9.84 -3.38 1.65
C THR A 1405 9.68 -3.02 3.11
N SER A 1406 10.79 -2.80 3.81
CA SER A 1406 10.80 -2.46 5.24
C SER A 1406 9.97 -3.44 6.05
N ALA A 1407 10.27 -4.72 5.85
CA ALA A 1407 9.58 -5.79 6.56
C ALA A 1407 10.59 -6.46 7.48
N GLY A 1408 10.51 -6.15 8.76
CA GLY A 1408 11.38 -6.76 9.73
C GLY A 1408 12.73 -6.11 9.87
N TRP A 1409 12.82 -4.78 9.77
CA TRP A 1409 14.10 -4.13 9.98
C TRP A 1409 14.44 -3.96 11.46
N ASP A 1410 13.47 -4.14 12.35
CA ASP A 1410 13.78 -4.04 13.77
C ASP A 1410 14.75 -5.12 14.19
N GLY A 1411 14.56 -6.35 13.72
CA GLY A 1411 15.46 -7.42 14.10
C GLY A 1411 16.86 -7.22 13.55
N VAL A 1412 16.96 -6.91 12.26
CA VAL A 1412 18.28 -6.67 11.67
C VAL A 1412 18.98 -5.52 12.36
N TYR A 1413 18.23 -4.49 12.74
CA TYR A 1413 18.85 -3.37 13.44
C TYR A 1413 19.33 -3.77 14.82
N PHE A 1414 18.54 -4.57 15.54
CA PHE A 1414 18.97 -5.00 16.85
C PHE A 1414 20.15 -5.95 16.78
N ALA A 1415 20.37 -6.58 15.63
CA ALA A 1415 21.50 -7.48 15.48
C ALA A 1415 22.77 -6.78 15.07
N ILE A 1416 22.72 -5.86 14.11
CA ILE A 1416 23.95 -5.22 13.63
C ILE A 1416 24.35 -4.02 14.46
N ALA A 1417 23.48 -3.50 15.31
CA ALA A 1417 23.84 -2.33 16.11
C ALA A 1417 24.15 -2.67 17.54
N ASN A 1418 24.34 -3.94 17.87
CA ASN A 1418 24.83 -4.29 19.19
C ASN A 1418 26.28 -3.87 19.33
N GLU A 1419 26.65 -3.41 20.52
CA GLU A 1419 28.02 -2.99 20.77
C GLU A 1419 28.53 -3.48 22.11
N GLU A 1420 27.81 -4.38 22.77
CA GLU A 1420 28.26 -5.00 24.01
C GLU A 1420 29.29 -6.08 23.69
N ASP A 1421 29.54 -6.97 24.64
CA ASP A 1421 30.69 -7.88 24.63
C ASP A 1421 31.08 -8.37 23.23
N CYS A 1422 32.33 -8.09 22.86
CA CYS A 1422 32.74 -8.06 21.48
C CYS A 1422 33.93 -8.98 21.20
N ARG A 1423 34.84 -9.08 22.16
CA ARG A 1423 36.15 -9.65 21.89
C ARG A 1423 36.78 -8.91 20.72
N ALA A 1424 37.04 -7.61 20.93
CA ALA A 1424 37.56 -6.67 19.93
C ALA A 1424 38.76 -7.25 19.21
N PRO A 1425 39.00 -6.85 17.96
CA PRO A 1425 40.09 -7.44 17.18
C PRO A 1425 41.44 -7.27 17.88
N ASP A 1426 42.36 -8.15 17.54
CA ASP A 1426 43.71 -8.12 18.09
C ASP A 1426 44.76 -7.66 17.10
N HIS A 1427 44.49 -7.78 15.80
CA HIS A 1427 45.45 -7.46 14.75
C HIS A 1427 46.76 -8.23 14.92
N GLU A 1428 46.71 -9.39 15.57
CA GLU A 1428 47.89 -10.17 15.87
C GLU A 1428 47.83 -11.62 15.42
N LEU A 1429 46.65 -12.25 15.50
CA LEU A 1429 46.52 -13.63 15.09
C LEU A 1429 45.05 -13.93 14.85
N GLY A 1430 44.74 -14.46 13.66
CA GLY A 1430 43.38 -14.77 13.28
C GLY A 1430 42.41 -13.64 13.56
N TYR A 1431 42.56 -12.53 12.84
CA TYR A 1431 41.91 -11.27 13.15
C TYR A 1431 40.39 -11.41 13.17
N PRO A 1432 39.76 -11.36 14.33
CA PRO A 1432 38.31 -11.44 14.39
C PRO A 1432 37.67 -10.06 14.48
N GLY A 1433 36.35 -10.04 14.33
CA GLY A 1433 35.55 -8.84 14.55
C GLY A 1433 34.62 -9.03 15.73
N ASN A 1434 33.37 -9.37 15.43
CA ASN A 1434 32.38 -9.91 16.36
C ASN A 1434 31.68 -8.88 17.22
N CYS A 1435 31.68 -7.59 16.86
CA CYS A 1435 30.71 -6.69 17.48
C CYS A 1435 30.06 -5.68 16.56
N GLY A 1436 30.64 -5.32 15.43
CA GLY A 1436 29.92 -4.31 14.67
C GLY A 1436 30.08 -2.94 15.31
N SER A 1437 29.01 -2.14 15.21
CA SER A 1437 29.03 -0.78 15.71
C SER A 1437 27.61 -0.28 15.83
N ARG A 1438 27.46 1.02 16.13
CA ARG A 1438 26.16 1.66 16.19
C ARG A 1438 26.03 2.83 15.23
N ALA A 1439 27.11 3.57 14.97
CA ALA A 1439 27.02 4.71 14.07
C ALA A 1439 26.58 4.28 12.68
N LEU A 1440 27.39 3.46 12.02
CA LEU A 1440 26.97 2.98 10.71
C LEU A 1440 25.98 1.86 10.80
N GLY A 1441 25.34 1.68 11.94
CA GLY A 1441 24.15 0.87 12.01
C GLY A 1441 22.94 1.76 11.82
N ILE A 1442 22.95 2.91 12.48
CA ILE A 1442 21.88 3.88 12.28
C ILE A 1442 21.96 4.49 10.89
N ALA A 1443 23.17 4.68 10.38
CA ALA A 1443 23.32 5.36 9.10
C ALA A 1443 23.24 4.42 7.91
N TYR A 1444 23.05 3.12 8.13
CA TYR A 1444 22.96 2.18 7.03
C TYR A 1444 21.54 1.74 6.75
N LEU A 1445 20.64 1.82 7.72
CA LEU A 1445 19.24 1.47 7.49
C LEU A 1445 18.40 2.69 7.20
N VAL A 1446 18.54 3.74 8.01
CA VAL A 1446 17.77 4.96 7.81
C VAL A 1446 18.07 5.59 6.46
N SER A 1447 19.16 5.23 5.80
CA SER A 1447 19.40 5.61 4.42
C SER A 1447 19.14 4.48 3.46
N TYR A 1448 18.39 3.47 3.87
CA TYR A 1448 17.86 2.44 2.97
C TYR A 1448 16.36 2.30 3.08
N LEU A 1449 15.75 2.88 4.10
CA LEU A 1449 14.31 3.02 4.15
C LEU A 1449 13.83 4.30 3.51
N ILE A 1450 14.74 5.09 2.94
CA ILE A 1450 14.40 6.30 2.21
C ILE A 1450 14.72 6.18 0.73
N ILE A 1451 15.89 5.65 0.39
CA ILE A 1451 16.23 5.46 -1.01
C ILE A 1451 15.34 4.41 -1.66
N THR A 1452 14.80 3.47 -0.89
CA THR A 1452 14.03 2.38 -1.46
C THR A 1452 12.58 2.35 -1.00
N CYS A 1453 12.34 2.37 0.31
CA CYS A 1453 10.99 2.10 0.81
C CYS A 1453 10.03 3.25 0.51
N LEU A 1454 10.55 4.43 0.18
CA LEU A 1454 9.70 5.60 0.05
C LEU A 1454 9.85 6.32 -1.29
N VAL A 1455 10.83 5.98 -2.12
CA VAL A 1455 11.09 6.81 -3.29
C VAL A 1455 10.97 6.01 -4.59
N VAL A 1456 11.17 4.70 -4.55
CA VAL A 1456 11.07 3.87 -5.74
C VAL A 1456 9.81 3.01 -5.73
N ILE A 1457 9.60 2.27 -4.64
CA ILE A 1457 8.39 1.46 -4.48
C ILE A 1457 7.14 2.30 -4.69
N ASN A 1458 7.26 3.63 -4.59
CA ASN A 1458 6.16 4.51 -4.95
C ASN A 1458 6.18 4.88 -6.42
N MET A 1459 7.35 4.80 -7.06
CA MET A 1459 7.39 5.08 -8.49
C MET A 1459 6.64 4.01 -9.27
N TYR A 1460 6.65 2.77 -8.78
CA TYR A 1460 5.75 1.77 -9.34
C TYR A 1460 4.31 2.28 -9.41
N ALA A 1461 3.80 2.73 -8.26
CA ALA A 1461 2.42 3.19 -8.21
C ALA A 1461 2.20 4.38 -9.14
N ALA A 1462 3.14 5.30 -9.19
CA ALA A 1462 3.00 6.45 -10.07
C ALA A 1462 2.81 6.02 -11.51
N VAL A 1463 3.71 5.15 -12.00
CA VAL A 1463 3.64 4.74 -13.41
C VAL A 1463 2.31 4.05 -13.71
N ILE A 1464 1.96 3.04 -12.91
CA ILE A 1464 0.81 2.26 -13.31
C ILE A 1464 -0.48 3.08 -13.16
N LEU A 1465 -0.51 4.01 -12.22
CA LEU A 1465 -1.69 4.86 -12.09
C LEU A 1465 -1.82 5.77 -13.30
N ASP A 1466 -0.70 6.34 -13.74
CA ASP A 1466 -0.78 7.23 -14.90
C ASP A 1466 -1.25 6.51 -16.14
N TYR A 1467 -0.91 5.23 -16.30
CA TYR A 1467 -1.38 4.56 -17.51
C TYR A 1467 -2.83 4.11 -17.39
N VAL A 1468 -3.24 3.58 -16.24
CA VAL A 1468 -4.61 3.08 -16.11
C VAL A 1468 -5.61 4.23 -16.21
N LEU A 1469 -5.32 5.36 -15.56
CA LEU A 1469 -6.25 6.48 -15.64
C LEU A 1469 -6.44 6.92 -17.07
N GLU A 1470 -5.37 6.87 -17.87
CA GLU A 1470 -5.47 7.30 -19.26
C GLU A 1470 -6.28 6.33 -20.09
N VAL A 1471 -6.09 5.02 -19.90
CA VAL A 1471 -6.87 4.09 -20.72
C VAL A 1471 -8.35 4.16 -20.37
N TYR A 1472 -8.67 4.36 -19.08
CA TYR A 1472 -10.08 4.57 -18.75
C TYR A 1472 -10.65 5.81 -19.41
N GLU A 1473 -10.00 6.97 -19.25
CA GLU A 1473 -10.59 8.18 -19.81
C GLU A 1473 -10.54 8.15 -21.33
N ASP A 1474 -9.79 7.22 -21.90
CA ASP A 1474 -9.84 6.99 -23.34
C ASP A 1474 -11.05 6.15 -23.71
N SER A 1475 -11.40 5.19 -22.86
CA SER A 1475 -12.53 4.33 -23.18
C SER A 1475 -13.85 5.04 -23.01
N LYS A 1476 -14.03 5.78 -21.91
CA LYS A 1476 -15.36 6.26 -21.57
C LYS A 1476 -15.79 7.43 -22.45
N GLU A 1477 -14.84 8.15 -23.05
CA GLU A 1477 -15.18 9.26 -23.93
C GLU A 1477 -14.69 9.10 -25.35
N GLY A 1478 -13.41 8.82 -25.55
CA GLY A 1478 -12.87 8.72 -26.88
C GLY A 1478 -13.24 7.43 -27.58
N LEU A 1479 -12.28 6.90 -28.33
CA LEU A 1479 -12.46 5.65 -29.04
C LEU A 1479 -11.47 4.61 -28.50
N THR A 1480 -12.00 3.48 -28.04
CA THR A 1480 -11.19 2.45 -27.42
C THR A 1480 -10.41 1.67 -28.48
N ASP A 1481 -9.46 0.86 -27.99
CA ASP A 1481 -8.64 0.06 -28.90
C ASP A 1481 -9.45 -1.01 -29.61
N ASP A 1482 -10.65 -1.29 -29.11
CA ASP A 1482 -11.49 -2.34 -29.67
C ASP A 1482 -12.27 -1.81 -30.87
N ASP A 1483 -12.77 -0.59 -30.75
CA ASP A 1483 -13.76 -0.08 -31.71
C ASP A 1483 -13.28 -0.24 -33.14
N TYR A 1484 -12.01 0.00 -33.39
CA TYR A 1484 -11.52 -0.04 -34.77
C TYR A 1484 -11.58 -1.44 -35.35
N ASP A 1485 -11.18 -2.45 -34.58
CA ASP A 1485 -11.19 -3.80 -35.15
C ASP A 1485 -12.59 -4.41 -35.16
N MET A 1486 -13.43 -4.06 -34.17
CA MET A 1486 -14.81 -4.54 -34.28
C MET A 1486 -15.57 -3.80 -35.38
N PHE A 1487 -15.16 -2.59 -35.73
CA PHE A 1487 -15.58 -1.98 -36.99
C PHE A 1487 -15.10 -2.81 -38.17
N PHE A 1488 -13.81 -3.16 -38.17
CA PHE A 1488 -13.25 -3.99 -39.23
C PHE A 1488 -13.94 -5.33 -39.41
N GLU A 1489 -14.64 -5.85 -38.41
CA GLU A 1489 -15.39 -7.09 -38.62
C GLU A 1489 -16.30 -6.96 -39.83
N VAL A 1490 -17.15 -5.94 -39.85
CA VAL A 1490 -17.71 -5.50 -41.12
C VAL A 1490 -16.57 -4.90 -41.92
N TRP A 1491 -16.62 -5.11 -43.24
CA TRP A 1491 -15.54 -4.81 -44.19
C TRP A 1491 -14.47 -5.90 -44.07
N GLN A 1492 -14.54 -6.76 -43.06
CA GLN A 1492 -13.79 -8.01 -43.00
C GLN A 1492 -14.53 -9.11 -43.72
N GLN A 1493 -15.75 -9.38 -43.29
CA GLN A 1493 -16.61 -10.26 -44.08
C GLN A 1493 -17.78 -9.53 -44.71
N PHE A 1494 -17.60 -8.24 -45.01
CA PHE A 1494 -18.56 -7.48 -45.82
C PHE A 1494 -18.00 -7.13 -47.19
N ASP A 1495 -16.69 -7.24 -47.38
CA ASP A 1495 -16.05 -7.16 -48.67
C ASP A 1495 -14.88 -8.12 -48.69
N PRO A 1496 -14.46 -8.56 -49.87
CA PRO A 1496 -13.36 -9.54 -49.96
C PRO A 1496 -12.02 -9.01 -49.51
N GLU A 1497 -11.00 -9.86 -49.63
CA GLU A 1497 -9.68 -9.62 -49.08
C GLU A 1497 -8.91 -8.53 -49.81
N ALA A 1498 -8.64 -8.74 -51.10
CA ALA A 1498 -7.56 -8.02 -51.78
C ALA A 1498 -7.76 -6.51 -51.82
N THR A 1499 -8.79 -6.03 -52.53
CA THR A 1499 -8.92 -4.59 -52.72
C THR A 1499 -9.55 -3.95 -51.51
N GLN A 1500 -9.02 -2.79 -51.13
CA GLN A 1500 -9.51 -2.04 -49.99
C GLN A 1500 -10.42 -0.91 -50.51
N TYR A 1501 -11.53 -1.31 -51.11
CA TYR A 1501 -12.30 -0.33 -51.86
C TYR A 1501 -13.77 -0.72 -51.91
N ILE A 1502 -14.60 0.27 -52.24
CA ILE A 1502 -16.05 0.12 -52.39
C ILE A 1502 -16.50 1.12 -53.46
N ARG A 1503 -17.72 0.90 -53.99
CA ARG A 1503 -18.26 1.73 -55.07
C ARG A 1503 -19.54 2.47 -54.69
N TYR A 1504 -19.58 2.99 -53.46
CA TYR A 1504 -20.51 4.00 -52.96
C TYR A 1504 -21.93 3.48 -52.71
N ASP A 1505 -22.26 2.26 -53.10
CA ASP A 1505 -23.65 1.83 -52.91
C ASP A 1505 -23.85 1.15 -51.56
N GLN A 1506 -23.24 -0.02 -51.38
CA GLN A 1506 -23.35 -0.72 -50.11
C GLN A 1506 -22.97 0.18 -48.94
N LEU A 1507 -22.06 1.13 -49.18
CA LEU A 1507 -21.65 2.12 -48.19
C LEU A 1507 -22.83 2.59 -47.36
N SER A 1508 -23.95 2.92 -48.00
CA SER A 1508 -25.10 3.43 -47.27
C SER A 1508 -25.49 2.47 -46.15
N GLU A 1509 -25.91 1.26 -46.51
CA GLU A 1509 -26.33 0.37 -45.44
C GLU A 1509 -25.13 -0.23 -44.72
N LEU A 1510 -23.91 0.10 -45.14
CA LEU A 1510 -22.75 -0.17 -44.29
C LEU A 1510 -22.94 0.47 -42.93
N LEU A 1511 -23.49 1.69 -42.90
CA LEU A 1511 -23.70 2.39 -41.63
C LEU A 1511 -24.85 1.75 -40.86
N GLU A 1512 -25.40 0.65 -41.38
CA GLU A 1512 -26.40 -0.13 -40.69
C GLU A 1512 -25.89 -1.50 -40.27
N ALA A 1513 -24.59 -1.76 -40.42
CA ALA A 1513 -24.00 -3.00 -39.98
C ALA A 1513 -22.95 -2.79 -38.90
N LEU A 1514 -22.75 -1.56 -38.47
CA LEU A 1514 -21.79 -1.23 -37.43
C LEU A 1514 -22.51 -1.19 -36.09
N GLN A 1515 -21.82 -0.72 -35.07
CA GLN A 1515 -22.40 -0.71 -33.73
C GLN A 1515 -22.50 0.71 -33.20
N PRO A 1516 -23.36 0.95 -32.19
CA PRO A 1516 -23.76 2.31 -31.81
C PRO A 1516 -22.61 3.31 -31.75
N PRO A 1517 -21.43 2.96 -31.21
CA PRO A 1517 -20.34 3.96 -31.21
C PRO A 1517 -20.02 4.50 -32.58
N LEU A 1518 -19.63 3.65 -33.52
CA LEU A 1518 -19.34 4.10 -34.88
C LEU A 1518 -20.49 3.78 -35.84
N GLN A 1519 -21.64 4.39 -35.58
CA GLN A 1519 -22.73 4.26 -36.54
C GLN A 1519 -23.84 5.26 -36.24
N VAL A 1520 -24.65 5.53 -37.25
CA VAL A 1520 -25.92 6.24 -37.11
C VAL A 1520 -27.00 5.38 -37.75
N GLN A 1521 -28.23 5.56 -37.27
CA GLN A 1521 -29.33 4.73 -37.75
C GLN A 1521 -29.68 5.09 -39.20
N LYS A 1522 -30.63 4.33 -39.76
CA LYS A 1522 -30.76 4.24 -41.20
C LYS A 1522 -31.14 5.55 -41.91
N PRO A 1523 -31.88 6.52 -41.30
CA PRO A 1523 -32.10 7.77 -42.03
C PRO A 1523 -30.81 8.55 -42.17
N ASN A 1524 -29.97 8.12 -43.11
CA ASN A 1524 -28.61 8.66 -43.23
C ASN A 1524 -28.30 9.28 -44.59
N LYS A 1525 -29.18 9.13 -45.58
CA LYS A 1525 -28.82 9.56 -46.93
C LYS A 1525 -28.56 11.05 -47.00
N TYR A 1526 -29.30 11.85 -46.21
CA TYR A 1526 -28.99 13.28 -46.15
C TYR A 1526 -27.64 13.52 -45.49
N LYS A 1527 -27.23 12.63 -44.58
CA LYS A 1527 -25.92 12.80 -43.94
C LYS A 1527 -24.80 12.27 -44.84
N ILE A 1528 -25.07 11.22 -45.61
CA ILE A 1528 -24.10 10.79 -46.62
C ILE A 1528 -23.93 11.89 -47.66
N LEU A 1529 -25.01 12.63 -47.95
CA LEU A 1529 -24.87 13.84 -48.76
C LEU A 1529 -24.06 14.89 -48.01
N SER A 1530 -24.24 14.97 -46.69
CA SER A 1530 -23.57 16.00 -45.90
C SER A 1530 -22.05 15.86 -45.96
N MET A 1531 -21.52 14.74 -45.46
CA MET A 1531 -20.09 14.56 -45.41
C MET A 1531 -19.51 14.47 -46.82
N ASN A 1532 -18.26 14.92 -46.96
CA ASN A 1532 -17.58 15.00 -48.24
C ASN A 1532 -16.46 13.97 -48.31
N ILE A 1533 -16.84 12.75 -48.68
CA ILE A 1533 -15.86 11.68 -48.88
C ILE A 1533 -15.43 11.74 -50.33
N PRO A 1534 -14.14 12.00 -50.59
CA PRO A 1534 -13.71 12.26 -51.98
C PRO A 1534 -13.84 11.03 -52.86
N ILE A 1535 -14.77 11.09 -53.81
CA ILE A 1535 -14.95 10.01 -54.76
C ILE A 1535 -13.71 9.91 -55.61
N CYS A 1536 -13.01 8.79 -55.50
CA CYS A 1536 -11.73 8.61 -56.21
C CYS A 1536 -12.05 8.15 -57.62
N LYS A 1537 -11.35 7.12 -58.09
CA LYS A 1537 -11.60 6.61 -59.44
C LYS A 1537 -13.07 6.21 -59.52
N ASP A 1538 -13.67 6.56 -60.66
CA ASP A 1538 -15.11 6.44 -61.00
C ASP A 1538 -16.04 5.82 -59.96
N ASP A 1539 -15.65 4.65 -59.46
CA ASP A 1539 -16.45 3.95 -58.46
C ASP A 1539 -15.57 3.13 -57.52
N HIS A 1540 -14.53 3.77 -56.98
CA HIS A 1540 -13.78 3.21 -55.87
C HIS A 1540 -13.75 4.24 -54.75
N ILE A 1541 -14.03 3.80 -53.53
CA ILE A 1541 -14.03 4.66 -52.36
C ILE A 1541 -13.07 4.08 -51.34
N PHE A 1542 -12.00 4.80 -51.06
CA PHE A 1542 -11.03 4.38 -50.07
C PHE A 1542 -11.61 4.52 -48.66
N TYR A 1543 -11.04 3.76 -47.73
CA TYR A 1543 -11.71 3.58 -46.45
C TYR A 1543 -11.34 4.65 -45.42
N LYS A 1544 -10.07 5.07 -45.41
CA LYS A 1544 -9.63 6.03 -44.40
C LYS A 1544 -10.48 7.29 -44.41
N ASP A 1545 -10.99 7.68 -45.59
CA ASP A 1545 -11.88 8.83 -45.66
C ASP A 1545 -13.16 8.58 -44.86
N VAL A 1546 -13.83 7.47 -45.13
CA VAL A 1546 -15.05 7.12 -44.42
C VAL A 1546 -14.80 7.06 -42.92
N LEU A 1547 -13.70 6.43 -42.53
CA LEU A 1547 -13.48 6.21 -41.10
C LEU A 1547 -13.14 7.53 -40.40
N GLU A 1548 -12.37 8.40 -41.05
CA GLU A 1548 -12.10 9.71 -40.46
C GLU A 1548 -13.38 10.50 -40.33
N ALA A 1549 -14.24 10.45 -41.35
CA ALA A 1549 -15.53 11.13 -41.26
C ALA A 1549 -16.32 10.62 -40.08
N LEU A 1550 -16.35 9.30 -39.88
CA LEU A 1550 -17.10 8.75 -38.76
C LEU A 1550 -16.51 9.15 -37.42
N VAL A 1551 -15.18 9.17 -37.32
CA VAL A 1551 -14.53 9.57 -36.08
C VAL A 1551 -14.92 11.00 -35.70
N LYS A 1552 -14.70 11.93 -36.63
CA LYS A 1552 -15.02 13.31 -36.28
C LYS A 1552 -16.52 13.50 -36.12
N ASP A 1553 -17.34 12.69 -36.79
CA ASP A 1553 -18.77 12.79 -36.59
C ASP A 1553 -19.15 12.37 -35.19
N VAL A 1554 -18.58 11.28 -34.68
CA VAL A 1554 -18.95 10.82 -33.35
C VAL A 1554 -18.41 11.78 -32.30
N PHE A 1555 -17.26 12.39 -32.57
CA PHE A 1555 -16.78 13.43 -31.66
C PHE A 1555 -17.67 14.66 -31.70
N SER A 1556 -18.30 14.92 -32.85
CA SER A 1556 -19.23 16.05 -32.96
C SER A 1556 -20.53 15.75 -32.24
N ARG A 1557 -21.00 14.50 -32.30
CA ARG A 1557 -22.25 14.14 -31.68
C ARG A 1557 -22.12 14.06 -30.16
N ARG A 1558 -21.08 13.38 -29.66
CA ARG A 1558 -20.89 13.32 -28.22
C ARG A 1558 -20.47 14.69 -27.67
N GLY A 1559 -19.67 15.43 -28.42
CA GLY A 1559 -19.25 16.75 -28.01
C GLY A 1559 -19.71 17.84 -28.95
C1 NAG B . 16.49 -36.34 2.89
C2 NAG B . 16.55 -37.43 3.97
C3 NAG B . 15.48 -38.51 3.77
C4 NAG B . 14.15 -37.94 3.27
C5 NAG B . 14.34 -36.86 2.23
C6 NAG B . 13.06 -36.15 1.86
C7 NAG B . 18.97 -37.41 4.37
C8 NAG B . 20.24 -38.20 4.30
N2 NAG B . 17.87 -38.04 3.98
O3 NAG B . 15.20 -39.06 5.05
O4 NAG B . 13.37 -38.99 2.71
O5 NAG B . 15.21 -35.86 2.77
O6 NAG B . 13.08 -34.80 2.34
O7 NAG B . 18.95 -36.25 4.77
C1 NAG B . 15.71 -40.37 5.46
C2 NAG B . 14.68 -41.45 5.09
C3 NAG B . 15.15 -42.82 5.58
C4 NAG B . 16.56 -43.09 5.07
C5 NAG B . 17.50 -41.93 5.40
C6 NAG B . 18.89 -42.10 4.82
C7 NAG B . 12.24 -41.64 5.12
C8 NAG B . 10.97 -41.22 5.80
N2 NAG B . 13.37 -41.14 5.63
O3 NAG B . 14.23 -43.77 5.06
O4 NAG B . 17.09 -44.26 5.68
O5 NAG B . 16.98 -40.71 4.86
O6 NAG B . 19.85 -42.21 5.86
O7 NAG B . 12.25 -42.41 4.17
C1 BMA B . 14.11 -45.11 5.64
C2 BMA B . 14.57 -45.22 7.12
C3 BMA B . 14.35 -46.69 7.50
C4 BMA B . 12.89 -47.03 7.43
C5 BMA B . 12.48 -46.88 5.98
C6 BMA B . 11.05 -47.22 5.75
O2 BMA B . 13.73 -44.48 7.94
O3 BMA B . 14.92 -47.08 8.74
O4 BMA B . 12.68 -48.36 7.84
O5 BMA B . 12.72 -45.51 5.58
O6 BMA B . 10.67 -48.23 6.65
C1 BMA B . 16.09 -47.85 8.36
C2 BMA B . 16.77 -48.41 9.62
C3 BMA B . 17.99 -49.19 9.17
C4 BMA B . 17.58 -50.28 8.20
C5 BMA B . 16.83 -49.66 7.01
C6 BMA B . 16.30 -50.71 6.07
O2 BMA B . 15.93 -49.36 10.23
O3 BMA B . 18.65 -49.77 10.28
O4 BMA B . 18.73 -50.93 7.72
O5 BMA B . 15.70 -48.93 7.51
O6 BMA B . 16.03 -51.87 6.84
C1 BMA B . 9.24 -48.33 6.51
C2 BMA B . 8.96 -49.16 5.26
C3 BMA B . 7.48 -49.45 5.12
C4 BMA B . 6.84 -49.90 6.46
C5 BMA B . 7.21 -48.92 7.57
C6 BMA B . 6.62 -49.31 8.90
O2 BMA B . 9.60 -50.41 5.36
O3 BMA B . 7.25 -50.43 4.13
O4 BMA B . 5.43 -49.94 6.35
O5 BMA B . 8.64 -48.92 7.66
O6 BMA B . 5.21 -49.32 8.77
C1 NAG C . 8.34 -40.97 24.97
C2 NAG C . 7.18 -41.80 25.49
C3 NAG C . 7.06 -41.65 27.01
C4 NAG C . 8.39 -41.99 27.67
C5 NAG C . 9.48 -41.11 27.08
C6 NAG C . 10.86 -41.43 27.61
C7 NAG C . 4.86 -42.21 24.81
C8 NAG C . 3.66 -41.66 24.09
N2 NAG C . 5.93 -41.42 24.85
O3 NAG C . 6.04 -42.51 27.48
O4 NAG C . 8.33 -41.81 29.08
O5 NAG C . 9.54 -41.32 25.66
O6 NAG C . 11.15 -42.80 27.49
O7 NAG C . 4.86 -43.32 25.33
C1 NAG C . 8.18 -43.13 29.68
C2 NAG C . 9.18 -43.32 30.82
C3 NAG C . 8.99 -44.69 31.45
C4 NAG C . 7.54 -44.86 31.90
C5 NAG C . 6.59 -44.60 30.74
C6 NAG C . 5.13 -44.63 31.15
C7 NAG C . 11.50 -42.56 31.08
C8 NAG C . 12.86 -42.48 30.44
N2 NAG C . 10.55 -43.16 30.34
O3 NAG C . 9.87 -44.83 32.56
O4 NAG C . 7.33 -46.18 32.38
O5 NAG C . 6.84 -43.30 30.19
O6 NAG C . 4.35 -43.77 30.34
O7 NAG C . 11.28 -42.12 32.20
C1 NAG D . 4.80 -48.13 21.27
C2 NAG D . 3.56 -47.24 21.24
C3 NAG D . 2.94 -47.15 22.62
C4 NAG D . 2.67 -48.54 23.18
C5 NAG D . 3.92 -49.42 23.11
C6 NAG D . 3.66 -50.85 23.48
C7 NAG D . 2.99 -45.04 20.31
C8 NAG D . 3.51 -43.72 19.84
N2 NAG D . 3.91 -45.92 20.74
O3 NAG D . 1.73 -46.40 22.56
O4 NAG D . 2.27 -48.44 24.54
O5 NAG D . 4.43 -49.43 21.76
O6 NAG D . 3.90 -51.73 22.39
O7 NAG D . 1.79 -45.30 20.32
C1 NAG D . 0.84 -48.58 24.65
C2 NAG D . 0.49 -49.00 26.08
C3 NAG D . -1.03 -49.07 26.26
C4 NAG D . -1.68 -47.75 25.82
C5 NAG D . -1.24 -47.42 24.40
C6 NAG D . -1.77 -46.09 23.93
C7 NAG D . 1.23 -50.75 27.66
C8 NAG D . 1.87 -52.09 27.79
N2 NAG D . 1.09 -50.28 26.41
O3 NAG D . -1.34 -49.31 27.64
O4 NAG D . -3.09 -47.87 25.86
O5 NAG D . 0.19 -47.34 24.34
O6 NAG D . -3.16 -45.95 24.20
O7 NAG D . 0.84 -50.11 28.63
C1 NAG E . 15.58 3.42 48.70
C2 NAG E . 15.21 3.87 50.11
C3 NAG E . 15.36 5.38 50.24
C4 NAG E . 16.76 5.80 49.82
C5 NAG E . 17.09 5.25 48.43
C6 NAG E . 18.51 5.54 48.01
C7 NAG E . 13.54 2.22 50.87
C8 NAG E . 12.10 1.97 51.17
N2 NAG E . 13.85 3.46 50.45
O3 NAG E . 15.11 5.78 51.58
O4 NAG E . 16.85 7.23 49.78
O5 NAG E . 16.93 3.83 48.42
O6 NAG E . 18.69 6.92 47.71
O7 NAG E . 14.39 1.34 50.97
C1 NAG F . 23.72 -12.21 48.41
C2 NAG F . 24.68 -11.02 48.43
C3 NAG F . 24.51 -10.22 49.74
C4 NAG F . 23.05 -9.86 49.95
C5 NAG F . 22.18 -11.11 49.88
C6 NAG F . 20.70 -10.82 50.00
C7 NAG F . 27.04 -10.66 47.89
C8 NAG F . 28.41 -11.29 47.79
N2 NAG F . 26.05 -11.46 48.28
O3 NAG F . 25.30 -9.06 49.68
O4 NAG F . 22.89 -9.25 51.22
O5 NAG F . 22.37 -11.76 48.61
O6 NAG F . 20.02 -11.87 50.67
O7 NAG F . 26.86 -9.47 47.62
C1 NAG G . 16.38 -19.93 33.50
C2 NAG G . 16.97 -20.17 34.90
C3 NAG G . 16.11 -21.16 35.68
C4 NAG G . 15.95 -22.48 34.95
C5 NAG G . 15.75 -22.24 33.45
C6 NAG G . 14.68 -23.12 32.84
C7 NAG G . 19.27 -20.30 35.70
C8 NAG G . 20.64 -20.87 35.47
N2 NAG G . 18.33 -20.64 34.81
O3 NAG G . 14.83 -20.59 35.94
O4 NAG G . 17.10 -23.30 35.14
O5 NAG G . 15.35 -20.88 33.25
O6 NAG G . 14.81 -23.19 31.43
O7 NAG G . 19.03 -19.56 36.64
C1 NAG H . 16.99 -58.98 19.68
C2 NAG H . 17.68 -59.69 20.86
C3 NAG H . 18.61 -60.80 20.35
C4 NAG H . 17.87 -61.73 19.41
C5 NAG H . 17.26 -60.92 18.27
C6 NAG H . 16.46 -61.77 17.32
C7 NAG H . 18.86 -59.02 22.90
C8 NAG H . 19.61 -57.92 23.59
N2 NAG H . 18.41 -58.74 21.68
O3 NAG H . 19.11 -61.55 21.46
O4 NAG H . 18.77 -62.70 18.86
O5 NAG H . 16.37 -59.95 18.82
O6 NAG H . 16.99 -63.08 17.23
O7 NAG H . 18.68 -60.10 23.44
CAA Y01 I . 16.17 -7.18 -14.23
CBA Y01 I . 16.23 -8.43 -13.35
CAB Y01 I . 15.11 -8.33 -12.29
CAN Y01 I . 17.63 -8.69 -12.71
CAJ Y01 I . 18.20 -10.14 -12.81
CAO Y01 I . 18.82 -10.75 -11.51
CBB Y01 I . 17.85 -10.83 -10.29
CAC Y01 I . 16.49 -11.44 -10.66
CBE Y01 I . 18.36 -11.37 -8.93
CAP Y01 I . 17.30 -11.46 -7.82
CAQ Y01 I . 17.05 -12.96 -7.57
CBG Y01 I . 18.47 -13.47 -7.68
CBI Y01 I . 19.02 -12.81 -8.90
CAE Y01 I . 18.82 -13.74 -10.11
CAU Y01 I . 20.51 -12.81 -8.81
CAS Y01 I . 21.09 -13.67 -7.69
CBF Y01 I . 20.43 -15.07 -7.64
CBD Y01 I . 18.89 -14.94 -7.59
CAK Y01 I . 18.35 -15.66 -6.45
CAI Y01 I . 18.95 -16.96 -6.31
CAZ Y01 I . 20.29 -17.14 -6.40
CAV Y01 I . 21.00 -18.25 -5.81
CBH Y01 I . 21.19 -15.95 -6.68
CAD Y01 I . 22.56 -16.17 -7.35
CAT Y01 I . 21.47 -15.43 -5.27
CAR Y01 I . 21.30 -16.32 -4.13
CBC Y01 I . 21.68 -17.77 -4.51
OAW Y01 I . 23.07 -17.88 -4.59
CAY Y01 I . 23.71 -18.96 -4.00
OAG Y01 I . 24.76 -18.70 -3.44
CAM Y01 I . 23.09 -20.34 -4.10
CAL Y01 I . 23.78 -21.43 -3.26
CAX Y01 I . 24.21 -22.70 -4.07
OAH Y01 I . 25.38 -23.14 -3.88
OAF Y01 I . 23.39 -23.22 -4.85
C2 76F J . 17.87 -27.02 -8.59
C1 76F J . 18.05 -27.20 -7.08
N 76F J . 20.76 -32.93 -4.45
C3 76F J . 16.39 -26.88 -8.93
C4 76F J . 19.18 -31.09 -4.72
C5 76F J . 20.66 -31.49 -4.64
C10 76F J . 19.87 -26.15 -9.50
C11 76F J . 20.16 -26.07 -11.00
C12 76F J . 20.66 -24.68 -11.35
C13 76F J . 19.52 -23.86 -11.96
C14 76F J . 20.05 -23.08 -13.15
C15 76F J . 18.93 -22.24 -13.75
C16 76F J . 19.51 -21.12 -14.59
C30 76F J . 14.94 -25.52 -7.72
C31 76F J . 13.75 -24.57 -7.85
C32 76F J . 13.63 -23.98 -9.24
C33 76F J . 12.98 -22.60 -9.15
C34 76F J . 11.46 -22.72 -9.13
C35 76F J . 10.85 -21.34 -9.42
C36 76F J . 9.41 -21.50 -9.92
C37 76F J . 9.02 -20.28 -10.76
C38 76F J . 7.53 -20.29 -11.06
O4 76F J . 20.74 -26.43 -8.75
O5 76F J . 15.02 -26.23 -6.79
O2 76F J . 18.57 -25.89 -9.02
O3 76F J . 15.93 -25.58 -8.71
O1P 76F J . 18.56 -30.09 -7.91
O2P 76F J . 16.84 -30.78 -6.28
O3P 76F J . 17.28 -28.26 -6.62
O4P 76F J . 19.06 -29.87 -5.39
P 76F J . 17.93 -29.76 -6.58
C2 76F K . 21.85 11.65 -14.00
C1 76F K . 20.61 11.91 -14.86
N 76F K . 24.52 16.89 -17.49
C3 76F K . 22.15 12.91 -13.20
C4 76F K . 22.61 15.39 -17.32
C5 76F K . 23.99 15.61 -17.94
C10 76F K . 20.69 10.37 -12.26
C11 76F K . 20.41 9.01 -11.63
C12 76F K . 20.67 9.14 -10.13
C13 76F K . 19.97 8.01 -9.39
C14 76F K . 19.07 8.60 -8.32
C15 76F K . 19.00 7.66 -7.12
C16 76F K . 18.69 8.46 -5.86
C17 76F K . 17.32 9.12 -5.99
C18 76F K . 17.28 10.35 -5.10
C19 76F K . 17.10 9.92 -3.65
C20 76F K . 16.50 11.07 -2.84
C21 76F K . 17.02 10.98 -1.42
C22 76F K . 16.22 11.92 -0.54
C30 76F K . 23.95 14.13 -12.44
C31 76F K . 24.62 14.41 -11.09
C32 76F K . 24.56 13.16 -10.23
C33 76F K . 25.79 12.31 -10.50
C34 76F K . 26.05 11.44 -9.28
C35 76F K . 25.32 10.12 -9.43
C36 76F K . 24.59 9.80 -8.14
C37 76F K . 25.28 8.64 -7.45
C38 76F K . 24.84 8.58 -5.99
C39 76F K . 26.05 8.30 -5.10
C40 76F K . 26.92 9.54 -4.98
C41 76F K . 28.15 9.23 -4.12
C42 76F K . 29.34 10.08 -4.55
C43 76F K . 30.60 9.60 -3.84
O4 76F K . 20.01 11.28 -11.91
O5 76F K . 23.85 14.99 -13.25
O2 76F K . 21.73 10.50 -13.19
O3 76F K . 23.45 12.86 -12.72
O1P 76F K . 20.49 12.26 -17.69
O2P 76F K . 19.83 14.61 -17.30
O3P 76F K . 20.69 13.22 -15.31
O4P 76F K . 22.33 14.02 -17.30
P 76F K . 20.81 13.52 -16.93
C23 76F K . 16.97 13.24 -0.38
C2 76F L . 23.51 9.54 20.14
C1 76F L . 23.53 9.49 21.66
N 76F L . 26.47 4.79 26.65
C3 76F L . 24.93 9.46 19.61
C4 76F L . 25.90 5.84 24.52
C5 76F L . 25.91 5.99 26.04
C10 76F L . 21.73 8.73 18.78
C11 76F L . 21.65 10.07 18.04
C12 76F L . 21.32 9.80 16.58
C13 76F L . 20.12 10.64 16.16
C14 76F L . 19.05 9.73 15.57
C15 76F L . 18.81 10.17 14.13
C16 76F L . 17.55 9.49 13.59
C17 76F L . 17.14 10.21 12.31
C18 76F L . 15.77 9.75 11.85
C19 76F L . 15.14 10.87 11.02
C20 76F L . 14.02 10.31 10.16
C21 76F L . 13.34 11.45 9.41
C22 76F L . 12.32 10.90 8.44
C30 76F L . 26.02 7.92 18.19
C31 76F L . 26.01 8.90 17.02
C32 76F L . 25.71 8.16 15.72
C33 76F L . 24.89 9.05 14.80
C34 76F L . 25.83 9.77 13.85
C35 76F L . 25.58 9.27 12.43
C36 76F L . 24.14 9.56 12.04
C37 76F L . 24.09 9.85 10.54
C38 76F L . 22.66 10.24 10.15
C39 76F L . 22.43 10.01 8.66
O4 76F L . 20.86 7.94 18.63
O5 76F L . 26.73 6.96 18.14
O2 76F L . 22.79 8.43 19.64
O3 76F L . 25.22 8.13 19.32
O1P 76F L . 23.35 7.84 24.16
O2P 76F L . 23.92 6.30 22.34
O3P 76F L . 24.64 8.76 22.11
O4P 76F L . 25.79 7.10 23.91
P 76F L . 24.40 7.49 23.13
C23 76F L . 11.22 11.94 8.22
C24 76F L . 10.11 11.34 7.36
C2 76F M . -10.57 -24.42 5.66
C1 76F M . -10.25 -25.79 5.07
N 76F M . -6.97 -28.75 9.67
C3 76F M . -10.48 -24.47 7.18
C4 76F M . -8.38 -29.37 7.78
C5 76F M . -8.35 -28.91 9.23
C10 76F M . -10.29 -22.30 4.72
C11 76F M . -9.53 -20.99 4.64
C12 76F M . -10.51 -19.93 4.15
C13 76F M . -9.94 -19.17 2.97
C14 76F M . -9.86 -17.69 3.34
C15 76F M . -9.59 -16.88 2.08
C16 76F M . -9.31 -15.44 2.48
C17 76F M . -10.20 -14.51 1.67
C18 76F M . -9.53 -14.25 0.32
C19 76F M . -10.59 -13.79 -0.67
C20 76F M . -10.95 -12.34 -0.40
C21 76F M . -10.44 -11.47 -1.55
C22 76F M . -11.62 -11.04 -2.43
C30 76F M . -12.04 -24.16 8.91
C31 76F M . -13.24 -23.22 8.93
C32 76F M . -14.18 -23.59 7.79
C33 76F M . -14.10 -22.53 6.70
C34 76F M . -14.97 -21.34 7.08
C35 76F M . -15.81 -20.90 5.88
C36 76F M . -14.95 -20.94 4.62
C37 76F M . -15.40 -19.84 3.68
C38 76F M . -15.07 -18.47 4.26
C39 76F M . -14.49 -17.61 3.14
C40 76F M . -14.82 -16.15 3.41
C41 76F M . -14.62 -15.37 2.12
C42 76F M . -15.47 -14.10 2.19
C43 76F M . -14.57 -12.88 2.33
C44 76F M . -15.44 -11.67 2.72
C45 76F M . -15.15 -10.51 1.78
C46 76F M . -16.14 -9.38 2.05
C47 76F M . -15.86 -8.23 1.09
O4 76F M . -11.43 -22.34 4.41
O5 76F M . -11.40 -24.33 9.89
O2 76F M . -9.66 -23.48 5.16
O3 76F M . -11.71 -24.83 7.72
O1P 76F M . -10.41 -29.02 4.76
O2P 76F M . -8.26 -27.98 5.35
O3P 76F M . -10.41 -26.78 6.04
O4P 76F M . -9.62 -29.07 7.22
P 76F M . -9.66 -28.23 5.81
O1 LHG N . -26.68 8.96 -3.82
C1 LHG N . -27.38 10.14 -3.53
C2 LHG N . -28.08 9.98 -2.18
O2 LHG N . -27.13 10.04 -1.15
C3 LHG N . -28.79 8.64 -2.12
O3 LHG N . -28.23 7.87 -1.09
P LHG N . -26.98 6.88 -1.49
O4 LHG N . -27.45 5.87 -2.50
O5 LHG N . -25.87 7.70 -2.09
O6 LHG N . -26.41 6.12 -0.14
C4 LHG N . -27.30 5.51 0.75
C5 LHG N . -26.54 4.52 1.63
C6 LHG N . -27.49 3.44 2.14
O7 LHG N . -25.55 3.91 0.87
C7 LHG N . -24.26 4.40 1.09
O9 LHG N . -24.09 5.26 1.88
C8 LHG N . -23.08 3.85 0.30
C9 LHG N . -21.90 3.69 1.25
C10 LHG N . -21.82 2.24 1.72
O8 LHG N . -27.16 3.10 3.45
C23 LHG N . -26.65 1.82 3.61
O10 LHG N . -27.34 0.88 3.39
C24 LHG N . -25.20 1.62 4.06
C11 LHG N . -20.61 2.09 2.65
C12 LHG N . -20.43 0.62 3.02
C13 LHG N . -18.96 0.25 2.92
C14 LHG N . -18.86 -1.23 2.59
C25 LHG N . -25.06 0.51 5.09
C26 LHG N . -23.67 0.59 5.71
C27 LHG N . -23.43 -0.56 6.68
C28 LHG N . -22.21 -0.24 7.55
C29 LHG N . -21.04 -1.15 7.17
C30 LHG N . -20.83 -2.19 8.26
C31 LHG N . -20.26 -3.47 7.65
C32 LHG N . -19.99 -4.51 8.74
C33 LHG N . -19.64 -5.85 8.10
C34 LHG N . -19.39 -6.92 9.17
C35 LHG N . -19.40 -8.30 8.52
C36 LHG N . -19.68 -9.37 9.57
C37 LHG N . -19.73 -10.74 8.91
C38 LHG N . -19.87 -11.83 9.98
C01 AJP O . -0.23 18.36 20.31
C02 AJP O . -0.21 16.99 21.04
C03 AJP O . -1.10 16.06 20.33
C04 AJP O . -1.18 14.78 21.05
C05 AJP O . -1.61 14.95 22.50
C06 AJP O . -2.91 15.01 23.55
C07 AJP O . -2.82 13.78 23.97
C08 AJP O . -1.31 13.80 24.47
O09 AJP O . -0.61 14.41 23.22
C10 AJP O . -1.20 12.21 24.91
C11 AJP O . -2.33 12.03 25.65
C12 AJP O . -3.46 13.20 25.04
C13 AJP O . -3.94 14.11 26.15
C14 AJP O . -4.76 13.24 27.21
C15 AJP O . -3.98 11.84 27.68
C16 AJP O . -2.47 11.70 27.17
C17 AJP O . -1.46 12.55 27.98
C18 AJP O . -2.02 13.30 29.22
C19 AJP O . -3.14 12.53 30.07
C20 AJP O . -4.15 11.70 29.23
C21 AJP O . -4.06 10.18 29.52
C22 AJP O . -4.15 9.80 31.02
C23 AJP O . -3.52 10.86 31.93
C24 AJP O . -2.45 11.66 31.16
O25 AJP O . -2.93 10.19 33.09
C26 AJP O . -3.85 10.20 34.22
C27 AJP O . -4.55 8.83 34.30
C28 AJP O . -3.52 7.78 34.28
C29 AJP O . -2.63 7.89 35.46
C30 AJP O . -2.14 9.32 35.82
O31 AJP O . -3.08 10.43 35.46
C32 AJP O . -0.74 9.61 35.19
O33 AJP O . 0.04 10.31 36.14
O34 AJP O . -3.35 7.31 36.61
C35 AJP O . -2.48 7.36 37.78
C36 AJP O . -3.31 7.71 39.04
C37 AJP O . -2.37 8.01 40.15
C38 AJP O . -1.47 6.87 40.42
C39 AJP O . -0.85 6.20 39.14
O40 AJP O . -1.79 6.09 38.00
C41 AJP O . 0.39 7.01 38.66
O42 AJP O . 1.20 6.14 37.91
O43 AJP O . -0.44 7.30 41.27
O44 AJP O . -3.13 8.32 41.34
C45 AJP O . -2.88 9.69 41.85
C46 AJP O . -2.86 10.74 40.71
C47 AJP O . -2.04 11.94 41.01
C48 AJP O . -1.75 12.22 42.44
C49 AJP O . -1.55 10.98 43.35
O50 AJP O . -1.63 9.71 42.60
O51 AJP O . -0.57 13.01 42.51
O52 AJP O . -2.69 13.06 40.45
O53 AJP O . -4.18 11.15 40.44
O54 AJP O . -4.12 6.52 39.40
C55 AJP O . -5.50 6.72 39.04
C56 AJP O . -6.42 6.02 40.08
C57 AJP O . -6.32 4.55 39.97
C58 AJP O . -6.67 4.06 38.61
C59 AJP O . -5.94 4.80 37.46
O60 AJP O . -5.73 6.26 37.66
C61 AJP O . -4.60 4.09 37.14
O62 AJP O . -3.65 4.34 38.17
O63 AJP O . -8.07 4.24 38.43
O64 AJP O . -4.99 4.14 40.26
C65 AJP O . -4.94 3.36 41.50
C66 AJP O . -3.45 3.18 41.88
C67 AJP O . -2.82 4.32 42.59
C68 AJP O . -3.75 5.27 43.21
C69 AJP O . -5.04 4.57 43.67
O70 AJP O . -5.78 4.03 42.51
C71 AJP O . -5.96 5.58 44.42
O72 AJP O . -7.07 5.86 43.59
O73 AJP O . -4.06 6.30 42.31
O74 AJP O . -1.95 3.80 43.58
O75 AJP O . -2.73 2.93 40.69
O76 AJP O . -7.76 6.41 39.83
O77 AJP O . -2.75 7.95 33.12
O78 AJP O . -5.27 8.75 35.51
O79 AJP O . -5.50 9.63 31.38
C80 AJP O . -5.59 12.17 29.58
C81 AJP O . -4.68 12.43 24.46
O82 AJP O . 0.01 11.92 25.57
C83 AJP O . -4.18 15.32 22.73
O84 AJP O . -0.77 15.91 23.23
C85 AJP O . -0.65 17.20 22.50
#